data_6HXL
#
_entry.id   6HXL
#
_cell.length_a   67.711
_cell.length_b   147.895
_cell.length_c   113.688
_cell.angle_alpha   90.00
_cell.angle_beta   105.28
_cell.angle_gamma   90.00
#
_symmetry.space_group_name_H-M   'P 1 21 1'
#
loop_
_entity.id
_entity.type
_entity.pdbx_description
1 polymer 'ATP-citrate synthase'
2 non-polymer 'COENZYME A'
3 non-polymer 'CITRATE ANION'
4 non-polymer DI(HYDROXYETHYL)ETHER
5 non-polymer 'SULFATE ION'
6 non-polymer 'OXIDIZED COENZYME A'
7 non-polymer 1,2-ETHANEDIOL
8 water water
#
_entity_poly.entity_id   1
_entity_poly.type   'polypeptide(L)'
_entity_poly.pdbx_seq_one_letter_code
;GSHMKPASFMTSICDERGQELIYAGMPITEVFKEEMGIGGVLGLLWFQKRLPKYSCQFIEMCLMVTADHGPAVSGAHNTI
ICARAGKDLVSSLTSGLLTIGDRFGGALDAAAKMFSKAFDSGIIPMEFVNKMKKEGKLIMGIGHRVKSINNPDMRVQILK
DYVRQHFPATPLLDYALEVEKITTSKKPNLILNVDGLIGVAFVDMLRNCGSFTREEADEYIDIGALNGIFVLGRSMGFIG
HYLDQKRLKQGLYRHPWDDISYVLPEHMSM
;
_entity_poly.pdbx_strand_id   A,B,C,D,E,F,G,H
#
# COMPACT_ATOMS: atom_id res chain seq x y z
N PRO A 6 57.59 -5.01 21.19
CA PRO A 6 56.70 -3.94 20.70
C PRO A 6 55.34 -4.48 20.27
N ALA A 7 54.26 -3.76 20.60
CA ALA A 7 52.92 -4.23 20.27
C ALA A 7 52.71 -4.25 18.74
N SER A 8 52.08 -5.29 18.25
CA SER A 8 51.83 -5.45 16.83
C SER A 8 50.51 -4.88 16.39
N PHE A 9 49.58 -4.64 17.35
CA PHE A 9 48.28 -4.09 17.05
C PHE A 9 48.09 -2.77 17.73
N MET A 10 47.25 -1.95 17.12
N MET A 10 47.27 -1.93 17.09
CA MET A 10 46.88 -0.65 17.64
CA MET A 10 46.88 -0.63 17.60
C MET A 10 45.36 -0.59 17.65
C MET A 10 45.35 -0.63 17.66
N THR A 11 44.77 0.02 18.67
CA THR A 11 43.31 0.14 18.80
C THR A 11 42.96 1.45 19.47
N SER A 12 41.82 2.02 19.14
N SER A 12 41.83 2.07 19.09
CA SER A 12 41.48 3.32 19.76
CA SER A 12 41.44 3.38 19.62
C SER A 12 40.01 3.52 20.03
C SER A 12 40.03 3.48 20.16
N ILE A 13 39.18 2.46 20.05
CA ILE A 13 37.74 2.67 20.27
C ILE A 13 37.17 2.19 21.56
N CYS A 14 37.74 1.15 22.17
CA CYS A 14 37.15 0.51 23.33
C CYS A 14 38.20 -0.08 24.19
N ASP A 15 38.14 0.16 25.51
CA ASP A 15 39.10 -0.42 26.44
C ASP A 15 38.33 -1.23 27.44
N GLU A 16 38.53 -2.54 27.42
CA GLU A 16 37.84 -3.45 28.32
C GLU A 16 38.72 -3.94 29.48
N ARG A 17 39.97 -3.45 29.56
CA ARG A 17 40.93 -3.96 30.55
C ARG A 17 40.69 -3.49 31.97
N GLY A 18 40.14 -2.30 32.14
CA GLY A 18 40.07 -1.65 33.45
C GLY A 18 38.92 -2.03 34.34
N GLN A 19 38.68 -1.18 35.36
CA GLN A 19 37.61 -1.36 36.35
C GLN A 19 36.22 -1.37 35.66
N GLU A 20 36.12 -0.66 34.55
CA GLU A 20 34.89 -0.45 33.86
C GLU A 20 35.11 -0.38 32.37
N LEU A 21 34.16 -0.85 31.55
CA LEU A 21 34.28 -0.77 30.10
C LEU A 21 34.27 0.69 29.66
N ILE A 22 35.15 1.03 28.71
CA ILE A 22 35.25 2.38 28.18
C ILE A 22 35.01 2.35 26.68
N TYR A 23 34.12 3.23 26.19
CA TYR A 23 33.88 3.44 24.76
C TYR A 23 34.46 4.81 24.41
N ALA A 24 35.53 4.84 23.63
CA ALA A 24 36.18 6.07 23.16
C ALA A 24 36.44 7.08 24.26
N GLY A 25 36.99 6.60 25.35
N GLY A 25 36.95 6.60 25.38
CA GLY A 25 37.29 7.47 26.51
CA GLY A 25 37.21 7.48 26.52
C GLY A 25 36.19 7.58 27.55
C GLY A 25 36.02 7.89 27.38
N MET A 26 34.89 7.47 27.15
N MET A 26 34.84 7.27 27.19
CA MET A 26 33.78 7.53 28.10
CA MET A 26 33.67 7.49 28.03
C MET A 26 33.52 6.19 28.78
C MET A 26 33.41 6.20 28.78
N PRO A 27 33.58 6.13 30.12
CA PRO A 27 33.22 4.88 30.82
C PRO A 27 31.75 4.55 30.58
N ILE A 28 31.41 3.28 30.56
CA ILE A 28 30.01 2.86 30.31
C ILE A 28 29.01 3.49 31.27
N THR A 29 29.40 3.73 32.54
CA THR A 29 28.47 4.39 33.46
C THR A 29 28.13 5.81 32.96
N GLU A 30 29.10 6.51 32.37
CA GLU A 30 28.89 7.88 31.86
C GLU A 30 28.04 7.82 30.61
N VAL A 31 28.25 6.80 29.78
CA VAL A 31 27.42 6.63 28.60
C VAL A 31 25.93 6.62 29.00
N PHE A 32 25.58 5.85 30.04
CA PHE A 32 24.21 5.76 30.47
C PHE A 32 23.76 7.00 31.22
N LYS A 33 24.64 7.57 32.03
CA LYS A 33 24.29 8.79 32.78
C LYS A 33 23.98 9.94 31.83
N GLU A 34 24.67 9.97 30.70
CA GLU A 34 24.48 10.98 29.66
C GLU A 34 23.34 10.65 28.69
N GLU A 35 22.64 9.50 28.87
CA GLU A 35 21.50 9.10 28.04
C GLU A 35 21.90 9.12 26.56
N MET A 36 23.06 8.53 26.25
N MET A 36 23.06 8.55 26.23
CA MET A 36 23.65 8.54 24.91
CA MET A 36 23.59 8.62 24.87
C MET A 36 22.85 7.77 23.88
C MET A 36 22.86 7.75 23.85
N GLY A 37 22.24 6.68 24.31
CA GLY A 37 21.49 5.78 23.44
C GLY A 37 22.36 5.02 22.47
N ILE A 38 21.74 4.22 21.61
CA ILE A 38 22.48 3.48 20.59
C ILE A 38 23.18 4.43 19.62
N GLY A 39 22.52 5.54 19.27
CA GLY A 39 23.13 6.47 18.34
C GLY A 39 24.39 7.12 18.91
N GLY A 40 24.34 7.45 20.17
CA GLY A 40 25.50 8.01 20.84
C GLY A 40 26.63 7.01 20.99
N VAL A 41 26.31 5.73 21.27
CA VAL A 41 27.35 4.71 21.31
C VAL A 41 27.96 4.53 19.92
N LEU A 42 27.16 4.62 18.86
CA LEU A 42 27.74 4.52 17.53
C LEU A 42 28.66 5.70 17.28
N GLY A 43 28.24 6.90 17.71
CA GLY A 43 29.11 8.05 17.57
C GLY A 43 30.47 7.84 18.24
N LEU A 44 30.47 7.24 19.44
CA LEU A 44 31.72 6.98 20.14
C LEU A 44 32.53 5.91 19.44
N LEU A 45 31.92 4.76 19.10
CA LEU A 45 32.69 3.63 18.58
C LEU A 45 33.13 3.82 17.13
N TRP A 46 32.32 4.48 16.30
CA TRP A 46 32.68 4.62 14.89
C TRP A 46 33.40 5.91 14.62
N PHE A 47 33.01 7.01 15.30
CA PHE A 47 33.55 8.34 15.01
C PHE A 47 34.38 8.94 16.12
N GLN A 48 34.53 8.26 17.26
N GLN A 48 34.55 8.26 17.26
CA GLN A 48 35.30 8.77 18.41
CA GLN A 48 35.38 8.75 18.38
C GLN A 48 34.89 10.16 18.82
C GLN A 48 34.89 10.09 18.94
N LYS A 49 33.59 10.41 18.79
CA LYS A 49 33.04 11.71 19.20
C LYS A 49 31.79 11.55 20.00
N ARG A 50 31.51 12.60 20.78
CA ARG A 50 30.24 12.78 21.45
C ARG A 50 29.46 13.63 20.45
N LEU A 51 28.63 12.98 19.64
CA LEU A 51 27.90 13.73 18.64
C LEU A 51 26.74 14.49 19.24
N PRO A 52 26.26 15.58 18.61
CA PRO A 52 25.07 16.26 19.13
C PRO A 52 23.85 15.33 19.19
N LYS A 53 22.88 15.66 20.02
CA LYS A 53 21.68 14.84 20.17
C LYS A 53 20.96 14.64 18.85
N TYR A 54 20.83 15.68 18.01
CA TYR A 54 20.08 15.47 16.78
C TYR A 54 20.81 14.51 15.85
N SER A 55 22.15 14.46 15.92
CA SER A 55 22.94 13.56 15.11
C SER A 55 22.75 12.12 15.60
N CYS A 56 22.75 11.95 16.92
CA CYS A 56 22.50 10.63 17.52
C CYS A 56 21.11 10.14 17.15
N GLN A 57 20.10 11.02 17.21
CA GLN A 57 18.75 10.62 16.87
C GLN A 57 18.61 10.31 15.39
N PHE A 58 19.32 11.08 14.53
CA PHE A 58 19.29 10.79 13.11
C PHE A 58 19.88 9.41 12.84
N ILE A 59 20.98 9.07 13.49
CA ILE A 59 21.58 7.74 13.33
C ILE A 59 20.56 6.66 13.71
N GLU A 60 19.86 6.86 14.84
CA GLU A 60 18.89 5.86 15.25
C GLU A 60 17.75 5.77 14.24
N MET A 61 17.30 6.92 13.72
CA MET A 61 16.26 6.89 12.69
C MET A 61 16.72 6.12 11.47
N CYS A 62 17.99 6.31 11.06
CA CYS A 62 18.52 5.57 9.91
C CYS A 62 18.54 4.08 10.16
N LEU A 63 18.90 3.67 11.36
CA LEU A 63 18.88 2.24 11.67
C LEU A 63 17.43 1.70 11.65
N MET A 64 16.47 2.49 12.13
CA MET A 64 15.06 2.09 12.10
C MET A 64 14.51 2.01 10.70
N VAL A 65 14.77 3.01 9.86
CA VAL A 65 14.19 2.99 8.52
C VAL A 65 14.82 2.02 7.60
N THR A 66 16.08 1.57 7.85
CA THR A 66 16.73 0.59 7.00
C THR A 66 16.54 -0.81 7.54
N ALA A 67 15.82 -0.98 8.67
CA ALA A 67 15.76 -2.28 9.34
C ALA A 67 15.30 -3.41 8.46
N ASP A 68 14.23 -3.22 7.65
CA ASP A 68 13.80 -4.27 6.74
C ASP A 68 13.09 -3.68 5.54
N HIS A 69 13.12 -4.40 4.44
CA HIS A 69 12.33 -4.03 3.27
C HIS A 69 11.81 -5.29 2.58
N GLY A 70 11.43 -6.27 3.36
CA GLY A 70 10.75 -7.44 2.85
C GLY A 70 11.69 -8.56 2.50
N PRO A 71 11.09 -9.70 2.14
CA PRO A 71 11.86 -10.93 1.88
C PRO A 71 12.34 -11.13 0.46
N ALA A 72 11.99 -10.25 -0.45
CA ALA A 72 12.27 -10.43 -1.86
C ALA A 72 13.62 -9.93 -2.27
N VAL A 73 14.18 -9.00 -1.51
CA VAL A 73 15.45 -8.39 -1.84
C VAL A 73 16.54 -9.40 -1.66
N SER A 74 17.67 -9.17 -2.38
CA SER A 74 18.75 -10.13 -2.45
C SER A 74 19.15 -10.70 -1.12
N GLY A 75 19.51 -9.85 -0.16
CA GLY A 75 20.02 -10.36 1.09
C GLY A 75 19.00 -11.05 1.96
N ALA A 76 17.77 -10.53 1.98
CA ALA A 76 16.74 -11.20 2.81
C ALA A 76 16.42 -12.56 2.21
N HIS A 77 16.34 -12.63 0.89
CA HIS A 77 16.10 -13.85 0.17
C HIS A 77 17.18 -14.88 0.45
N ASN A 78 18.44 -14.47 0.43
CA ASN A 78 19.53 -15.40 0.73
C ASN A 78 19.48 -15.88 2.17
N THR A 79 19.20 -14.98 3.13
CA THR A 79 19.07 -15.38 4.54
C THR A 79 17.97 -16.39 4.71
N ILE A 80 16.81 -16.13 4.04
CA ILE A 80 15.68 -17.05 4.12
C ILE A 80 16.06 -18.43 3.59
N ILE A 81 16.84 -18.49 2.51
N ILE A 81 16.66 -18.47 2.42
CA ILE A 81 17.30 -19.78 1.95
CA ILE A 81 17.07 -19.75 1.83
C ILE A 81 18.15 -20.53 2.97
C ILE A 81 18.07 -20.46 2.74
N CYS A 82 19.12 -19.85 3.60
N CYS A 82 18.94 -19.67 3.38
CA CYS A 82 19.93 -20.52 4.63
CA CYS A 82 19.91 -20.26 4.28
C CYS A 82 19.10 -21.00 5.72
C CYS A 82 19.23 -20.82 5.57
N ALA A 83 18.19 -20.14 6.16
CA ALA A 83 17.39 -20.56 7.29
C ALA A 83 16.62 -21.84 6.91
N ARG A 84 16.06 -21.86 5.70
CA ARG A 84 15.32 -23.02 5.20
C ARG A 84 16.23 -24.23 4.93
N ALA A 85 17.52 -23.99 4.81
CA ALA A 85 18.49 -25.07 4.68
C ALA A 85 18.94 -25.59 6.05
N GLY A 86 18.31 -25.12 7.12
CA GLY A 86 18.55 -25.59 8.47
C GLY A 86 19.81 -25.02 9.09
N LYS A 87 20.28 -23.88 8.61
CA LYS A 87 21.47 -23.28 9.16
C LYS A 87 21.19 -22.46 10.38
N ASP A 88 22.26 -22.16 11.08
CA ASP A 88 22.23 -21.34 12.29
C ASP A 88 22.03 -19.86 11.95
N LEU A 89 21.77 -19.06 12.98
CA LEU A 89 21.49 -17.64 12.83
C LEU A 89 22.63 -16.89 12.16
N VAL A 90 23.85 -17.05 12.69
CA VAL A 90 24.96 -16.31 12.13
C VAL A 90 25.22 -16.66 10.67
N SER A 91 25.24 -17.95 10.32
CA SER A 91 25.47 -18.36 8.93
C SER A 91 24.41 -17.74 8.04
N SER A 92 23.15 -17.78 8.47
CA SER A 92 22.05 -17.27 7.68
C SER A 92 22.09 -15.77 7.50
N LEU A 93 22.35 -15.06 8.60
CA LEU A 93 22.53 -13.61 8.51
C LEU A 93 23.66 -13.25 7.58
N THR A 94 24.79 -13.89 7.73
CA THR A 94 25.97 -13.54 6.92
C THR A 94 25.76 -13.86 5.45
N SER A 95 25.09 -14.94 5.13
CA SER A 95 24.80 -15.25 3.74
C SER A 95 24.03 -14.10 3.09
N GLY A 96 23.11 -13.48 3.81
CA GLY A 96 22.41 -12.31 3.32
C GLY A 96 23.23 -11.03 3.33
N LEU A 97 24.00 -10.80 4.39
CA LEU A 97 24.83 -9.59 4.42
C LEU A 97 25.79 -9.54 3.25
N LEU A 98 26.34 -10.69 2.84
CA LEU A 98 27.31 -10.74 1.77
C LEU A 98 26.78 -10.30 0.41
N THR A 99 25.46 -10.08 0.25
CA THR A 99 24.89 -9.54 -0.98
C THR A 99 24.96 -8.00 -1.00
N ILE A 100 25.28 -7.36 0.14
CA ILE A 100 25.24 -5.91 0.22
C ILE A 100 26.42 -5.30 -0.49
N GLY A 101 26.16 -4.38 -1.42
CA GLY A 101 27.19 -3.85 -2.26
C GLY A 101 26.69 -2.83 -3.22
N ASP A 102 27.36 -2.73 -4.36
CA ASP A 102 27.14 -1.69 -5.32
C ASP A 102 25.73 -1.58 -5.85
N ARG A 103 25.01 -2.71 -5.92
CA ARG A 103 23.66 -2.73 -6.46
C ARG A 103 22.58 -2.72 -5.43
N PHE A 104 22.81 -3.37 -4.29
CA PHE A 104 21.83 -3.55 -3.24
C PHE A 104 22.46 -3.11 -1.92
N GLY A 105 21.90 -2.07 -1.29
CA GLY A 105 22.23 -1.69 0.08
C GLY A 105 23.56 -1.03 0.38
N GLY A 106 24.50 -1.07 -0.56
CA GLY A 106 25.84 -0.60 -0.30
C GLY A 106 26.30 0.49 -1.22
N ALA A 107 25.37 1.35 -1.61
CA ALA A 107 25.64 2.50 -2.44
C ALA A 107 25.74 3.79 -1.66
N LEU A 108 25.74 3.74 -0.32
CA LEU A 108 25.81 4.96 0.47
C LEU A 108 27.13 5.67 0.33
N ASP A 109 28.22 4.91 0.43
CA ASP A 109 29.56 5.48 0.30
C ASP A 109 29.73 6.13 -1.07
N ALA A 110 29.35 5.43 -2.12
CA ALA A 110 29.57 5.97 -3.45
C ALA A 110 28.60 7.13 -3.75
N ALA A 111 27.40 7.11 -3.22
CA ALA A 111 26.47 8.25 -3.39
C ALA A 111 27.06 9.48 -2.71
N ALA A 112 27.52 9.33 -1.45
CA ALA A 112 28.13 10.44 -0.77
C ALA A 112 29.29 11.01 -1.56
N LYS A 113 30.18 10.14 -2.04
CA LYS A 113 31.34 10.60 -2.80
C LYS A 113 30.96 11.30 -4.08
N MET A 114 30.04 10.70 -4.87
CA MET A 114 29.70 11.26 -6.17
C MET A 114 28.95 12.56 -6.08
N PHE A 115 27.97 12.62 -5.19
CA PHE A 115 27.24 13.87 -5.04
C PHE A 115 28.12 14.93 -4.43
N SER A 116 28.97 14.59 -3.45
CA SER A 116 29.85 15.61 -2.84
C SER A 116 30.82 16.15 -3.89
N LYS A 117 31.35 15.28 -4.73
CA LYS A 117 32.30 15.70 -5.76
C LYS A 117 31.65 16.68 -6.72
N ALA A 118 30.45 16.34 -7.18
CA ALA A 118 29.73 17.19 -8.11
C ALA A 118 29.44 18.56 -7.47
N PHE A 119 28.89 18.53 -6.26
CA PHE A 119 28.56 19.75 -5.53
C PHE A 119 29.77 20.64 -5.29
N ASP A 120 30.84 20.04 -4.73
CA ASP A 120 32.05 20.78 -4.39
C ASP A 120 32.75 21.35 -5.65
N SER A 121 32.67 20.64 -6.78
CA SER A 121 33.27 21.11 -8.03
C SER A 121 32.58 22.30 -8.66
N GLY A 122 31.38 22.65 -8.20
CA GLY A 122 30.64 23.78 -8.73
C GLY A 122 29.74 23.50 -9.89
N ILE A 123 29.64 22.24 -10.34
CA ILE A 123 28.76 21.93 -11.47
C ILE A 123 27.32 21.91 -10.96
N ILE A 124 26.42 22.36 -11.80
CA ILE A 124 25.01 22.39 -11.42
C ILE A 124 24.39 21.01 -11.64
N PRO A 125 23.27 20.75 -10.98
CA PRO A 125 22.63 19.43 -11.09
C PRO A 125 22.50 18.91 -12.52
N MET A 126 22.02 19.74 -13.45
CA MET A 126 21.84 19.28 -14.83
C MET A 126 23.18 18.92 -15.47
N GLU A 127 24.24 19.65 -15.17
CA GLU A 127 25.56 19.30 -15.70
C GLU A 127 26.04 17.96 -15.16
N PHE A 128 25.78 17.71 -13.88
CA PHE A 128 26.16 16.45 -13.25
C PHE A 128 25.42 15.30 -13.96
N VAL A 129 24.09 15.42 -14.14
CA VAL A 129 23.30 14.36 -14.77
C VAL A 129 23.80 14.09 -16.18
N ASN A 130 24.01 15.14 -16.94
CA ASN A 130 24.47 14.97 -18.33
C ASN A 130 25.88 14.39 -18.42
N LYS A 131 26.79 14.79 -17.51
CA LYS A 131 28.15 14.25 -17.50
C LYS A 131 28.15 12.74 -17.18
N MET A 132 27.36 12.32 -16.19
CA MET A 132 27.33 10.89 -15.83
C MET A 132 26.80 10.05 -17.00
N LYS A 133 25.78 10.59 -17.69
CA LYS A 133 25.17 9.91 -18.83
C LYS A 133 26.16 9.82 -19.98
N LYS A 134 26.89 10.92 -20.26
CA LYS A 134 27.92 10.92 -21.29
C LYS A 134 29.03 9.89 -20.99
N GLU A 135 29.43 9.74 -19.72
CA GLU A 135 30.47 8.80 -19.31
C GLU A 135 29.98 7.36 -19.07
N GLY A 136 28.68 7.11 -19.17
CA GLY A 136 28.10 5.79 -18.92
C GLY A 136 28.22 5.35 -17.48
N LYS A 137 28.09 6.31 -16.53
CA LYS A 137 28.21 6.01 -15.11
C LYS A 137 26.85 6.09 -14.46
N LEU A 138 26.48 5.08 -13.69
CA LEU A 138 25.25 5.12 -12.95
C LEU A 138 25.42 6.11 -11.79
N ILE A 139 24.38 6.88 -11.50
CA ILE A 139 24.41 7.79 -10.36
C ILE A 139 24.11 6.94 -9.15
N MET A 140 25.09 6.78 -8.27
CA MET A 140 24.90 5.96 -7.08
C MET A 140 23.97 6.69 -6.11
N GLY A 141 23.00 5.98 -5.58
CA GLY A 141 21.99 6.60 -4.72
C GLY A 141 20.73 7.02 -5.46
N ILE A 142 20.66 6.75 -6.78
CA ILE A 142 19.50 7.01 -7.61
C ILE A 142 19.05 5.67 -8.15
N GLY A 143 17.73 5.50 -8.21
CA GLY A 143 17.14 4.31 -8.81
C GLY A 143 16.57 3.33 -7.82
N HIS A 144 15.52 2.63 -8.23
CA HIS A 144 14.92 1.63 -7.36
C HIS A 144 14.15 0.66 -8.23
N ARG A 145 14.18 -0.62 -7.91
CA ARG A 145 13.50 -1.63 -8.67
C ARG A 145 11.99 -1.50 -8.56
N VAL A 146 11.47 -1.09 -7.38
CA VAL A 146 10.02 -1.06 -7.18
C VAL A 146 9.49 0.29 -6.75
N LYS A 147 10.23 1.09 -6.01
CA LYS A 147 9.75 2.42 -5.62
C LYS A 147 10.00 3.39 -6.79
N SER A 148 9.21 4.45 -6.87
CA SER A 148 9.27 5.35 -8.01
C SER A 148 8.48 6.61 -7.69
N ILE A 149 8.37 7.55 -8.62
CA ILE A 149 7.54 8.70 -8.38
C ILE A 149 6.06 8.33 -8.28
N ASN A 150 5.68 7.16 -8.79
CA ASN A 150 4.31 6.67 -8.71
C ASN A 150 4.06 5.94 -7.41
N ASN A 151 5.11 5.55 -6.71
CA ASN A 151 5.06 4.73 -5.49
C ASN A 151 6.21 5.23 -4.61
N PRO A 152 6.05 6.42 -4.01
N PRO A 152 6.09 6.45 -4.04
CA PRO A 152 7.16 7.01 -3.25
CA PRO A 152 7.25 6.98 -3.33
C PRO A 152 7.61 6.22 -2.05
C PRO A 152 7.63 6.20 -2.09
N ASP A 153 8.90 6.38 -1.72
CA ASP A 153 9.48 5.72 -0.57
C ASP A 153 9.27 6.50 0.69
N MET A 154 8.40 6.02 1.59
CA MET A 154 8.14 6.75 2.82
C MET A 154 9.37 6.86 3.72
N ARG A 155 10.34 5.93 3.60
CA ARG A 155 11.55 6.02 4.39
C ARG A 155 12.27 7.31 4.04
N VAL A 156 12.32 7.65 2.76
CA VAL A 156 12.96 8.87 2.32
C VAL A 156 12.23 10.10 2.82
N GLN A 157 10.90 10.06 2.82
CA GLN A 157 10.13 11.19 3.34
C GLN A 157 10.43 11.43 4.81
N ILE A 158 10.44 10.36 5.60
CA ILE A 158 10.68 10.50 7.02
C ILE A 158 12.03 11.09 7.27
N LEU A 159 13.06 10.55 6.60
CA LEU A 159 14.41 11.07 6.77
C LEU A 159 14.50 12.55 6.38
N LYS A 160 13.91 12.90 5.24
CA LYS A 160 13.93 14.29 4.79
C LYS A 160 13.29 15.21 5.80
N ASP A 161 12.16 14.82 6.33
CA ASP A 161 11.47 15.66 7.29
C ASP A 161 12.32 15.89 8.54
N TYR A 162 12.97 14.85 9.02
CA TYR A 162 13.81 15.01 10.18
C TYR A 162 14.99 15.96 9.93
N VAL A 163 15.68 15.73 8.83
CA VAL A 163 16.84 16.54 8.47
C VAL A 163 16.45 18.02 8.39
N ARG A 164 15.30 18.32 7.75
N ARG A 164 15.34 18.32 7.72
CA ARG A 164 14.80 19.70 7.63
CA ARG A 164 14.90 19.73 7.60
C ARG A 164 14.60 20.33 8.99
C ARG A 164 14.56 20.36 8.96
N GLN A 165 13.98 19.59 9.90
CA GLN A 165 13.65 20.09 11.24
C GLN A 165 14.82 20.26 12.17
N HIS A 166 15.88 19.49 11.98
CA HIS A 166 16.97 19.48 12.93
C HIS A 166 18.32 19.90 12.43
N PHE A 167 18.65 19.69 11.15
CA PHE A 167 20.02 19.96 10.72
C PHE A 167 20.26 21.45 10.52
N PRO A 168 21.41 21.97 10.91
CA PRO A 168 21.68 23.39 10.67
C PRO A 168 21.93 23.73 9.19
N ALA A 169 22.38 22.76 8.39
CA ALA A 169 22.64 23.02 6.97
C ALA A 169 22.41 21.77 6.17
N THR A 170 21.76 21.87 5.01
CA THR A 170 21.47 20.70 4.18
C THR A 170 21.84 20.96 2.72
N PRO A 171 23.02 21.53 2.40
CA PRO A 171 23.29 21.89 1.00
C PRO A 171 23.39 20.68 0.08
N LEU A 172 23.99 19.59 0.54
CA LEU A 172 24.12 18.44 -0.33
C LEU A 172 22.80 17.77 -0.55
N LEU A 173 21.96 17.65 0.50
CA LEU A 173 20.64 17.08 0.30
C LEU A 173 19.87 17.94 -0.71
N ASP A 174 19.94 19.26 -0.56
CA ASP A 174 19.22 20.14 -1.48
C ASP A 174 19.68 19.94 -2.93
N TYR A 175 20.99 19.78 -3.10
CA TYR A 175 21.57 19.51 -4.43
C TYR A 175 21.08 18.18 -4.95
N ALA A 176 21.12 17.13 -4.13
CA ALA A 176 20.63 15.83 -4.58
C ALA A 176 19.15 15.83 -4.92
N LEU A 177 18.34 16.62 -4.21
CA LEU A 177 16.94 16.70 -4.53
C LEU A 177 16.73 17.38 -5.88
N GLU A 178 17.61 18.31 -6.24
CA GLU A 178 17.53 18.93 -7.57
C GLU A 178 17.90 17.94 -8.65
N VAL A 179 18.90 17.09 -8.36
CA VAL A 179 19.27 16.04 -9.30
C VAL A 179 18.09 15.09 -9.48
N GLU A 180 17.44 14.69 -8.40
CA GLU A 180 16.30 13.79 -8.46
C GLU A 180 15.14 14.34 -9.28
N LYS A 181 14.90 15.66 -9.23
CA LYS A 181 13.82 16.22 -10.05
C LYS A 181 14.12 15.99 -11.53
N ILE A 182 15.41 16.09 -11.91
CA ILE A 182 15.84 15.86 -13.29
C ILE A 182 15.76 14.39 -13.66
N THR A 183 16.33 13.51 -12.84
CA THR A 183 16.34 12.09 -13.19
C THR A 183 14.94 11.49 -13.23
N THR A 184 14.06 11.84 -12.28
CA THR A 184 12.70 11.28 -12.30
C THR A 184 11.89 11.80 -13.50
N SER A 185 12.27 12.96 -14.05
CA SER A 185 11.57 13.47 -15.26
C SER A 185 11.95 12.63 -16.48
N LYS A 186 13.12 11.99 -16.46
CA LYS A 186 13.61 11.12 -17.52
C LYS A 186 13.04 9.70 -17.42
N LYS A 187 13.00 9.10 -16.18
CA LYS A 187 12.43 7.77 -15.96
C LYS A 187 11.84 7.77 -14.55
N PRO A 188 10.64 7.25 -14.34
CA PRO A 188 10.00 7.36 -13.02
C PRO A 188 10.66 6.61 -11.89
N ASN A 189 11.48 5.59 -12.17
CA ASN A 189 12.17 4.79 -11.16
C ASN A 189 13.43 5.49 -10.65
N LEU A 190 13.87 6.61 -11.27
CA LEU A 190 15.15 7.24 -10.90
C LEU A 190 14.99 8.18 -9.72
N ILE A 191 14.43 7.65 -8.63
CA ILE A 191 14.26 8.40 -7.41
C ILE A 191 15.55 8.45 -6.65
N LEU A 192 15.61 9.37 -5.71
CA LEU A 192 16.68 9.41 -4.74
C LEU A 192 16.33 8.32 -3.75
N ASN A 193 17.10 7.23 -3.76
CA ASN A 193 16.78 6.07 -2.95
C ASN A 193 17.34 6.19 -1.52
N VAL A 194 17.01 5.25 -0.67
CA VAL A 194 17.41 5.34 0.73
C VAL A 194 18.94 5.40 0.90
N ASP A 195 19.68 4.74 0.01
CA ASP A 195 21.15 4.81 0.06
C ASP A 195 21.63 6.23 -0.26
N GLY A 196 21.02 6.86 -1.27
CA GLY A 196 21.36 8.21 -1.67
C GLY A 196 20.99 9.23 -0.62
N LEU A 197 19.82 9.07 -0.03
CA LEU A 197 19.38 10.00 0.99
C LEU A 197 20.28 9.93 2.20
N ILE A 198 20.48 8.74 2.71
CA ILE A 198 21.33 8.58 3.92
C ILE A 198 22.74 9.04 3.60
N GLY A 199 23.26 8.65 2.45
CA GLY A 199 24.61 9.07 2.10
C GLY A 199 24.78 10.58 2.07
N VAL A 200 23.89 11.31 1.36
CA VAL A 200 24.05 12.76 1.27
C VAL A 200 23.76 13.43 2.60
N ALA A 201 22.78 12.91 3.35
CA ALA A 201 22.48 13.48 4.66
C ALA A 201 23.62 13.34 5.63
N PHE A 202 24.34 12.20 5.58
CA PHE A 202 25.51 12.03 6.43
C PHE A 202 26.63 12.99 6.07
N VAL A 203 26.80 13.31 4.79
CA VAL A 203 27.81 14.30 4.43
C VAL A 203 27.43 15.64 5.09
N ASP A 204 26.17 16.06 4.93
CA ASP A 204 25.70 17.31 5.53
C ASP A 204 25.87 17.24 7.03
N MET A 205 25.58 16.11 7.64
CA MET A 205 25.71 15.97 9.08
C MET A 205 27.16 16.07 9.51
N LEU A 206 28.06 15.28 8.90
CA LEU A 206 29.46 15.27 9.30
C LEU A 206 30.13 16.61 9.09
N ARG A 207 29.84 17.26 7.95
CA ARG A 207 30.48 18.54 7.68
C ARG A 207 30.02 19.67 8.55
N ASN A 208 28.76 19.66 9.00
CA ASN A 208 28.19 20.82 9.69
C ASN A 208 27.77 20.62 11.12
N CYS A 209 27.95 19.43 11.73
CA CYS A 209 27.56 19.23 13.12
C CYS A 209 28.50 19.93 14.11
N GLY A 210 29.75 20.22 13.71
CA GLY A 210 30.74 20.88 14.56
C GLY A 210 31.73 19.96 15.25
N SER A 211 31.57 18.63 15.12
CA SER A 211 32.44 17.63 15.75
C SER A 211 33.61 17.24 14.84
N PHE A 212 33.57 17.58 13.53
CA PHE A 212 34.61 17.19 12.58
C PHE A 212 35.18 18.33 11.77
N THR A 213 36.44 18.19 11.36
CA THR A 213 37.07 19.09 10.39
C THR A 213 36.69 18.52 9.01
N ARG A 214 36.84 19.30 7.93
CA ARG A 214 36.54 18.84 6.58
C ARG A 214 37.36 17.61 6.22
N GLU A 215 38.66 17.62 6.54
CA GLU A 215 39.54 16.47 6.32
C GLU A 215 39.04 15.20 7.05
N GLU A 216 38.60 15.33 8.32
CA GLU A 216 38.09 14.22 9.14
C GLU A 216 36.80 13.68 8.52
N ALA A 217 35.88 14.56 8.10
CA ALA A 217 34.64 14.11 7.45
C ALA A 217 34.97 13.31 6.17
N ASP A 218 35.85 13.86 5.31
CA ASP A 218 36.27 13.19 4.07
C ASP A 218 36.88 11.82 4.35
N GLU A 219 37.68 11.72 5.42
CA GLU A 219 38.30 10.46 5.78
C GLU A 219 37.22 9.45 6.12
N TYR A 220 36.21 9.83 6.92
CA TYR A 220 35.13 8.89 7.26
C TYR A 220 34.35 8.39 6.05
N ILE A 221 34.12 9.27 5.07
CA ILE A 221 33.45 8.85 3.85
C ILE A 221 34.37 7.90 3.05
N ASP A 222 35.67 8.23 2.96
CA ASP A 222 36.65 7.45 2.20
C ASP A 222 36.89 6.07 2.79
N ILE A 223 36.90 5.92 4.13
CA ILE A 223 37.13 4.60 4.74
C ILE A 223 35.83 3.75 4.81
N GLY A 224 34.69 4.28 4.42
CA GLY A 224 33.49 3.47 4.32
C GLY A 224 32.55 3.41 5.50
N ALA A 225 32.51 4.43 6.34
CA ALA A 225 31.61 4.39 7.49
C ALA A 225 30.11 4.43 7.13
N LEU A 226 29.76 5.16 6.09
CA LEU A 226 28.35 5.32 5.75
C LEU A 226 27.66 4.03 5.38
N ASN A 227 28.32 3.19 4.57
CA ASN A 227 27.70 1.91 4.26
C ASN A 227 27.39 1.10 5.52
N GLY A 228 28.19 1.28 6.58
CA GLY A 228 27.95 0.56 7.82
C GLY A 228 26.57 0.82 8.39
N ILE A 229 26.02 2.02 8.17
CA ILE A 229 24.70 2.32 8.70
C ILE A 229 23.66 1.36 8.15
N PHE A 230 23.68 1.13 6.83
CA PHE A 230 22.73 0.19 6.24
C PHE A 230 23.00 -1.22 6.71
N VAL A 231 24.28 -1.61 6.80
CA VAL A 231 24.60 -2.97 7.22
C VAL A 231 24.07 -3.25 8.59
N LEU A 232 24.35 -2.35 9.52
CA LEU A 232 23.86 -2.54 10.88
C LEU A 232 22.34 -2.46 10.95
N GLY A 233 21.73 -1.54 10.21
CA GLY A 233 20.28 -1.41 10.27
C GLY A 233 19.59 -2.65 9.72
N ARG A 234 19.99 -3.06 8.52
CA ARG A 234 19.36 -4.20 7.83
C ARG A 234 19.67 -5.53 8.52
N SER A 235 20.71 -5.63 9.31
CA SER A 235 20.95 -6.85 10.06
C SER A 235 19.74 -7.15 10.94
N MET A 236 19.05 -6.13 11.47
N MET A 236 19.05 -6.10 11.45
CA MET A 236 17.88 -6.43 12.29
CA MET A 236 17.84 -6.27 12.25
C MET A 236 16.83 -7.17 11.47
C MET A 236 16.81 -7.09 11.49
N GLY A 237 16.54 -6.68 10.25
CA GLY A 237 15.54 -7.36 9.45
C GLY A 237 15.98 -8.73 9.02
N PHE A 238 17.25 -8.89 8.69
CA PHE A 238 17.70 -10.23 8.28
C PHE A 238 17.60 -11.22 9.42
N ILE A 239 17.92 -10.81 10.63
CA ILE A 239 17.72 -11.71 11.76
C ILE A 239 16.23 -11.99 11.97
N GLY A 240 15.38 -10.97 11.78
CA GLY A 240 13.96 -11.19 11.84
C GLY A 240 13.47 -12.21 10.84
N HIS A 241 13.98 -12.17 9.61
CA HIS A 241 13.60 -13.17 8.59
C HIS A 241 14.09 -14.57 9.01
N TYR A 242 15.30 -14.69 9.56
CA TYR A 242 15.77 -15.98 10.03
C TYR A 242 14.80 -16.53 11.09
N LEU A 243 14.44 -15.71 12.10
CA LEU A 243 13.55 -16.19 13.16
C LEU A 243 12.20 -16.57 12.61
N ASP A 244 11.68 -15.74 11.67
CA ASP A 244 10.38 -16.01 11.08
C ASP A 244 10.37 -17.35 10.35
N GLN A 245 11.41 -17.61 9.54
CA GLN A 245 11.45 -18.87 8.81
C GLN A 245 11.60 -20.05 9.76
N LYS A 246 12.29 -19.87 10.89
CA LYS A 246 12.38 -20.97 11.86
C LYS A 246 11.02 -21.24 12.47
N ARG A 247 10.24 -20.20 12.72
CA ARG A 247 8.89 -20.40 13.28
C ARG A 247 7.94 -21.00 12.26
N LEU A 248 8.06 -20.60 11.01
CA LEU A 248 7.20 -21.08 9.93
C LEU A 248 7.54 -22.53 9.50
N LYS A 249 8.69 -23.07 9.92
CA LYS A 249 9.10 -24.48 9.67
C LYS A 249 9.07 -24.86 8.20
N GLN A 250 9.59 -23.92 7.40
CA GLN A 250 9.71 -24.01 5.99
C GLN A 250 10.91 -24.98 5.71
N GLY A 251 10.69 -25.93 4.84
CA GLY A 251 11.70 -26.91 4.48
C GLY A 251 12.70 -26.38 3.46
N LEU A 252 13.64 -27.24 3.10
CA LEU A 252 14.70 -26.90 2.14
C LEU A 252 14.11 -26.33 0.87
N TYR A 253 14.64 -25.24 0.38
CA TYR A 253 14.21 -24.64 -0.87
C TYR A 253 15.12 -25.13 -1.98
N ARG A 254 14.51 -25.32 -3.16
CA ARG A 254 15.25 -25.63 -4.40
C ARG A 254 14.55 -24.84 -5.49
N HIS A 255 15.27 -24.02 -6.26
CA HIS A 255 14.63 -23.14 -7.23
C HIS A 255 14.01 -23.93 -8.37
N PRO A 256 12.80 -23.56 -8.84
CA PRO A 256 12.18 -24.35 -9.90
C PRO A 256 12.91 -24.26 -11.23
N TRP A 257 13.05 -25.41 -11.92
CA TRP A 257 13.68 -25.47 -13.21
C TRP A 257 12.95 -24.63 -14.22
N ASP A 258 11.62 -24.46 -14.11
CA ASP A 258 10.93 -23.66 -15.10
C ASP A 258 11.29 -22.18 -15.10
N ASP A 259 12.00 -21.70 -14.06
CA ASP A 259 12.43 -20.34 -13.99
C ASP A 259 13.88 -20.21 -14.36
N ILE A 260 14.50 -21.27 -14.91
CA ILE A 260 15.91 -21.26 -15.26
C ILE A 260 16.09 -21.65 -16.72
N SER A 261 16.83 -20.88 -17.48
CA SER A 261 17.15 -21.17 -18.85
C SER A 261 18.56 -21.79 -18.90
N TYR A 262 18.62 -23.08 -19.13
CA TYR A 262 19.89 -23.79 -19.26
C TYR A 262 20.34 -23.71 -20.71
N VAL A 263 21.46 -23.04 -20.97
CA VAL A 263 21.99 -22.93 -22.34
C VAL A 263 23.45 -23.30 -22.23
N LEU A 264 23.73 -24.57 -22.35
CA LEU A 264 25.08 -25.09 -22.23
C LEU A 264 25.73 -25.17 -23.59
N PRO A 265 27.07 -25.27 -23.61
CA PRO A 265 27.77 -25.48 -24.89
C PRO A 265 27.37 -26.73 -25.60
N GLU A 266 27.51 -26.72 -26.94
CA GLU A 266 27.24 -27.85 -27.81
C GLU A 266 28.56 -28.34 -28.43
N HIS A 267 28.52 -29.51 -29.08
CA HIS A 267 29.66 -30.11 -29.79
C HIS A 267 30.96 -30.16 -28.96
N MET A 268 30.89 -30.66 -27.72
CA MET A 268 32.05 -30.75 -26.82
C MET A 268 32.71 -32.11 -26.93
N PRO B 6 55.21 -19.64 26.55
CA PRO B 6 54.43 -20.66 25.83
C PRO B 6 53.79 -20.11 24.54
N ALA B 7 53.80 -20.90 23.46
CA ALA B 7 53.25 -20.42 22.19
C ALA B 7 51.74 -20.35 22.25
N SER B 8 51.15 -19.30 21.69
CA SER B 8 49.70 -19.13 21.72
C SER B 8 49.01 -19.94 20.66
N PHE B 9 49.73 -20.44 19.60
CA PHE B 9 49.16 -21.30 18.57
C PHE B 9 49.96 -22.58 18.47
N MET B 10 49.27 -23.64 18.11
CA MET B 10 49.89 -24.92 17.82
C MET B 10 49.39 -25.38 16.46
N THR B 11 50.26 -26.01 15.67
CA THR B 11 49.91 -26.45 14.31
C THR B 11 50.69 -27.71 13.94
N SER B 12 50.15 -28.54 13.06
CA SER B 12 50.88 -29.73 12.68
C SER B 12 50.78 -30.13 11.21
N ILE B 13 50.18 -29.32 10.35
CA ILE B 13 49.97 -29.77 8.97
C ILE B 13 50.92 -29.24 7.93
N CYS B 14 51.51 -28.06 8.14
CA CYS B 14 52.32 -27.44 7.10
C CYS B 14 53.39 -26.62 7.74
N ASP B 15 54.64 -26.70 7.24
CA ASP B 15 55.73 -25.90 7.76
C ASP B 15 56.33 -25.12 6.62
N GLU B 16 56.14 -23.80 6.64
CA GLU B 16 56.64 -22.92 5.58
C GLU B 16 57.82 -22.07 6.08
N ARG B 17 58.37 -22.38 7.30
CA ARG B 17 59.45 -21.59 7.91
C ARG B 17 60.79 -21.76 7.24
N GLY B 18 61.01 -22.91 6.61
CA GLY B 18 62.29 -23.18 5.99
C GLY B 18 62.41 -22.64 4.59
N GLN B 19 63.45 -23.06 3.90
CA GLN B 19 63.66 -22.61 2.53
C GLN B 19 62.63 -23.25 1.63
N GLU B 20 62.37 -24.55 1.87
CA GLU B 20 61.39 -25.33 1.11
C GLU B 20 60.15 -25.65 1.93
N LEU B 21 58.98 -25.38 1.37
CA LEU B 21 57.69 -25.69 1.97
C LEU B 21 57.50 -27.17 2.24
N ILE B 22 56.93 -27.52 3.42
CA ILE B 22 56.64 -28.90 3.80
C ILE B 22 55.16 -29.11 4.06
N TYR B 23 54.56 -30.19 3.52
CA TYR B 23 53.19 -30.59 3.81
C TYR B 23 53.26 -31.87 4.65
N ALA B 24 52.83 -31.83 5.93
CA ALA B 24 52.82 -32.97 6.86
C ALA B 24 54.10 -33.83 6.81
N GLY B 25 55.23 -33.18 6.89
CA GLY B 25 56.54 -33.86 6.84
C GLY B 25 57.13 -34.19 5.48
N MET B 26 56.37 -33.94 4.37
CA MET B 26 56.89 -34.16 3.03
C MET B 26 57.28 -32.84 2.38
N PRO B 27 58.53 -32.64 1.94
CA PRO B 27 58.87 -31.39 1.23
C PRO B 27 58.06 -31.34 -0.06
N ILE B 28 57.69 -30.13 -0.48
CA ILE B 28 56.83 -29.96 -1.66
C ILE B 28 57.45 -30.60 -2.93
N THR B 29 58.78 -30.61 -3.09
CA THR B 29 59.35 -31.27 -4.27
C THR B 29 59.05 -32.78 -4.26
N GLU B 30 59.02 -33.43 -3.06
CA GLU B 30 58.75 -34.86 -2.94
C GLU B 30 57.30 -35.17 -3.28
N VAL B 31 56.38 -34.28 -2.91
CA VAL B 31 54.98 -34.45 -3.23
C VAL B 31 54.80 -34.61 -4.76
N PHE B 32 55.50 -33.76 -5.53
CA PHE B 32 55.45 -33.82 -6.99
C PHE B 32 56.24 -34.97 -7.55
N LYS B 33 57.38 -35.31 -6.94
CA LYS B 33 58.18 -36.46 -7.38
C LYS B 33 57.36 -37.76 -7.24
N GLU B 34 56.59 -37.90 -6.16
CA GLU B 34 55.77 -39.08 -5.92
C GLU B 34 54.43 -39.04 -6.69
N GLU B 35 54.15 -37.96 -7.46
CA GLU B 35 52.92 -37.80 -8.26
C GLU B 35 51.70 -38.02 -7.41
N MET B 36 51.72 -37.40 -6.24
CA MET B 36 50.67 -37.56 -5.26
C MET B 36 49.34 -36.93 -5.65
N GLY B 37 49.39 -35.90 -6.47
CA GLY B 37 48.17 -35.24 -6.93
C GLY B 37 47.43 -34.52 -5.83
N ILE B 38 46.31 -33.95 -6.22
CA ILE B 38 45.46 -33.23 -5.28
C ILE B 38 44.98 -34.16 -4.19
N GLY B 39 44.62 -35.41 -4.56
CA GLY B 39 44.14 -36.35 -3.56
C GLY B 39 45.19 -36.69 -2.51
N GLY B 40 46.42 -36.85 -2.96
CA GLY B 40 47.53 -37.12 -2.06
C GLY B 40 47.83 -35.95 -1.16
N VAL B 41 47.74 -34.72 -1.70
CA VAL B 41 47.95 -33.53 -0.86
C VAL B 41 46.86 -33.45 0.19
N LEU B 42 45.61 -33.76 -0.18
CA LEU B 42 44.53 -33.76 0.80
C LEU B 42 44.81 -34.82 1.88
N GLY B 43 45.33 -35.99 1.47
CA GLY B 43 45.65 -37.02 2.45
C GLY B 43 46.67 -36.52 3.45
N LEU B 44 47.66 -35.79 2.97
CA LEU B 44 48.67 -35.18 3.85
C LEU B 44 48.09 -34.12 4.74
N LEU B 45 47.38 -33.12 4.16
CA LEU B 45 46.95 -31.98 4.96
C LEU B 45 45.79 -32.28 5.89
N TRP B 46 44.85 -33.17 5.51
CA TRP B 46 43.67 -33.44 6.35
C TRP B 46 43.89 -34.67 7.22
N PHE B 47 44.54 -35.74 6.69
CA PHE B 47 44.69 -37.01 7.41
C PHE B 47 46.08 -37.29 7.90
N GLN B 48 47.09 -36.45 7.59
CA GLN B 48 48.50 -36.62 7.98
C GLN B 48 49.04 -38.00 7.58
N LYS B 49 48.62 -38.50 6.43
CA LYS B 49 49.04 -39.79 5.93
C LYS B 49 49.36 -39.73 4.46
N ARG B 50 50.25 -40.61 4.02
CA ARG B 50 50.52 -40.87 2.63
C ARG B 50 49.55 -42.01 2.27
N LEU B 51 48.43 -41.69 1.68
CA LEU B 51 47.39 -42.68 1.42
C LEU B 51 47.70 -43.53 0.22
N PRO B 52 47.11 -44.74 0.15
CA PRO B 52 47.30 -45.55 -1.05
C PRO B 52 46.78 -44.85 -2.30
N LYS B 53 47.31 -45.20 -3.44
CA LYS B 53 46.91 -44.55 -4.68
C LYS B 53 45.41 -44.66 -4.93
N TYR B 54 44.81 -45.83 -4.67
CA TYR B 54 43.36 -45.94 -4.92
C TYR B 54 42.55 -44.99 -4.02
N SER B 55 43.07 -44.68 -2.83
CA SER B 55 42.39 -43.74 -1.92
C SER B 55 42.54 -42.33 -2.42
N CYS B 56 43.74 -41.97 -2.88
CA CYS B 56 43.97 -40.64 -3.45
C CYS B 56 43.08 -40.42 -4.65
N GLN B 57 42.97 -41.44 -5.51
CA GLN B 57 42.13 -41.33 -6.71
C GLN B 57 40.67 -41.25 -6.36
N PHE B 58 40.25 -41.97 -5.33
CA PHE B 58 38.87 -41.87 -4.88
C PHE B 58 38.57 -40.44 -4.35
N ILE B 59 39.49 -39.85 -3.59
CA ILE B 59 39.32 -38.49 -3.14
C ILE B 59 39.10 -37.57 -4.34
N GLU B 60 39.97 -37.70 -5.36
CA GLU B 60 39.83 -36.84 -6.54
C GLU B 60 38.51 -37.08 -7.27
N MET B 61 38.07 -38.31 -7.35
CA MET B 61 36.78 -38.61 -7.97
C MET B 61 35.66 -37.92 -7.19
N CYS B 62 35.75 -37.95 -5.84
CA CYS B 62 34.73 -37.29 -5.03
C CYS B 62 34.68 -35.81 -5.31
N LEU B 63 35.85 -35.18 -5.44
CA LEU B 63 35.88 -33.75 -5.75
C LEU B 63 35.31 -33.48 -7.13
N MET B 64 35.56 -34.37 -8.09
CA MET B 64 35.00 -34.19 -9.43
C MET B 64 33.50 -34.37 -9.45
N VAL B 65 32.98 -35.44 -8.79
CA VAL B 65 31.54 -35.71 -8.86
C VAL B 65 30.73 -34.71 -8.07
N THR B 66 31.31 -34.07 -7.03
CA THR B 66 30.57 -33.06 -6.27
C THR B 66 30.74 -31.65 -6.80
N ALA B 67 31.50 -31.48 -7.87
CA ALA B 67 31.87 -30.14 -8.33
C ALA B 67 30.69 -29.25 -8.59
N ASP B 68 29.64 -29.71 -9.24
CA ASP B 68 28.46 -28.88 -9.43
C ASP B 68 27.23 -29.72 -9.61
N HIS B 69 26.07 -29.15 -9.27
CA HIS B 69 24.81 -29.83 -9.52
C HIS B 69 23.76 -28.82 -9.90
N GLY B 70 24.16 -27.80 -10.69
CA GLY B 70 23.25 -26.82 -11.23
C GLY B 70 22.99 -25.63 -10.34
N PRO B 71 22.26 -24.66 -10.90
CA PRO B 71 22.06 -23.36 -10.25
C PRO B 71 20.87 -23.28 -9.32
N ALA B 72 20.09 -24.35 -9.21
CA ALA B 72 18.83 -24.31 -8.47
C ALA B 72 18.98 -24.61 -7.00
N VAL B 73 20.04 -25.34 -6.65
CA VAL B 73 20.25 -25.72 -5.25
C VAL B 73 20.60 -24.52 -4.41
N SER B 74 20.31 -24.61 -3.12
CA SER B 74 20.42 -23.46 -2.22
C SER B 74 21.68 -22.67 -2.37
N GLY B 75 22.81 -23.35 -2.28
CA GLY B 75 24.05 -22.61 -2.27
C GLY B 75 24.42 -21.99 -3.61
N ALA B 76 24.15 -22.71 -4.73
CA ALA B 76 24.47 -22.15 -6.02
C ALA B 76 23.58 -20.95 -6.26
N HIS B 77 22.32 -21.07 -5.88
CA HIS B 77 21.36 -20.00 -6.01
C HIS B 77 21.79 -18.75 -5.24
N ASN B 78 22.23 -18.94 -3.98
CA ASN B 78 22.68 -17.82 -3.18
C ASN B 78 23.93 -17.17 -3.79
N THR B 79 24.88 -18.00 -4.28
CA THR B 79 26.06 -17.45 -4.93
C THR B 79 25.66 -16.62 -6.16
N ILE B 80 24.75 -17.15 -6.95
CA ILE B 80 24.25 -16.46 -8.14
C ILE B 80 23.63 -15.12 -7.78
N ILE B 81 22.86 -15.08 -6.68
N ILE B 81 22.75 -15.09 -6.77
CA ILE B 81 22.26 -13.83 -6.24
CA ILE B 81 22.11 -13.82 -6.40
C ILE B 81 23.35 -12.83 -5.91
C ILE B 81 23.16 -12.83 -5.93
N CYS B 82 24.39 -13.25 -5.17
N CYS B 82 24.21 -13.33 -5.27
CA CYS B 82 25.48 -12.29 -4.88
CA CYS B 82 25.30 -12.49 -4.81
C CYS B 82 26.13 -11.82 -6.14
C CYS B 82 26.10 -11.92 -6.03
N ALA B 83 26.41 -12.75 -7.06
CA ALA B 83 27.08 -12.33 -8.28
C ALA B 83 26.21 -11.29 -9.00
N ARG B 84 24.91 -11.54 -9.06
CA ARG B 84 23.98 -10.61 -9.70
C ARG B 84 23.87 -9.30 -8.95
N ALA B 85 24.20 -9.30 -7.66
CA ALA B 85 24.24 -8.06 -6.87
C ALA B 85 25.57 -7.33 -7.02
N GLY B 86 26.41 -7.77 -7.93
CA GLY B 86 27.67 -7.11 -8.23
C GLY B 86 28.76 -7.36 -7.22
N LYS B 87 28.67 -8.44 -6.44
CA LYS B 87 29.71 -8.75 -5.46
C LYS B 87 30.92 -9.42 -6.06
N ASP B 88 31.97 -9.44 -5.25
CA ASP B 88 33.22 -10.08 -5.54
C ASP B 88 33.10 -11.61 -5.42
N LEU B 89 34.10 -12.35 -5.91
CA LEU B 89 34.10 -13.79 -5.92
C LEU B 89 34.02 -14.39 -4.54
N VAL B 90 34.87 -13.97 -3.62
CA VAL B 90 34.85 -14.59 -2.30
C VAL B 90 33.54 -14.36 -1.58
N SER B 91 33.02 -13.15 -1.63
CA SER B 91 31.73 -12.90 -0.95
C SER B 91 30.65 -13.78 -1.54
N SER B 92 30.64 -13.92 -2.83
CA SER B 92 29.60 -14.72 -3.52
C SER B 92 29.72 -16.18 -3.23
N LEU B 93 30.95 -16.70 -3.32
CA LEU B 93 31.20 -18.08 -2.96
C LEU B 93 30.76 -18.37 -1.52
N THR B 94 31.18 -17.49 -0.60
N THR B 94 31.25 -17.57 -0.53
CA THR B 94 30.90 -17.69 0.81
CA THR B 94 30.90 -17.82 0.89
C THR B 94 29.41 -17.68 1.10
C THR B 94 29.39 -17.68 1.15
N SER B 95 28.68 -16.76 0.45
CA SER B 95 27.25 -16.68 0.64
C SER B 95 26.58 -18.02 0.32
N GLY B 96 27.06 -18.71 -0.71
CA GLY B 96 26.55 -20.04 -1.07
C GLY B 96 27.07 -21.15 -0.16
N LEU B 97 28.36 -21.09 0.18
CA LEU B 97 28.87 -22.13 1.09
C LEU B 97 28.15 -22.15 2.42
N LEU B 98 27.69 -20.98 2.88
CA LEU B 98 27.02 -20.89 4.17
C LEU B 98 25.67 -21.60 4.20
N THR B 99 25.15 -22.06 3.06
CA THR B 99 23.93 -22.85 3.06
C THR B 99 24.18 -24.34 3.31
N ILE B 100 25.46 -24.78 3.26
CA ILE B 100 25.79 -26.21 3.36
C ILE B 100 25.66 -26.67 4.80
N GLY B 101 24.87 -27.71 5.01
CA GLY B 101 24.55 -28.17 6.34
C GLY B 101 23.73 -29.42 6.32
N ASP B 102 22.89 -29.55 7.33
CA ASP B 102 22.11 -30.74 7.60
C ASP B 102 21.18 -31.13 6.49
N ARG B 103 20.66 -30.15 5.73
CA ARG B 103 19.71 -30.43 4.69
C ARG B 103 20.32 -30.50 3.30
N PHE B 104 21.32 -29.69 3.01
CA PHE B 104 21.95 -29.55 1.72
C PHE B 104 23.45 -29.68 1.83
N GLY B 105 24.03 -30.71 1.23
CA GLY B 105 25.48 -30.86 1.11
C GLY B 105 26.33 -31.20 2.32
N GLY B 106 25.76 -31.12 3.51
CA GLY B 106 26.51 -31.27 4.75
C GLY B 106 26.07 -32.40 5.61
N ALA B 107 25.58 -33.48 4.98
CA ALA B 107 25.12 -34.65 5.70
C ALA B 107 26.12 -35.82 5.63
N LEU B 108 27.35 -35.57 5.17
CA LEU B 108 28.33 -36.65 5.08
C LEU B 108 28.78 -37.14 6.44
N ASP B 109 29.08 -36.21 7.35
CA ASP B 109 29.53 -36.59 8.70
C ASP B 109 28.41 -37.37 9.38
N ALA B 110 27.17 -36.85 9.30
CA ALA B 110 26.08 -37.49 10.01
C ALA B 110 25.71 -38.85 9.42
N ALA B 111 25.81 -38.99 8.11
CA ALA B 111 25.55 -40.28 7.46
C ALA B 111 26.59 -41.29 7.90
N ALA B 112 27.86 -40.90 7.88
CA ALA B 112 28.91 -41.81 8.31
C ALA B 112 28.70 -42.25 9.72
N LYS B 113 28.38 -41.31 10.60
CA LYS B 113 28.16 -41.66 12.00
C LYS B 113 26.96 -42.56 12.19
N MET B 114 25.82 -42.21 11.56
CA MET B 114 24.61 -42.97 11.78
C MET B 114 24.71 -44.37 11.20
N PHE B 115 25.21 -44.50 9.98
CA PHE B 115 25.36 -45.83 9.39
C PHE B 115 26.40 -46.66 10.12
N SER B 116 27.54 -46.06 10.51
CA SER B 116 28.56 -46.80 11.25
C SER B 116 28.01 -47.30 12.58
N LYS B 117 27.28 -46.45 13.33
CA LYS B 117 26.81 -46.91 14.63
C LYS B 117 25.76 -47.99 14.49
N ALA B 118 24.89 -47.92 13.47
CA ALA B 118 23.92 -49.00 13.23
C ALA B 118 24.63 -50.28 12.84
N PHE B 119 25.53 -50.22 11.87
CA PHE B 119 26.24 -51.39 11.43
C PHE B 119 26.98 -52.05 12.59
N ASP B 120 27.76 -51.26 13.31
CA ASP B 120 28.57 -51.79 14.41
C ASP B 120 27.70 -52.36 15.51
N SER B 121 26.46 -51.84 15.70
CA SER B 121 25.57 -52.33 16.74
C SER B 121 24.99 -53.70 16.44
N GLY B 122 25.10 -54.17 15.19
CA GLY B 122 24.56 -55.47 14.79
C GLY B 122 23.12 -55.44 14.32
N ILE B 123 22.48 -54.27 14.33
CA ILE B 123 21.10 -54.14 13.89
C ILE B 123 21.02 -54.34 12.38
N ILE B 124 20.04 -55.10 11.90
CA ILE B 124 19.97 -55.38 10.47
C ILE B 124 19.31 -54.19 9.77
N PRO B 125 19.53 -54.02 8.46
CA PRO B 125 18.99 -52.86 7.75
C PRO B 125 17.50 -52.59 7.96
N MET B 126 16.65 -53.62 7.89
CA MET B 126 15.21 -53.42 8.07
C MET B 126 14.88 -52.87 9.44
N GLU B 127 15.53 -53.40 10.47
CA GLU B 127 15.28 -52.96 11.82
C GLU B 127 15.86 -51.60 12.10
N PHE B 128 16.96 -51.22 11.41
CA PHE B 128 17.49 -49.85 11.52
C PHE B 128 16.45 -48.87 10.94
N VAL B 129 15.87 -49.18 9.76
CA VAL B 129 14.89 -48.30 9.12
C VAL B 129 13.66 -48.13 10.02
N ASN B 130 13.17 -49.23 10.55
CA ASN B 130 12.02 -49.19 11.44
C ASN B 130 12.32 -48.39 12.71
N LYS B 131 13.48 -48.59 13.32
CA LYS B 131 13.90 -47.90 14.55
C LYS B 131 13.95 -46.38 14.32
N MET B 132 14.49 -45.94 13.19
CA MET B 132 14.59 -44.51 12.91
C MET B 132 13.20 -43.92 12.67
N LYS B 133 12.32 -44.68 11.98
CA LYS B 133 10.94 -44.26 11.72
C LYS B 133 10.18 -44.14 13.03
N LYS B 134 10.34 -45.10 13.95
CA LYS B 134 9.69 -45.11 15.27
C LYS B 134 10.14 -43.89 16.10
N GLU B 135 11.44 -43.55 16.02
CA GLU B 135 12.04 -42.43 16.74
C GLU B 135 11.91 -41.06 16.05
N GLY B 136 11.27 -41.01 14.86
CA GLY B 136 11.08 -39.77 14.11
C GLY B 136 12.37 -39.13 13.64
N LYS B 137 13.44 -39.93 13.46
CA LYS B 137 14.76 -39.46 13.03
C LYS B 137 14.98 -39.66 11.53
N LEU B 138 15.36 -38.60 10.80
CA LEU B 138 15.71 -38.72 9.42
C LEU B 138 17.00 -39.49 9.30
N ILE B 139 17.09 -40.39 8.29
CA ILE B 139 18.28 -41.14 8.03
C ILE B 139 19.17 -40.20 7.23
N MET B 140 20.28 -39.75 7.81
CA MET B 140 21.17 -38.83 7.12
C MET B 140 21.88 -39.57 5.99
N GLY B 141 21.97 -38.92 4.85
CA GLY B 141 22.53 -39.57 3.68
C GLY B 141 21.50 -40.26 2.81
N ILE B 142 20.24 -40.19 3.18
CA ILE B 142 19.14 -40.72 2.41
C ILE B 142 18.24 -39.56 2.06
N GLY B 143 17.70 -39.62 0.85
CA GLY B 143 16.76 -38.64 0.36
C GLY B 143 17.30 -37.61 -0.61
N HIS B 144 16.43 -37.20 -1.53
CA HIS B 144 16.81 -36.16 -2.49
C HIS B 144 15.57 -35.50 -3.00
N ARG B 145 15.65 -34.18 -3.28
CA ARG B 145 14.50 -33.45 -3.76
C ARG B 145 14.10 -33.88 -5.17
N VAL B 146 15.08 -34.15 -6.06
CA VAL B 146 14.76 -34.44 -7.48
C VAL B 146 15.25 -35.82 -7.96
N LYS B 147 16.39 -36.33 -7.45
CA LYS B 147 16.86 -37.66 -7.83
C LYS B 147 16.08 -38.71 -7.07
N SER B 148 15.86 -39.87 -7.69
CA SER B 148 14.99 -40.87 -7.13
C SER B 148 15.26 -42.23 -7.75
N ILE B 149 14.43 -43.22 -7.44
CA ILE B 149 14.54 -44.53 -8.13
C ILE B 149 14.40 -44.36 -9.63
N ASN B 150 13.44 -43.51 -10.05
CA ASN B 150 13.15 -43.31 -11.45
C ASN B 150 14.03 -42.30 -12.12
N ASN B 151 14.85 -41.59 -11.36
CA ASN B 151 15.71 -40.55 -11.85
C ASN B 151 17.04 -40.74 -11.11
N PRO B 152 17.76 -41.83 -11.41
CA PRO B 152 18.96 -42.16 -10.61
C PRO B 152 20.09 -41.17 -10.73
N ASP B 153 20.95 -41.17 -9.69
CA ASP B 153 22.07 -40.25 -9.62
C ASP B 153 23.33 -40.92 -10.18
N MET B 154 23.79 -40.47 -11.36
CA MET B 154 24.97 -41.07 -11.96
C MET B 154 26.21 -40.83 -11.12
N ARG B 155 26.22 -39.78 -10.30
CA ARG B 155 27.39 -39.57 -9.45
C ARG B 155 27.54 -40.73 -8.47
N VAL B 156 26.42 -41.18 -7.90
CA VAL B 156 26.43 -42.28 -6.95
C VAL B 156 26.86 -43.56 -7.70
N GLN B 157 26.38 -43.76 -8.93
CA GLN B 157 26.78 -44.95 -9.69
C GLN B 157 28.28 -44.98 -9.98
N ILE B 158 28.84 -43.83 -10.35
CA ILE B 158 30.26 -43.73 -10.63
C ILE B 158 31.08 -44.06 -9.38
N LEU B 159 30.68 -43.45 -8.26
CA LEU B 159 31.39 -43.69 -7.00
C LEU B 159 31.29 -45.17 -6.59
N LYS B 160 30.09 -45.74 -6.66
CA LYS B 160 29.93 -47.16 -6.32
C LYS B 160 30.79 -48.06 -7.17
N ASP B 161 30.81 -47.83 -8.48
CA ASP B 161 31.61 -48.64 -9.37
C ASP B 161 33.08 -48.59 -9.01
N TYR B 162 33.60 -47.40 -8.65
CA TYR B 162 35.00 -47.29 -8.29
C TYR B 162 35.27 -48.07 -7.02
N VAL B 163 34.44 -47.85 -6.00
CA VAL B 163 34.65 -48.49 -4.71
C VAL B 163 34.60 -50.02 -4.86
N ARG B 164 33.67 -50.51 -5.63
CA ARG B 164 33.56 -51.97 -5.79
C ARG B 164 34.76 -52.55 -6.56
N GLN B 165 35.27 -51.82 -7.53
CA GLN B 165 36.41 -52.26 -8.31
C GLN B 165 37.71 -52.19 -7.51
N HIS B 166 37.89 -51.18 -6.65
CA HIS B 166 39.20 -50.91 -6.07
C HIS B 166 39.33 -51.00 -4.57
N PHE B 167 38.25 -50.89 -3.80
CA PHE B 167 38.45 -50.96 -2.36
C PHE B 167 38.61 -52.39 -1.88
N PRO B 168 39.48 -52.64 -0.92
CA PRO B 168 39.63 -54.02 -0.41
C PRO B 168 38.45 -54.54 0.36
N ALA B 169 37.65 -53.66 1.02
CA ALA B 169 36.53 -54.11 1.84
C ALA B 169 35.49 -53.01 1.87
N THR B 170 34.20 -53.35 1.65
CA THR B 170 33.16 -52.32 1.62
C THR B 170 31.97 -52.68 2.49
N PRO B 171 32.16 -53.12 3.74
CA PRO B 171 31.00 -53.59 4.52
C PRO B 171 30.00 -52.50 4.83
N LEU B 172 30.42 -51.26 5.09
CA LEU B 172 29.45 -50.20 5.40
C LEU B 172 28.69 -49.76 4.17
N LEU B 173 29.35 -49.65 3.02
CA LEU B 173 28.64 -49.34 1.80
C LEU B 173 27.61 -50.47 1.52
N ASP B 174 28.00 -51.75 1.69
CA ASP B 174 27.08 -52.86 1.43
C ASP B 174 25.85 -52.72 2.33
N TYR B 175 26.05 -52.38 3.62
CA TYR B 175 24.98 -52.20 4.58
C TYR B 175 24.09 -51.03 4.15
N ALA B 176 24.70 -49.90 3.79
CA ALA B 176 23.91 -48.75 3.37
C ALA B 176 23.10 -49.04 2.11
N LEU B 177 23.63 -49.82 1.19
CA LEU B 177 22.90 -50.16 -0.02
C LEU B 177 21.73 -51.09 0.31
N GLU B 178 21.85 -51.92 1.37
CA GLU B 178 20.70 -52.73 1.82
C GLU B 178 19.65 -51.81 2.45
N VAL B 179 20.08 -50.80 3.22
CA VAL B 179 19.15 -49.83 3.77
C VAL B 179 18.42 -49.10 2.62
N GLU B 180 19.14 -48.70 1.58
CA GLU B 180 18.54 -48.02 0.42
C GLU B 180 17.49 -48.86 -0.28
N LYS B 181 17.74 -50.15 -0.42
CA LYS B 181 16.74 -51.02 -1.05
C LYS B 181 15.43 -50.92 -0.30
N ILE B 182 15.51 -50.87 1.04
CA ILE B 182 14.33 -50.79 1.87
C ILE B 182 13.72 -49.42 1.80
N THR B 183 14.52 -48.35 1.99
CA THR B 183 13.93 -47.03 2.04
C THR B 183 13.30 -46.67 0.68
N THR B 184 13.94 -47.05 -0.44
CA THR B 184 13.37 -46.77 -1.76
C THR B 184 12.11 -47.59 -2.06
N SER B 185 11.90 -48.72 -1.38
CA SER B 185 10.64 -49.44 -1.52
C SER B 185 9.55 -48.64 -0.79
N LYS B 186 9.93 -47.94 0.28
CA LYS B 186 8.96 -47.16 1.04
C LYS B 186 8.55 -45.90 0.30
N LYS B 187 9.51 -45.13 -0.21
CA LYS B 187 9.24 -43.89 -0.93
C LYS B 187 10.33 -43.69 -1.98
N PRO B 188 9.99 -43.22 -3.18
CA PRO B 188 10.95 -43.23 -4.27
C PRO B 188 12.08 -42.25 -4.17
N ASN B 189 11.88 -41.22 -3.35
CA ASN B 189 12.88 -40.18 -3.13
C ASN B 189 13.94 -40.58 -2.15
N LEU B 190 13.77 -41.73 -1.44
CA LEU B 190 14.71 -42.11 -0.37
C LEU B 190 15.89 -42.92 -0.89
N ILE B 191 16.59 -42.33 -1.85
CA ILE B 191 17.83 -42.91 -2.37
C ILE B 191 18.94 -42.65 -1.42
N LEU B 192 20.02 -43.38 -1.60
CA LEU B 192 21.29 -43.11 -0.95
C LEU B 192 21.88 -42.00 -1.78
N ASN B 193 21.92 -40.78 -1.21
CA ASN B 193 22.35 -39.61 -1.92
C ASN B 193 23.87 -39.49 -1.91
N VAL B 194 24.40 -38.48 -2.60
N VAL B 194 24.42 -38.50 -2.62
CA VAL B 194 25.82 -38.30 -2.72
CA VAL B 194 25.87 -38.33 -2.68
C VAL B 194 26.49 -38.13 -1.35
C VAL B 194 26.49 -38.15 -1.31
N ASP B 195 25.81 -37.49 -0.39
CA ASP B 195 26.34 -37.31 0.96
C ASP B 195 26.46 -38.67 1.65
N GLY B 196 25.44 -39.49 1.52
CA GLY B 196 25.46 -40.80 2.13
C GLY B 196 26.49 -41.72 1.51
N LEU B 197 26.58 -41.71 0.19
CA LEU B 197 27.56 -42.56 -0.50
C LEU B 197 28.97 -42.18 -0.10
N ILE B 198 29.32 -40.91 -0.22
CA ILE B 198 30.68 -40.51 0.12
C ILE B 198 30.95 -40.74 1.58
N GLY B 199 29.98 -40.44 2.45
CA GLY B 199 30.23 -40.64 3.86
C GLY B 199 30.56 -42.07 4.19
N VAL B 200 29.69 -42.99 3.74
CA VAL B 200 29.91 -44.40 4.06
C VAL B 200 31.14 -44.96 3.36
N ALA B 201 31.42 -44.52 2.12
CA ALA B 201 32.63 -44.98 1.47
C ALA B 201 33.87 -44.55 2.18
N PHE B 202 33.89 -43.29 2.69
CA PHE B 202 35.04 -42.86 3.46
C PHE B 202 35.24 -43.67 4.72
N VAL B 203 34.17 -44.11 5.39
CA VAL B 203 34.36 -44.96 6.57
C VAL B 203 35.06 -46.26 6.13
N ASP B 204 34.55 -46.89 5.07
CA ASP B 204 35.18 -48.10 4.55
C ASP B 204 36.63 -47.84 4.15
N MET B 205 36.92 -46.71 3.54
CA MET B 205 38.27 -46.39 3.09
C MET B 205 39.18 -46.21 4.28
N LEU B 206 38.78 -45.36 5.24
CA LEU B 206 39.59 -45.05 6.39
C LEU B 206 39.83 -46.30 7.27
N ARG B 207 38.81 -47.13 7.49
CA ARG B 207 38.97 -48.29 8.37
C ARG B 207 39.80 -49.37 7.71
N ASN B 208 39.83 -49.47 6.37
CA ASN B 208 40.47 -50.60 5.70
C ASN B 208 41.64 -50.31 4.81
N CYS B 209 42.05 -49.04 4.63
CA CYS B 209 43.20 -48.75 3.76
C CYS B 209 44.56 -49.11 4.36
N GLY B 210 44.65 -49.33 5.69
CA GLY B 210 45.88 -49.68 6.38
C GLY B 210 46.65 -48.52 6.96
N SER B 211 46.23 -47.28 6.67
CA SER B 211 46.92 -46.09 7.16
C SER B 211 46.46 -45.68 8.54
N PHE B 212 45.28 -46.19 8.99
CA PHE B 212 44.70 -45.78 10.28
C PHE B 212 44.33 -46.95 11.12
N THR B 213 44.38 -46.76 12.44
CA THR B 213 43.82 -47.74 13.36
C THR B 213 42.31 -47.45 13.38
N ARG B 214 41.51 -48.36 13.94
CA ARG B 214 40.05 -48.15 14.08
C ARG B 214 39.79 -46.83 14.85
N GLU B 215 40.59 -46.57 15.93
CA GLU B 215 40.48 -45.35 16.75
C GLU B 215 40.75 -44.10 15.93
N GLU B 216 41.84 -44.08 15.13
CA GLU B 216 42.15 -42.93 14.30
C GLU B 216 41.06 -42.75 13.27
N ALA B 217 40.59 -43.84 12.64
CA ALA B 217 39.52 -43.73 11.62
C ALA B 217 38.26 -43.12 12.22
N ASP B 218 37.84 -43.59 13.40
CA ASP B 218 36.65 -43.03 14.05
C ASP B 218 36.82 -41.58 14.47
N GLU B 219 38.04 -41.14 14.87
CA GLU B 219 38.28 -39.75 15.26
C GLU B 219 38.05 -38.84 14.06
N TYR B 220 38.38 -39.31 12.86
CA TYR B 220 38.19 -38.49 11.65
C TYR B 220 36.79 -38.24 11.33
N ILE B 221 35.95 -39.23 11.55
N ILE B 221 35.93 -39.23 11.53
CA ILE B 221 34.52 -39.12 11.38
CA ILE B 221 34.50 -39.06 11.33
C ILE B 221 34.07 -38.07 12.41
C ILE B 221 33.95 -38.14 12.44
N ASP B 222 34.49 -38.22 13.67
CA ASP B 222 34.05 -37.33 14.75
C ASP B 222 34.36 -35.82 14.59
N ILE B 223 35.60 -35.45 14.16
CA ILE B 223 35.98 -34.03 14.01
C ILE B 223 35.43 -33.37 12.74
N GLY B 224 34.81 -34.15 11.86
CA GLY B 224 34.13 -33.57 10.71
C GLY B 224 34.89 -33.41 9.42
N ALA B 225 35.85 -34.27 9.16
CA ALA B 225 36.59 -34.22 7.90
C ALA B 225 35.74 -34.53 6.66
N LEU B 226 34.80 -35.47 6.78
CA LEU B 226 34.07 -35.94 5.61
C LEU B 226 33.23 -34.84 4.94
N ASN B 227 32.57 -33.99 5.73
CA ASN B 227 31.83 -32.87 5.14
C ASN B 227 32.73 -31.98 4.31
N GLY B 228 34.01 -31.88 4.67
CA GLY B 228 34.92 -31.04 3.94
C GLY B 228 35.07 -31.46 2.48
N ILE B 229 34.86 -32.73 2.17
CA ILE B 229 34.98 -33.19 0.77
C ILE B 229 33.96 -32.49 -0.10
N PHE B 230 32.72 -32.43 0.34
CA PHE B 230 31.69 -31.75 -0.43
C PHE B 230 31.93 -30.26 -0.50
N VAL B 231 32.37 -29.65 0.61
CA VAL B 231 32.63 -28.22 0.61
C VAL B 231 33.72 -27.87 -0.42
N LEU B 232 34.82 -28.59 -0.37
CA LEU B 232 35.92 -28.34 -1.30
C LEU B 232 35.50 -28.64 -2.72
N GLY B 233 34.80 -29.74 -2.95
CA GLY B 233 34.38 -30.08 -4.29
C GLY B 233 33.42 -29.05 -4.87
N ARG B 234 32.36 -28.74 -4.14
CA ARG B 234 31.32 -27.86 -4.64
C ARG B 234 31.78 -26.42 -4.75
N SER B 235 32.84 -26.04 -4.05
CA SER B 235 33.37 -24.70 -4.24
C SER B 235 33.75 -24.46 -5.69
N MET B 236 34.19 -25.52 -6.40
N MET B 236 34.19 -25.49 -6.41
CA MET B 236 34.52 -25.49 -7.84
CA MET B 236 34.53 -25.25 -7.82
C MET B 236 33.33 -24.97 -8.64
C MET B 236 33.26 -24.83 -8.57
N GLY B 237 32.17 -25.55 -8.37
CA GLY B 237 30.95 -25.21 -9.07
C GLY B 237 30.41 -23.85 -8.70
N PHE B 238 30.48 -23.50 -7.41
CA PHE B 238 29.97 -22.19 -7.01
C PHE B 238 30.80 -21.04 -7.65
N ILE B 239 32.13 -21.21 -7.71
CA ILE B 239 32.93 -20.22 -8.40
C ILE B 239 32.52 -20.19 -9.90
N GLY B 240 32.28 -21.36 -10.48
CA GLY B 240 31.85 -21.43 -11.87
C GLY B 240 30.56 -20.64 -12.07
N HIS B 241 29.62 -20.75 -11.13
CA HIS B 241 28.37 -19.98 -11.25
C HIS B 241 28.60 -18.48 -11.14
N TYR B 242 29.49 -18.09 -10.19
CA TYR B 242 29.84 -16.68 -10.07
C TYR B 242 30.34 -16.14 -11.40
N LEU B 243 31.30 -16.86 -12.01
CA LEU B 243 31.88 -16.40 -13.28
C LEU B 243 30.85 -16.36 -14.38
N ASP B 244 29.99 -17.37 -14.39
CA ASP B 244 28.97 -17.48 -15.42
C ASP B 244 28.01 -16.30 -15.39
N GLN B 245 27.54 -15.94 -14.20
CA GLN B 245 26.60 -14.81 -14.10
C GLN B 245 27.23 -13.51 -14.57
N LYS B 246 28.52 -13.34 -14.30
CA LYS B 246 29.21 -12.11 -14.73
C LYS B 246 29.44 -12.12 -16.22
N ARG B 247 29.77 -13.28 -16.79
CA ARG B 247 30.00 -13.38 -18.24
C ARG B 247 28.67 -13.11 -18.96
N LEU B 248 27.56 -13.60 -18.39
CA LEU B 248 26.20 -13.41 -18.91
C LEU B 248 25.60 -12.03 -18.61
N LYS B 249 26.38 -11.13 -17.93
CA LYS B 249 26.00 -9.76 -17.55
C LYS B 249 24.63 -9.72 -16.93
N GLN B 250 24.46 -10.60 -15.93
CA GLN B 250 23.18 -10.70 -15.24
C GLN B 250 23.04 -9.60 -14.17
N GLY B 251 21.93 -8.87 -14.21
CA GLY B 251 21.66 -7.75 -13.33
C GLY B 251 21.05 -8.12 -12.00
N LEU B 252 20.85 -7.10 -11.18
CA LEU B 252 20.33 -7.31 -9.82
C LEU B 252 19.04 -8.11 -9.82
N TYR B 253 18.95 -9.14 -8.98
CA TYR B 253 17.74 -9.94 -8.87
C TYR B 253 16.91 -9.45 -7.71
N ARG B 254 15.57 -9.51 -7.86
CA ARG B 254 14.61 -9.24 -6.82
C ARG B 254 13.52 -10.26 -7.00
N HIS B 255 13.22 -11.03 -5.95
CA HIS B 255 12.27 -12.13 -6.09
C HIS B 255 10.84 -11.64 -6.37
N PRO B 256 10.04 -12.31 -7.22
CA PRO B 256 8.72 -11.76 -7.53
C PRO B 256 7.74 -11.87 -6.37
N TRP B 257 6.96 -10.81 -6.18
CA TRP B 257 5.99 -10.80 -5.11
C TRP B 257 4.93 -11.90 -5.26
N ASP B 258 4.61 -12.30 -6.48
CA ASP B 258 3.62 -13.36 -6.68
C ASP B 258 4.03 -14.71 -6.13
N ASP B 259 5.31 -14.93 -5.84
CA ASP B 259 5.79 -16.19 -5.30
C ASP B 259 6.00 -16.08 -3.78
N ILE B 260 5.46 -15.03 -3.16
CA ILE B 260 5.62 -14.81 -1.71
C ILE B 260 4.27 -14.55 -1.10
N SER B 261 3.94 -15.28 -0.06
CA SER B 261 2.71 -15.08 0.69
C SER B 261 3.03 -14.20 1.90
N TYR B 262 2.57 -12.93 1.88
CA TYR B 262 2.75 -12.01 3.00
C TYR B 262 1.60 -12.20 3.95
N VAL B 263 1.87 -12.70 5.17
CA VAL B 263 0.80 -12.87 6.16
C VAL B 263 1.29 -12.23 7.43
N LEU B 264 1.07 -10.94 7.52
CA LEU B 264 1.48 -10.14 8.66
C LEU B 264 0.36 -10.08 9.68
N PRO B 265 0.67 -9.68 10.90
CA PRO B 265 -0.38 -9.47 11.90
C PRO B 265 -1.33 -8.34 11.47
N GLU B 266 -2.60 -8.41 11.90
CA GLU B 266 -3.59 -7.37 11.56
C GLU B 266 -3.55 -6.25 12.59
N LYS C 5 5.43 -17.00 -18.08
CA LYS C 5 6.43 -16.14 -17.45
C LYS C 5 7.85 -16.50 -17.95
N PRO C 6 8.65 -15.56 -18.48
CA PRO C 6 10.00 -15.93 -18.96
C PRO C 6 10.93 -16.31 -17.82
N ALA C 7 11.93 -17.15 -18.09
CA ALA C 7 12.84 -17.54 -17.04
C ALA C 7 13.62 -16.34 -16.52
N SER C 8 13.80 -16.28 -15.22
CA SER C 8 14.48 -15.19 -14.54
C SER C 8 15.96 -15.45 -14.42
N PHE C 9 16.38 -16.73 -14.45
CA PHE C 9 17.78 -17.10 -14.34
C PHE C 9 18.27 -17.70 -15.63
N MET C 10 19.55 -17.48 -15.90
N MET C 10 19.54 -17.44 -15.93
CA MET C 10 20.25 -18.03 -17.07
CA MET C 10 20.25 -18.03 -17.07
C MET C 10 21.50 -18.72 -16.56
C MET C 10 21.45 -18.79 -16.49
N THR C 11 21.81 -19.92 -17.10
CA THR C 11 22.95 -20.68 -16.66
C THR C 11 23.56 -21.38 -17.84
N SER C 12 24.86 -21.65 -17.78
N SER C 12 24.88 -21.57 -17.78
CA SER C 12 25.50 -22.33 -18.90
CA SER C 12 25.65 -22.19 -18.86
C SER C 12 26.58 -23.31 -18.51
C SER C 12 26.51 -23.35 -18.52
N ILE C 13 26.69 -23.72 -17.25
CA ILE C 13 27.81 -24.61 -16.88
C ILE C 13 27.48 -26.02 -16.55
N CYS C 14 26.26 -26.32 -16.10
CA CYS C 14 25.93 -27.66 -15.64
C CYS C 14 24.44 -27.87 -15.78
N ASP C 15 24.04 -29.05 -16.22
CA ASP C 15 22.65 -29.41 -16.36
C ASP C 15 22.42 -30.68 -15.60
N GLU C 16 21.67 -30.58 -14.49
CA GLU C 16 21.34 -31.74 -13.66
C GLU C 16 19.91 -32.20 -13.82
N ARG C 17 19.19 -31.69 -14.84
CA ARG C 17 17.78 -32.03 -15.03
C ARG C 17 17.50 -33.41 -15.56
N GLY C 18 18.39 -33.93 -16.39
CA GLY C 18 18.19 -35.22 -17.00
C GLY C 18 18.56 -36.34 -16.06
N GLN C 19 18.47 -37.58 -16.53
CA GLN C 19 18.84 -38.71 -15.68
C GLN C 19 20.31 -38.62 -15.37
N GLU C 20 21.14 -38.34 -16.41
CA GLU C 20 22.57 -38.18 -16.24
C GLU C 20 23.03 -36.74 -16.17
N LEU C 21 23.75 -36.42 -15.11
CA LEU C 21 24.38 -35.11 -14.92
C LEU C 21 25.27 -34.74 -16.11
N ILE C 22 25.23 -33.45 -16.51
CA ILE C 22 26.07 -32.91 -17.57
C ILE C 22 26.91 -31.76 -17.07
N TYR C 23 28.24 -31.74 -17.38
CA TYR C 23 29.11 -30.60 -17.10
C TYR C 23 29.45 -29.96 -18.43
N ALA C 24 28.94 -28.75 -18.70
CA ALA C 24 29.28 -27.98 -19.90
C ALA C 24 29.15 -28.75 -21.20
N GLY C 25 28.06 -29.49 -21.34
CA GLY C 25 27.77 -30.25 -22.55
C GLY C 25 28.27 -31.68 -22.56
N MET C 26 29.08 -32.08 -21.56
CA MET C 26 29.59 -33.44 -21.45
C MET C 26 28.85 -34.21 -20.38
N PRO C 27 28.32 -35.39 -20.67
CA PRO C 27 27.76 -36.22 -19.60
C PRO C 27 28.88 -36.59 -18.64
N ILE C 28 28.55 -36.68 -17.36
CA ILE C 28 29.55 -36.99 -16.35
C ILE C 28 30.31 -38.29 -16.65
N THR C 29 29.68 -39.30 -17.25
CA THR C 29 30.41 -40.51 -17.57
C THR C 29 31.50 -40.25 -18.57
N GLU C 30 31.26 -39.32 -19.53
CA GLU C 30 32.26 -38.98 -20.53
C GLU C 30 33.41 -38.21 -19.90
N VAL C 31 33.12 -37.39 -18.88
CA VAL C 31 34.17 -36.68 -18.17
C VAL C 31 35.21 -37.67 -17.61
N PHE C 32 34.71 -38.77 -17.02
CA PHE C 32 35.57 -39.82 -16.47
C PHE C 32 36.19 -40.69 -17.55
N LYS C 33 35.45 -41.03 -18.61
CA LYS C 33 36.00 -41.81 -19.75
C LYS C 33 37.19 -41.06 -20.39
N GLU C 34 37.09 -39.74 -20.50
CA GLU C 34 38.15 -38.91 -21.09
C GLU C 34 39.27 -38.58 -20.07
N GLU C 35 39.13 -39.06 -18.81
N GLU C 35 39.17 -39.07 -18.80
CA GLU C 35 40.09 -38.88 -17.76
CA GLU C 35 40.16 -38.85 -17.75
C GLU C 35 40.49 -37.41 -17.60
C GLU C 35 40.51 -37.39 -17.60
N MET C 36 39.48 -36.56 -17.53
CA MET C 36 39.65 -35.12 -17.47
C MET C 36 40.28 -34.63 -16.18
N GLY C 37 40.05 -35.33 -15.09
CA GLY C 37 40.61 -34.92 -13.83
C GLY C 37 39.98 -33.66 -13.27
N ILE C 38 40.44 -33.24 -12.13
CA ILE C 38 39.97 -32.02 -11.50
C ILE C 38 40.24 -30.80 -12.39
N GLY C 39 41.41 -30.76 -13.02
CA GLY C 39 41.76 -29.63 -13.87
C GLY C 39 40.87 -29.55 -15.09
N GLY C 40 40.51 -30.67 -15.69
CA GLY C 40 39.59 -30.68 -16.81
C GLY C 40 38.17 -30.33 -16.41
N VAL C 41 37.72 -30.75 -15.22
CA VAL C 41 36.41 -30.34 -14.73
C VAL C 41 36.39 -28.83 -14.52
N LEU C 42 37.49 -28.26 -14.01
CA LEU C 42 37.55 -26.82 -13.83
C LEU C 42 37.47 -26.13 -15.18
N GLY C 43 38.16 -26.68 -16.18
CA GLY C 43 38.09 -26.08 -17.50
C GLY C 43 36.65 -26.05 -18.02
N LEU C 44 35.88 -27.11 -17.76
CA LEU C 44 34.48 -27.14 -18.19
C LEU C 44 33.62 -26.17 -17.40
N LEU C 45 33.71 -26.22 -16.07
CA LEU C 45 32.82 -25.42 -15.24
C LEU C 45 33.16 -23.95 -15.17
N TRP C 46 34.43 -23.56 -15.27
CA TRP C 46 34.79 -22.14 -15.21
C TRP C 46 34.84 -21.53 -16.58
N PHE C 47 35.34 -22.29 -17.58
CA PHE C 47 35.57 -21.73 -18.92
C PHE C 47 34.74 -22.33 -20.02
N GLN C 48 33.99 -23.41 -19.77
CA GLN C 48 33.21 -24.09 -20.79
C GLN C 48 34.09 -24.46 -21.97
N LYS C 49 35.32 -24.96 -21.67
CA LYS C 49 36.24 -25.41 -22.70
C LYS C 49 36.82 -26.73 -22.36
N ARG C 50 37.24 -27.44 -23.42
CA ARG C 50 38.11 -28.59 -23.36
C ARG C 50 39.52 -28.03 -23.45
N LEU C 51 40.37 -28.39 -22.49
CA LEU C 51 41.72 -27.87 -22.47
C LEU C 51 42.69 -28.97 -22.73
N PRO C 52 43.86 -28.66 -23.31
CA PRO C 52 44.91 -29.67 -23.47
C PRO C 52 45.34 -30.29 -22.14
N LYS C 53 45.93 -31.48 -22.18
CA LYS C 53 46.34 -32.17 -20.95
C LYS C 53 47.32 -31.35 -20.12
N TYR C 54 48.29 -30.64 -20.75
CA TYR C 54 49.23 -29.86 -19.98
C TYR C 54 48.55 -28.71 -19.26
N SER C 55 47.45 -28.17 -19.79
CA SER C 55 46.72 -27.07 -19.15
C SER C 55 45.98 -27.60 -17.95
N CYS C 56 45.34 -28.76 -18.09
CA CYS C 56 44.66 -29.42 -16.97
C CYS C 56 45.63 -29.76 -15.86
N GLN C 57 46.79 -30.28 -16.22
CA GLN C 57 47.81 -30.64 -15.23
C GLN C 57 48.36 -29.39 -14.57
N PHE C 58 48.56 -28.29 -15.34
CA PHE C 58 48.98 -27.04 -14.74
C PHE C 58 47.94 -26.56 -13.70
N ILE C 59 46.67 -26.61 -14.04
CA ILE C 59 45.64 -26.18 -13.10
C ILE C 59 45.76 -26.98 -11.79
N GLU C 60 45.88 -28.31 -11.91
CA GLU C 60 46.01 -29.15 -10.72
C GLU C 60 47.27 -28.79 -9.91
N MET C 61 48.39 -28.57 -10.60
CA MET C 61 49.62 -28.14 -9.93
C MET C 61 49.37 -26.86 -9.16
N CYS C 62 48.66 -25.89 -9.76
CA CYS C 62 48.37 -24.64 -9.05
C CYS C 62 47.59 -24.92 -7.80
N LEU C 63 46.59 -25.82 -7.88
CA LEU C 63 45.81 -26.12 -6.70
C LEU C 63 46.67 -26.82 -5.61
N MET C 64 47.59 -27.67 -6.02
CA MET C 64 48.48 -28.34 -5.08
C MET C 64 49.45 -27.37 -4.43
N VAL C 65 50.07 -26.48 -5.23
CA VAL C 65 51.09 -25.59 -4.63
C VAL C 65 50.50 -24.52 -3.77
N THR C 66 49.21 -24.16 -3.96
CA THR C 66 48.54 -23.13 -3.15
C THR C 66 47.81 -23.74 -1.98
N ALA C 67 47.82 -25.07 -1.82
CA ALA C 67 46.97 -25.73 -0.81
C ALA C 67 47.16 -25.17 0.57
N ASP C 68 48.39 -24.95 1.00
CA ASP C 68 48.59 -24.36 2.31
C ASP C 68 49.92 -23.66 2.40
N HIS C 69 50.00 -22.68 3.28
CA HIS C 69 51.28 -22.00 3.57
C HIS C 69 51.39 -21.64 5.02
N GLY C 70 50.91 -22.52 5.88
CA GLY C 70 51.06 -22.40 7.32
C GLY C 70 49.96 -21.62 8.03
N PRO C 71 50.02 -21.61 9.35
CA PRO C 71 48.98 -21.04 10.18
C PRO C 71 49.10 -19.55 10.47
N ALA C 72 50.17 -18.89 10.01
CA ALA C 72 50.46 -17.51 10.37
C ALA C 72 49.80 -16.48 9.49
N VAL C 73 49.49 -16.88 8.26
CA VAL C 73 48.88 -15.99 7.28
C VAL C 73 47.47 -15.65 7.69
N SER C 74 47.03 -14.46 7.27
CA SER C 74 45.75 -13.90 7.68
C SER C 74 44.62 -14.91 7.68
N GLY C 75 44.40 -15.57 6.56
CA GLY C 75 43.23 -16.42 6.47
C GLY C 75 43.33 -17.68 7.33
N ALA C 76 44.50 -18.29 7.40
CA ALA C 76 44.65 -19.51 8.19
C ALA C 76 44.48 -19.16 9.67
N HIS C 77 45.06 -18.03 10.05
CA HIS C 77 44.98 -17.49 11.40
C HIS C 77 43.50 -17.28 11.79
N ASN C 78 42.71 -16.66 10.92
CA ASN C 78 41.31 -16.42 11.20
C ASN C 78 40.55 -17.75 11.26
N THR C 79 40.80 -18.67 10.35
CA THR C 79 40.15 -19.98 10.38
C THR C 79 40.45 -20.70 11.70
N ILE C 80 41.71 -20.63 12.14
CA ILE C 80 42.11 -21.28 13.39
C ILE C 80 41.38 -20.69 14.56
N ILE C 81 41.30 -19.35 14.60
CA ILE C 81 40.61 -18.71 15.72
C ILE C 81 39.13 -19.11 15.74
N CYS C 82 38.45 -19.24 14.56
N CYS C 82 38.55 -19.13 14.56
CA CYS C 82 37.05 -19.72 14.52
CA CYS C 82 37.17 -19.49 14.45
C CYS C 82 36.97 -21.07 15.05
C CYS C 82 36.93 -20.95 14.86
N ALA C 83 37.84 -21.90 14.53
CA ALA C 83 37.80 -23.30 14.94
C ALA C 83 37.97 -23.41 16.47
N ARG C 84 38.90 -22.60 17.01
CA ARG C 84 39.13 -22.55 18.44
C ARG C 84 37.98 -21.94 19.23
N ALA C 85 37.10 -21.19 18.55
CA ALA C 85 35.90 -20.67 19.19
C ALA C 85 34.76 -21.70 19.18
N GLY C 86 35.05 -22.91 18.73
CA GLY C 86 34.07 -23.99 18.71
C GLY C 86 33.13 -24.01 17.51
N LYS C 87 33.44 -23.24 16.46
CA LYS C 87 32.57 -23.18 15.32
C LYS C 87 32.74 -24.33 14.37
N ASP C 88 31.76 -24.46 13.46
CA ASP C 88 31.70 -25.49 12.44
C ASP C 88 32.69 -25.26 11.31
N LEU C 89 32.86 -26.27 10.48
CA LEU C 89 33.81 -26.22 9.38
C LEU C 89 33.54 -25.07 8.41
N VAL C 90 32.31 -24.95 7.88
CA VAL C 90 32.05 -23.91 6.90
C VAL C 90 32.25 -22.54 7.48
N SER C 91 31.75 -22.27 8.69
CA SER C 91 31.94 -20.94 9.27
C SER C 91 33.42 -20.65 9.40
N SER C 92 34.20 -21.63 9.85
CA SER C 92 35.61 -21.39 10.09
C SER C 92 36.39 -21.20 8.80
N LEU C 93 36.12 -22.04 7.79
CA LEU C 93 36.71 -21.87 6.45
C LEU C 93 36.39 -20.47 5.92
N THR C 94 35.13 -20.10 5.97
CA THR C 94 34.71 -18.83 5.39
C THR C 94 35.30 -17.64 6.13
N SER C 95 35.42 -17.70 7.44
CA SER C 95 36.05 -16.62 8.19
C SER C 95 37.47 -16.34 7.67
N GLY C 96 38.18 -17.40 7.29
CA GLY C 96 39.50 -17.26 6.69
C GLY C 96 39.47 -16.87 5.24
N LEU C 97 38.54 -17.43 4.46
CA LEU C 97 38.48 -17.03 3.03
C LEU C 97 38.21 -15.54 2.86
N LEU C 98 37.44 -14.96 3.79
CA LEU C 98 37.08 -13.54 3.71
C LEU C 98 38.26 -12.62 3.93
N THR C 99 39.43 -13.11 4.30
CA THR C 99 40.64 -12.27 4.34
C THR C 99 41.32 -12.16 2.97
N ILE C 100 40.96 -13.02 2.00
CA ILE C 100 41.65 -13.06 0.71
C ILE C 100 41.30 -11.87 -0.13
N GLY C 101 42.31 -11.14 -0.60
CA GLY C 101 42.05 -9.91 -1.32
C GLY C 101 43.32 -9.26 -1.79
N ASP C 102 43.33 -7.94 -1.79
CA ASP C 102 44.43 -7.19 -2.39
C ASP C 102 45.77 -7.39 -1.77
N ARG C 103 45.82 -7.69 -0.46
CA ARG C 103 47.09 -7.81 0.23
C ARG C 103 47.52 -9.25 0.39
N PHE C 104 46.56 -10.16 0.65
CA PHE C 104 46.81 -11.57 0.88
C PHE C 104 46.00 -12.46 -0.07
N GLY C 105 46.67 -13.23 -0.91
N GLY C 105 46.70 -13.24 -0.89
CA GLY C 105 46.07 -14.26 -1.73
CA GLY C 105 46.17 -14.26 -1.78
C GLY C 105 45.22 -13.87 -2.92
C GLY C 105 45.22 -13.88 -2.91
N GLY C 106 44.84 -12.61 -3.03
CA GLY C 106 43.89 -12.17 -4.05
C GLY C 106 44.44 -11.13 -4.98
N ALA C 107 45.79 -11.21 -5.25
CA ALA C 107 46.44 -10.31 -6.20
C ALA C 107 46.59 -10.92 -7.58
N LEU C 108 46.03 -12.09 -7.83
CA LEU C 108 46.18 -12.76 -9.12
C LEU C 108 45.50 -11.98 -10.24
N ASP C 109 44.26 -11.53 -10.01
CA ASP C 109 43.55 -10.78 -11.04
C ASP C 109 44.30 -9.53 -11.42
N ALA C 110 44.70 -8.73 -10.42
CA ALA C 110 45.36 -7.45 -10.67
C ALA C 110 46.73 -7.64 -11.27
N ALA C 111 47.46 -8.68 -10.84
CA ALA C 111 48.79 -8.96 -11.44
C ALA C 111 48.64 -9.31 -12.91
N ALA C 112 47.69 -10.17 -13.23
CA ALA C 112 47.44 -10.52 -14.63
C ALA C 112 47.09 -9.30 -15.44
N LYS C 113 46.21 -8.46 -14.91
CA LYS C 113 45.78 -7.26 -15.63
C LYS C 113 46.94 -6.26 -15.86
N MET C 114 47.68 -5.96 -14.78
CA MET C 114 48.72 -4.94 -14.89
C MET C 114 49.91 -5.42 -15.72
N PHE C 115 50.35 -6.68 -15.55
CA PHE C 115 51.46 -7.14 -16.38
C PHE C 115 50.99 -7.26 -17.83
N SER C 116 49.77 -7.74 -18.08
CA SER C 116 49.31 -7.89 -19.48
C SER C 116 49.23 -6.55 -20.16
N LYS C 117 48.72 -5.55 -19.43
CA LYS C 117 48.58 -4.22 -20.04
C LYS C 117 49.95 -3.67 -20.41
N ALA C 118 50.94 -3.79 -19.49
CA ALA C 118 52.29 -3.31 -19.78
C ALA C 118 52.92 -4.04 -20.96
N PHE C 119 52.84 -5.35 -20.94
CA PHE C 119 53.39 -6.20 -22.00
C PHE C 119 52.75 -5.86 -23.34
N ASP C 120 51.41 -5.78 -23.38
CA ASP C 120 50.69 -5.49 -24.64
C ASP C 120 51.00 -4.10 -25.15
N SER C 121 51.27 -3.13 -24.25
CA SER C 121 51.54 -1.77 -24.69
C SER C 121 52.99 -1.58 -25.14
N GLY C 122 53.83 -2.62 -25.02
CA GLY C 122 55.21 -2.54 -25.47
C GLY C 122 56.11 -1.77 -24.52
N ILE C 123 55.70 -1.56 -23.26
CA ILE C 123 56.52 -0.81 -22.30
C ILE C 123 57.62 -1.77 -21.86
N ILE C 124 58.89 -1.35 -21.84
CA ILE C 124 59.94 -2.26 -21.38
C ILE C 124 59.87 -2.41 -19.86
N PRO C 125 60.36 -3.52 -19.33
CA PRO C 125 60.26 -3.75 -17.88
C PRO C 125 60.72 -2.60 -16.96
N MET C 126 61.84 -1.94 -17.26
CA MET C 126 62.31 -0.85 -16.41
C MET C 126 61.32 0.33 -16.43
N GLU C 127 60.75 0.65 -17.62
CA GLU C 127 59.78 1.73 -17.75
C GLU C 127 58.51 1.42 -16.96
N PHE C 128 58.07 0.16 -16.97
CA PHE C 128 56.91 -0.26 -16.20
C PHE C 128 57.17 -0.08 -14.69
N VAL C 129 58.34 -0.53 -14.20
CA VAL C 129 58.69 -0.46 -12.77
C VAL C 129 58.82 0.97 -12.37
N ASN C 130 59.75 1.73 -13.04
CA ASN C 130 60.02 3.14 -12.72
C ASN C 130 58.76 3.97 -12.73
N LYS C 131 57.84 3.71 -13.67
CA LYS C 131 56.55 4.38 -13.73
C LYS C 131 55.80 4.10 -12.47
N MET C 132 55.64 2.79 -12.15
CA MET C 132 54.89 2.38 -10.98
C MET C 132 55.53 2.94 -9.69
N LYS C 133 56.88 2.95 -9.58
CA LYS C 133 57.56 3.48 -8.38
C LYS C 133 57.41 5.00 -8.32
N LYS C 134 57.54 5.67 -9.45
CA LYS C 134 57.34 7.13 -9.52
C LYS C 134 55.89 7.41 -9.09
N GLU C 135 54.90 6.59 -9.55
CA GLU C 135 53.48 6.77 -9.21
C GLU C 135 53.06 6.27 -7.80
N GLY C 136 53.97 5.61 -7.08
CA GLY C 136 53.66 5.05 -5.77
C GLY C 136 52.67 3.89 -5.81
N LYS C 137 52.41 3.29 -7.01
CA LYS C 137 51.45 2.19 -7.18
C LYS C 137 52.15 0.89 -6.97
N LEU C 138 51.54 -0.02 -6.17
CA LEU C 138 52.19 -1.29 -5.93
C LEU C 138 52.07 -2.16 -7.14
N ILE C 139 53.16 -2.88 -7.43
CA ILE C 139 53.12 -3.84 -8.52
C ILE C 139 52.47 -5.10 -7.92
N MET C 140 51.27 -5.41 -8.38
CA MET C 140 50.53 -6.59 -7.86
C MET C 140 51.20 -7.87 -8.35
N GLY C 141 51.38 -8.82 -7.44
CA GLY C 141 52.08 -10.06 -7.72
C GLY C 141 53.57 -9.99 -7.42
N ILE C 142 54.04 -8.84 -6.87
CA ILE C 142 55.42 -8.66 -6.45
C ILE C 142 55.39 -8.42 -4.93
N GLY C 143 56.39 -8.99 -4.24
CA GLY C 143 56.56 -8.81 -2.81
C GLY C 143 56.09 -9.96 -1.96
N HIS C 144 56.77 -10.14 -0.83
CA HIS C 144 56.38 -11.17 0.11
C HIS C 144 56.88 -10.81 1.48
N ARG C 145 56.15 -11.16 2.51
CA ARG C 145 56.51 -10.81 3.88
C ARG C 145 57.68 -11.65 4.39
N VAL C 146 57.79 -12.93 3.95
CA VAL C 146 58.84 -13.81 4.45
C VAL C 146 59.74 -14.41 3.36
N LYS C 147 59.23 -14.65 2.17
CA LYS C 147 60.04 -15.18 1.08
C LYS C 147 60.76 -14.05 0.38
N SER C 148 61.93 -14.33 -0.20
CA SER C 148 62.76 -13.29 -0.81
C SER C 148 63.83 -13.94 -1.66
N ILE C 149 64.74 -13.14 -2.23
CA ILE C 149 65.86 -13.75 -2.92
C ILE C 149 66.79 -14.51 -1.95
N ASN C 150 66.72 -14.20 -0.66
CA ASN C 150 67.49 -14.88 0.37
C ASN C 150 66.78 -16.14 0.89
N ASN C 151 65.50 -16.30 0.58
CA ASN C 151 64.64 -17.39 1.09
C ASN C 151 63.65 -17.68 -0.06
N PRO C 152 64.10 -18.30 -1.16
CA PRO C 152 63.26 -18.43 -2.34
C PRO C 152 62.05 -19.30 -2.14
N ASP C 153 61.02 -19.03 -2.94
CA ASP C 153 59.77 -19.75 -2.83
C ASP C 153 59.77 -20.95 -3.75
N MET C 154 59.84 -22.17 -3.20
CA MET C 154 59.87 -23.40 -4.03
C MET C 154 58.61 -23.56 -4.85
N ARG C 155 57.46 -23.02 -4.39
CA ARG C 155 56.23 -23.12 -5.16
C ARG C 155 56.41 -22.39 -6.49
N VAL C 156 57.07 -21.22 -6.48
CA VAL C 156 57.33 -20.48 -7.70
C VAL C 156 58.26 -21.27 -8.61
N GLN C 157 59.31 -21.85 -8.05
CA GLN C 157 60.25 -22.64 -8.86
C GLN C 157 59.55 -23.79 -9.59
N ILE C 158 58.72 -24.54 -8.85
CA ILE C 158 58.00 -25.68 -9.42
C ILE C 158 57.10 -25.23 -10.55
N LEU C 159 56.35 -24.15 -10.32
CA LEU C 159 55.46 -23.62 -11.37
C LEU C 159 56.23 -23.18 -12.61
N LYS C 160 57.30 -22.42 -12.43
CA LYS C 160 58.12 -21.95 -13.55
C LYS C 160 58.68 -23.08 -14.34
N ASP C 161 59.22 -24.08 -13.63
CA ASP C 161 59.80 -25.24 -14.29
C ASP C 161 58.75 -25.95 -15.14
N TYR C 162 57.54 -26.14 -14.62
CA TYR C 162 56.49 -26.79 -15.39
C TYR C 162 56.09 -26.00 -16.63
N VAL C 163 55.84 -24.71 -16.44
CA VAL C 163 55.38 -23.85 -17.53
C VAL C 163 56.43 -23.77 -18.63
N ARG C 164 57.69 -23.62 -18.29
CA ARG C 164 58.71 -23.52 -19.32
C ARG C 164 58.87 -24.83 -20.06
N GLN C 165 58.71 -25.96 -19.37
CA GLN C 165 58.83 -27.27 -20.02
C GLN C 165 57.63 -27.66 -20.86
N HIS C 166 56.41 -27.25 -20.48
CA HIS C 166 55.21 -27.72 -21.16
C HIS C 166 54.43 -26.74 -21.99
N PHE C 167 54.49 -25.45 -21.67
CA PHE C 167 53.70 -24.50 -22.44
C PHE C 167 54.34 -24.22 -23.78
N PRO C 168 53.50 -23.99 -24.82
CA PRO C 168 54.07 -23.63 -26.13
C PRO C 168 54.75 -22.26 -26.14
N ALA C 169 54.31 -21.34 -25.29
CA ALA C 169 54.91 -20.04 -25.22
C ALA C 169 54.68 -19.45 -23.84
N THR C 170 55.62 -18.67 -23.34
CA THR C 170 55.48 -18.05 -22.03
C THR C 170 55.89 -16.59 -22.03
N PRO C 171 55.35 -15.77 -22.96
CA PRO C 171 55.82 -14.38 -23.09
C PRO C 171 55.53 -13.49 -21.89
N LEU C 172 54.38 -13.66 -21.26
CA LEU C 172 54.08 -12.83 -20.10
C LEU C 172 54.89 -13.26 -18.90
N LEU C 173 55.09 -14.58 -18.70
CA LEU C 173 55.97 -15.02 -17.61
C LEU C 173 57.37 -14.44 -17.85
N ASP C 174 57.87 -14.52 -19.09
CA ASP C 174 59.20 -14.01 -19.38
C ASP C 174 59.31 -12.51 -19.08
N TYR C 175 58.29 -11.74 -19.43
CA TYR C 175 58.24 -10.31 -19.11
C TYR C 175 58.23 -10.09 -17.60
N ALA C 176 57.36 -10.78 -16.88
CA ALA C 176 57.28 -10.65 -15.42
C ALA C 176 58.62 -11.02 -14.74
N LEU C 177 59.33 -12.01 -15.26
CA LEU C 177 60.62 -12.38 -14.70
C LEU C 177 61.64 -11.27 -14.92
N GLU C 178 61.54 -10.56 -16.05
CA GLU C 178 62.44 -9.42 -16.27
C GLU C 178 62.14 -8.32 -15.26
N VAL C 179 60.86 -8.11 -14.96
CA VAL C 179 60.45 -7.13 -13.95
C VAL C 179 61.00 -7.51 -12.59
N GLU C 180 60.90 -8.79 -12.24
CA GLU C 180 61.37 -9.29 -10.97
C GLU C 180 62.88 -9.09 -10.84
N LYS C 181 63.64 -9.28 -11.93
CA LYS C 181 65.08 -9.03 -11.84
C LYS C 181 65.33 -7.58 -11.36
N ILE C 182 64.56 -6.63 -11.88
CA ILE C 182 64.68 -5.23 -11.52
C ILE C 182 64.22 -4.96 -10.09
N THR C 183 63.04 -5.44 -9.70
CA THR C 183 62.54 -5.15 -8.38
C THR C 183 63.39 -5.79 -7.28
N THR C 184 63.81 -7.07 -7.47
CA THR C 184 64.63 -7.76 -6.48
C THR C 184 66.01 -7.15 -6.39
N SER C 185 66.53 -6.51 -7.47
CA SER C 185 67.82 -5.83 -7.37
C SER C 185 67.71 -4.57 -6.48
N LYS C 186 66.49 -4.00 -6.34
CA LYS C 186 66.23 -2.85 -5.47
C LYS C 186 66.02 -3.27 -4.03
N LYS C 187 65.15 -4.28 -3.76
CA LYS C 187 64.85 -4.75 -2.40
C LYS C 187 64.66 -6.27 -2.48
N PRO C 188 65.30 -7.04 -1.60
CA PRO C 188 65.31 -8.51 -1.76
C PRO C 188 63.96 -9.18 -1.60
N ASN C 189 62.99 -8.56 -0.92
CA ASN C 189 61.67 -9.17 -0.78
C ASN C 189 60.75 -8.94 -1.96
N LEU C 190 61.16 -8.14 -2.97
CA LEU C 190 60.30 -7.83 -4.10
C LEU C 190 60.34 -8.92 -5.17
N ILE C 191 60.13 -10.16 -4.73
CA ILE C 191 60.08 -11.32 -5.62
C ILE C 191 58.76 -11.36 -6.36
N LEU C 192 58.72 -12.16 -7.40
CA LEU C 192 57.47 -12.51 -8.09
C LEU C 192 56.85 -13.58 -7.18
N ASN C 193 55.74 -13.22 -6.52
CA ASN C 193 55.15 -14.10 -5.56
C ASN C 193 54.21 -15.09 -6.23
N VAL C 194 53.63 -15.99 -5.45
CA VAL C 194 52.81 -17.02 -6.04
C VAL C 194 51.60 -16.42 -6.76
N ASP C 195 51.08 -15.27 -6.29
CA ASP C 195 49.94 -14.64 -6.93
C ASP C 195 50.38 -14.14 -8.29
N GLY C 196 51.56 -13.52 -8.35
CA GLY C 196 52.07 -13.00 -9.60
C GLY C 196 52.40 -14.12 -10.58
N LEU C 197 53.04 -15.18 -10.10
CA LEU C 197 53.45 -16.27 -10.98
C LEU C 197 52.20 -16.93 -11.57
N ILE C 198 51.24 -17.33 -10.70
CA ILE C 198 50.06 -17.99 -11.22
C ILE C 198 49.30 -17.05 -12.14
N GLY C 199 49.19 -15.77 -11.76
CA GLY C 199 48.45 -14.82 -12.59
C GLY C 199 49.01 -14.72 -13.98
N VAL C 200 50.32 -14.50 -14.09
CA VAL C 200 50.89 -14.35 -15.43
C VAL C 200 50.95 -15.67 -16.17
N ALA C 201 51.22 -16.79 -15.46
CA ALA C 201 51.25 -18.08 -16.14
C ALA C 201 49.83 -18.44 -16.67
N PHE C 202 48.76 -18.07 -15.91
CA PHE C 202 47.40 -18.31 -16.44
C PHE C 202 47.10 -17.48 -17.66
N VAL C 203 47.57 -16.24 -17.71
CA VAL C 203 47.37 -15.45 -18.91
C VAL C 203 48.07 -16.16 -20.08
N ASP C 204 49.32 -16.60 -19.89
CA ASP C 204 50.00 -17.30 -20.97
C ASP C 204 49.23 -18.56 -21.36
N MET C 205 48.67 -19.29 -20.39
N MET C 205 48.69 -19.29 -20.38
CA MET C 205 47.95 -20.50 -20.74
CA MET C 205 47.94 -20.51 -20.66
C MET C 205 46.70 -20.18 -21.55
C MET C 205 46.69 -20.21 -21.49
N LEU C 206 45.89 -19.22 -21.07
CA LEU C 206 44.64 -18.87 -21.76
C LEU C 206 44.87 -18.30 -23.14
N ARG C 207 45.87 -17.45 -23.26
CA ARG C 207 46.12 -16.82 -24.56
C ARG C 207 46.69 -17.78 -25.58
N ASN C 208 47.47 -18.80 -25.15
CA ASN C 208 48.19 -19.65 -26.12
C ASN C 208 47.83 -21.11 -26.15
N CYS C 209 46.88 -21.57 -25.33
CA CYS C 209 46.54 -23.00 -25.39
C CYS C 209 45.73 -23.38 -26.61
N GLY C 210 45.11 -22.41 -27.28
CA GLY C 210 44.30 -22.64 -28.47
C GLY C 210 42.81 -22.80 -28.22
N SER C 211 42.39 -22.77 -26.94
CA SER C 211 40.99 -22.94 -26.59
C SER C 211 40.25 -21.59 -26.49
N PHE C 212 40.98 -20.46 -26.48
CA PHE C 212 40.38 -19.15 -26.31
C PHE C 212 40.85 -18.17 -27.35
N THR C 213 39.96 -17.25 -27.74
CA THR C 213 40.38 -16.10 -28.52
C THR C 213 41.00 -15.12 -27.49
N ARG C 214 41.69 -14.07 -27.96
CA ARG C 214 42.25 -13.06 -27.04
C ARG C 214 41.13 -12.39 -26.26
N GLU C 215 40.04 -12.07 -26.93
CA GLU C 215 38.88 -11.44 -26.29
C GLU C 215 38.30 -12.34 -25.18
N GLU C 216 38.20 -13.66 -25.42
CA GLU C 216 37.67 -14.56 -24.38
C GLU C 216 38.65 -14.64 -23.20
N ALA C 217 39.95 -14.74 -23.50
CA ALA C 217 40.98 -14.76 -22.44
C ALA C 217 40.94 -13.48 -21.61
N ASP C 218 40.91 -12.31 -22.27
CA ASP C 218 40.84 -11.04 -21.56
C ASP C 218 39.59 -10.94 -20.66
N GLU C 219 38.47 -11.44 -21.15
CA GLU C 219 37.21 -11.39 -20.38
C GLU C 219 37.32 -12.22 -19.13
N TYR C 220 37.87 -13.45 -19.22
CA TYR C 220 37.98 -14.25 -17.98
C TYR C 220 38.92 -13.58 -16.98
N ILE C 221 39.97 -12.90 -17.43
CA ILE C 221 40.80 -12.16 -16.51
C ILE C 221 39.98 -11.03 -15.89
N ASP C 222 39.22 -10.30 -16.72
CA ASP C 222 38.43 -9.14 -16.29
C ASP C 222 37.37 -9.49 -15.25
N ILE C 223 36.69 -10.61 -15.44
CA ILE C 223 35.64 -11.02 -14.50
C ILE C 223 36.18 -11.68 -13.24
N GLY C 224 37.48 -11.94 -13.16
CA GLY C 224 38.07 -12.44 -11.93
C GLY C 224 38.24 -13.92 -11.76
N ALA C 225 38.41 -14.66 -12.83
CA ALA C 225 38.60 -16.10 -12.71
C ALA C 225 39.89 -16.45 -12.01
N LEU C 226 40.95 -15.72 -12.28
CA LEU C 226 42.25 -16.13 -11.76
C LEU C 226 42.34 -16.16 -10.25
N ASN C 227 41.78 -15.18 -9.53
CA ASN C 227 41.76 -15.26 -8.08
C ASN C 227 41.11 -16.53 -7.57
N GLY C 228 40.17 -17.06 -8.34
CA GLY C 228 39.49 -18.30 -7.96
C GLY C 228 40.44 -19.44 -7.72
N ILE C 229 41.55 -19.48 -8.48
CA ILE C 229 42.50 -20.58 -8.34
C ILE C 229 43.09 -20.60 -6.95
N PHE C 230 43.49 -19.46 -6.42
CA PHE C 230 44.02 -19.43 -5.07
C PHE C 230 42.95 -19.74 -4.05
N VAL C 231 41.74 -19.21 -4.21
CA VAL C 231 40.67 -19.48 -3.26
C VAL C 231 40.41 -20.98 -3.20
N LEU C 232 40.23 -21.60 -4.38
CA LEU C 232 39.96 -23.03 -4.40
C LEU C 232 41.13 -23.85 -3.83
N GLY C 233 42.34 -23.50 -4.17
CA GLY C 233 43.50 -24.24 -3.69
C GLY C 233 43.67 -24.09 -2.19
N ARG C 234 43.69 -22.87 -1.68
CA ARG C 234 43.93 -22.60 -0.28
C ARG C 234 42.78 -23.08 0.62
N SER C 235 41.57 -23.24 0.06
CA SER C 235 40.49 -23.80 0.85
C SER C 235 40.89 -25.18 1.39
N MET C 236 41.72 -25.96 0.65
CA MET C 236 42.13 -27.25 1.18
C MET C 236 42.91 -27.05 2.47
N GLY C 237 43.84 -26.12 2.49
CA GLY C 237 44.63 -25.90 3.69
C GLY C 237 43.82 -25.34 4.84
N PHE C 238 42.91 -24.40 4.55
CA PHE C 238 42.13 -23.85 5.63
C PHE C 238 41.24 -24.91 6.28
N ILE C 239 40.66 -25.82 5.47
CA ILE C 239 39.91 -26.93 6.06
C ILE C 239 40.86 -27.79 6.90
N GLY C 240 42.06 -28.02 6.38
CA GLY C 240 43.07 -28.75 7.14
C GLY C 240 43.38 -28.12 8.47
N HIS C 241 43.48 -26.78 8.53
CA HIS C 241 43.75 -26.11 9.81
C HIS C 241 42.59 -26.24 10.76
N TYR C 242 41.35 -26.16 10.22
CA TYR C 242 40.18 -26.38 11.05
C TYR C 242 40.25 -27.75 11.73
N LEU C 243 40.51 -28.79 10.94
CA LEU C 243 40.58 -30.13 11.49
C LEU C 243 41.74 -30.29 12.46
N ASP C 244 42.87 -29.65 12.15
CA ASP C 244 44.05 -29.72 13.01
C ASP C 244 43.78 -29.13 14.38
N GLN C 245 43.08 -27.99 14.42
CA GLN C 245 42.80 -27.37 15.71
C GLN C 245 41.90 -28.22 16.57
N LYS C 246 41.00 -28.99 15.96
CA LYS C 246 40.17 -29.94 16.70
C LYS C 246 41.01 -31.15 17.15
N ARG C 247 41.88 -31.67 16.28
N ARG C 247 41.91 -31.67 16.26
CA ARG C 247 42.76 -32.80 16.63
CA ARG C 247 42.87 -32.75 16.53
C ARG C 247 43.78 -32.42 17.76
C ARG C 247 43.73 -32.40 17.77
N LEU C 248 44.21 -31.15 17.80
CA LEU C 248 45.13 -30.64 18.83
C LEU C 248 44.42 -30.17 20.09
N LYS C 249 43.08 -30.29 20.13
CA LYS C 249 42.24 -29.97 21.29
C LYS C 249 42.49 -28.54 21.75
N GLN C 250 42.53 -27.60 20.78
CA GLN C 250 42.83 -26.23 21.09
C GLN C 250 41.60 -25.49 21.56
N GLY C 251 41.75 -24.72 22.63
CA GLY C 251 40.69 -23.98 23.28
C GLY C 251 40.52 -22.55 22.79
N LEU C 252 39.55 -21.86 23.34
CA LEU C 252 39.22 -20.50 22.94
C LEU C 252 40.45 -19.60 22.89
N TYR C 253 40.60 -18.82 21.81
CA TYR C 253 41.73 -17.89 21.69
C TYR C 253 41.27 -16.50 22.12
N ARG C 254 42.18 -15.73 22.71
CA ARG C 254 41.99 -14.33 23.04
C ARG C 254 43.35 -13.69 22.81
N HIS C 255 43.39 -12.61 22.02
CA HIS C 255 44.68 -12.01 21.72
C HIS C 255 45.28 -11.38 22.98
N PRO C 256 46.59 -11.57 23.26
CA PRO C 256 47.15 -10.99 24.48
C PRO C 256 47.20 -9.46 24.48
N TRP C 257 46.84 -8.86 25.61
CA TRP C 257 46.85 -7.41 25.77
C TRP C 257 48.22 -6.79 25.58
N ASP C 258 49.28 -7.52 25.94
CA ASP C 258 50.64 -6.99 25.78
C ASP C 258 51.00 -6.76 24.31
N ASP C 259 50.27 -7.36 23.36
CA ASP C 259 50.55 -7.15 21.96
C ASP C 259 49.63 -6.11 21.33
N ILE C 260 48.85 -5.38 22.16
CA ILE C 260 47.93 -4.38 21.65
C ILE C 260 48.19 -3.06 22.32
N SER C 261 48.40 -1.99 21.52
CA SER C 261 48.56 -0.66 22.05
C SER C 261 47.20 0.04 22.05
N TYR C 262 46.67 0.32 23.24
CA TYR C 262 45.38 1.02 23.40
C TYR C 262 45.65 2.52 23.43
N VAL C 263 45.18 3.25 22.42
CA VAL C 263 45.37 4.70 22.33
C VAL C 263 44.01 5.34 22.12
N LEU C 264 43.15 5.23 23.10
CA LEU C 264 41.83 5.83 23.02
C LEU C 264 41.91 7.35 23.19
N PRO C 265 40.87 8.08 22.74
CA PRO C 265 40.85 9.53 22.98
C PRO C 265 40.76 9.86 24.47
N GLU C 266 41.29 11.03 24.84
CA GLU C 266 41.30 11.52 26.21
C GLU C 266 40.11 12.44 26.43
N LYS D 5 -0.15 -20.28 -9.54
CA LYS D 5 0.62 -21.29 -8.81
C LYS D 5 0.78 -20.86 -7.34
N PRO D 6 0.86 -21.82 -6.38
CA PRO D 6 1.01 -21.42 -4.96
C PRO D 6 2.37 -20.80 -4.64
N ALA D 7 2.39 -19.84 -3.70
CA ALA D 7 3.62 -19.14 -3.30
C ALA D 7 4.60 -20.10 -2.66
N SER D 8 5.86 -19.99 -3.07
CA SER D 8 6.91 -20.81 -2.52
C SER D 8 7.46 -20.29 -1.22
N PHE D 9 7.33 -18.97 -0.97
CA PHE D 9 7.86 -18.38 0.25
C PHE D 9 6.72 -17.83 1.05
N MET D 10 6.93 -17.80 2.36
CA MET D 10 5.99 -17.26 3.30
C MET D 10 6.75 -16.24 4.14
N THR D 11 6.12 -15.14 4.53
CA THR D 11 6.76 -14.14 5.36
C THR D 11 5.77 -13.48 6.28
N SER D 12 6.20 -13.08 7.47
CA SER D 12 5.29 -12.49 8.44
C SER D 12 5.69 -11.14 8.99
N ILE D 13 6.84 -10.58 8.61
CA ILE D 13 7.40 -9.48 9.38
C ILE D 13 7.32 -8.11 8.78
N CYS D 14 7.35 -7.99 7.44
CA CYS D 14 7.44 -6.71 6.78
C CYS D 14 6.76 -6.79 5.45
N ASP D 15 6.02 -5.74 5.10
CA ASP D 15 5.36 -5.66 3.81
C ASP D 15 5.76 -4.33 3.17
N GLU D 16 6.55 -4.40 2.11
CA GLU D 16 7.03 -3.21 1.40
C GLU D 16 6.29 -3.02 0.09
N ARG D 17 5.25 -3.79 -0.19
CA ARG D 17 4.60 -3.77 -1.49
C ARG D 17 3.73 -2.56 -1.72
N GLY D 18 3.26 -1.92 -0.67
CA GLY D 18 2.31 -0.84 -0.80
C GLY D 18 2.96 0.50 -0.99
N GLN D 19 2.15 1.52 -0.85
CA GLN D 19 2.66 2.87 -0.95
C GLN D 19 3.55 3.15 0.28
N GLU D 20 3.10 2.66 1.47
CA GLU D 20 3.84 2.88 2.68
C GLU D 20 4.33 1.55 3.27
N LEU D 21 5.61 1.48 3.55
CA LEU D 21 6.24 0.34 4.22
C LEU D 21 5.53 0.02 5.53
N ILE D 22 5.35 -1.28 5.83
CA ILE D 22 4.74 -1.77 7.06
C ILE D 22 5.73 -2.71 7.78
N TYR D 23 5.89 -2.55 9.11
CA TYR D 23 6.64 -3.47 9.93
C TYR D 23 5.61 -4.15 10.85
N ALA D 24 5.37 -5.45 10.62
CA ALA D 24 4.46 -6.30 11.40
C ALA D 24 3.10 -5.67 11.66
N GLY D 25 2.52 -5.12 10.61
CA GLY D 25 1.20 -4.48 10.72
C GLY D 25 1.16 -2.99 11.08
N MET D 26 2.31 -2.39 11.48
CA MET D 26 2.39 -0.96 11.79
C MET D 26 3.03 -0.24 10.61
N PRO D 27 2.34 0.69 9.99
CA PRO D 27 2.99 1.49 8.95
C PRO D 27 4.19 2.22 9.54
N ILE D 28 5.22 2.45 8.71
CA ILE D 28 6.45 3.07 9.17
C ILE D 28 6.22 4.46 9.80
N THR D 29 5.27 5.27 9.31
CA THR D 29 5.04 6.57 9.94
C THR D 29 4.52 6.41 11.37
N GLU D 30 3.73 5.36 11.64
CA GLU D 30 3.18 5.10 12.98
C GLU D 30 4.30 4.66 13.93
N VAL D 31 5.26 3.90 13.44
CA VAL D 31 6.40 3.48 14.23
C VAL D 31 7.07 4.72 14.83
N PHE D 32 7.29 5.75 14.00
CA PHE D 32 7.92 6.97 14.44
C PHE D 32 6.97 7.82 15.30
N LYS D 33 5.69 7.92 14.91
CA LYS D 33 4.74 8.73 15.70
C LYS D 33 4.59 8.21 17.12
N GLU D 34 4.64 6.87 17.30
CA GLU D 34 4.53 6.20 18.59
C GLU D 34 5.90 6.11 19.31
N GLU D 35 6.99 6.69 18.74
CA GLU D 35 8.31 6.75 19.34
C GLU D 35 8.77 5.37 19.78
N MET D 36 8.60 4.39 18.88
N MET D 36 8.62 4.40 18.90
CA MET D 36 8.95 3.00 19.14
CA MET D 36 8.96 3.03 19.24
C MET D 36 10.43 2.79 19.38
C MET D 36 10.45 2.75 19.34
N GLY D 37 11.27 3.55 18.67
CA GLY D 37 12.69 3.40 18.74
C GLY D 37 13.20 2.12 18.12
N ILE D 38 14.51 1.91 18.24
CA ILE D 38 15.14 0.70 17.74
C ILE D 38 14.58 -0.54 18.44
N GLY D 39 14.37 -0.47 19.74
CA GLY D 39 13.86 -1.60 20.48
C GLY D 39 12.46 -1.99 20.08
N GLY D 40 11.64 -1.00 19.80
CA GLY D 40 10.30 -1.28 19.30
C GLY D 40 10.31 -1.85 17.90
N VAL D 41 11.21 -1.38 17.03
CA VAL D 41 11.33 -1.96 15.68
C VAL D 41 11.78 -3.41 15.80
N LEU D 42 12.69 -3.70 16.75
CA LEU D 42 13.11 -5.08 16.97
C LEU D 42 11.91 -5.91 17.41
N GLY D 43 11.12 -5.42 18.36
CA GLY D 43 9.93 -6.18 18.77
C GLY D 43 9.01 -6.50 17.59
N LEU D 44 8.82 -5.55 16.69
CA LEU D 44 7.97 -5.77 15.53
C LEU D 44 8.57 -6.78 14.57
N LEU D 45 9.84 -6.59 14.19
CA LEU D 45 10.45 -7.47 13.21
C LEU D 45 10.83 -8.82 13.73
N TRP D 46 11.27 -8.94 14.96
CA TRP D 46 11.68 -10.26 15.46
C TRP D 46 10.51 -11.01 16.05
N PHE D 47 9.60 -10.29 16.74
CA PHE D 47 8.51 -10.95 17.46
C PHE D 47 7.10 -10.66 16.98
N GLN D 48 6.94 -9.74 16.03
CA GLN D 48 5.64 -9.30 15.56
C GLN D 48 4.71 -8.88 16.71
N LYS D 49 5.28 -8.11 17.68
CA LYS D 49 4.56 -7.56 18.80
C LYS D 49 4.94 -6.12 18.96
N ARG D 50 4.01 -5.34 19.51
CA ARG D 50 4.27 -3.96 19.91
C ARG D 50 4.59 -4.11 21.40
N LEU D 51 5.85 -4.02 21.77
CA LEU D 51 6.26 -4.23 23.14
C LEU D 51 6.07 -2.99 23.97
N PRO D 52 5.89 -3.13 25.30
CA PRO D 52 5.83 -1.93 26.14
C PRO D 52 7.12 -1.11 26.05
N LYS D 53 7.01 0.18 26.31
CA LYS D 53 8.15 1.07 26.20
C LYS D 53 9.34 0.63 27.07
N TYR D 54 9.11 0.18 28.31
CA TYR D 54 10.22 -0.24 29.17
C TYR D 54 10.94 -1.47 28.62
N SER D 55 10.21 -2.34 27.91
CA SER D 55 10.81 -3.51 27.28
C SER D 55 11.64 -3.07 26.09
N CYS D 56 11.14 -2.11 25.30
CA CYS D 56 11.90 -1.55 24.17
C CYS D 56 13.19 -0.92 24.65
N GLN D 57 13.13 -0.13 25.73
CA GLN D 57 14.31 0.51 26.29
C GLN D 57 15.30 -0.54 26.83
N PHE D 58 14.81 -1.58 27.51
CA PHE D 58 15.71 -2.65 27.97
C PHE D 58 16.45 -3.30 26.78
N ILE D 59 15.76 -3.54 25.67
CA ILE D 59 16.39 -4.13 24.49
C ILE D 59 17.50 -3.21 24.01
N GLU D 60 17.22 -1.90 23.97
CA GLU D 60 18.27 -0.99 23.52
C GLU D 60 19.44 -0.96 24.46
N MET D 61 19.19 -1.03 25.77
CA MET D 61 20.27 -1.07 26.74
C MET D 61 21.14 -2.32 26.51
N CYS D 62 20.52 -3.47 26.21
CA CYS D 62 21.27 -4.69 25.93
C CYS D 62 22.17 -4.47 24.74
N LEU D 63 21.67 -3.83 23.69
CA LEU D 63 22.48 -3.57 22.50
C LEU D 63 23.63 -2.61 22.81
N MET D 64 23.40 -1.65 23.69
CA MET D 64 24.45 -0.72 24.09
C MET D 64 25.55 -1.41 24.88
N VAL D 65 25.17 -2.25 25.86
CA VAL D 65 26.19 -2.89 26.66
C VAL D 65 26.93 -3.97 25.96
N THR D 66 26.38 -4.57 24.91
CA THR D 66 27.07 -5.60 24.13
C THR D 66 27.76 -5.03 22.92
N ALA D 67 27.68 -3.70 22.68
CA ALA D 67 28.25 -3.12 21.46
C ALA D 67 29.68 -3.50 21.19
N ASP D 68 30.56 -3.46 22.22
CA ASP D 68 31.94 -3.86 22.04
C ASP D 68 32.54 -4.30 23.33
N HIS D 69 33.52 -5.19 23.24
CA HIS D 69 34.29 -5.58 24.41
C HIS D 69 35.76 -5.72 24.05
N GLY D 70 36.25 -4.79 23.27
CA GLY D 70 37.65 -4.70 22.94
C GLY D 70 38.09 -5.50 21.74
N PRO D 71 39.34 -5.30 21.33
CA PRO D 71 39.86 -5.89 20.10
C PRO D 71 40.42 -7.28 20.23
N ALA D 72 40.51 -7.81 21.46
CA ALA D 72 41.23 -9.06 21.71
C ALA D 72 40.36 -10.30 21.55
N VAL D 73 39.05 -10.16 21.78
CA VAL D 73 38.12 -11.28 21.66
C VAL D 73 38.10 -11.78 20.19
N SER D 74 37.80 -13.05 20.04
CA SER D 74 37.88 -13.75 18.78
C SER D 74 37.35 -12.99 17.58
N GLY D 75 36.11 -12.58 17.64
CA GLY D 75 35.50 -11.95 16.49
C GLY D 75 36.06 -10.59 16.18
N ALA D 76 36.36 -9.80 17.20
CA ALA D 76 36.90 -8.46 16.94
C ALA D 76 38.27 -8.61 16.28
N HIS D 77 39.04 -9.55 16.80
CA HIS D 77 40.35 -9.80 16.27
C HIS D 77 40.28 -10.26 14.80
N ASN D 78 39.33 -11.17 14.46
CA ASN D 78 39.22 -11.63 13.08
C ASN D 78 38.82 -10.48 12.18
N THR D 79 37.89 -9.61 12.62
CA THR D 79 37.53 -8.45 11.82
C THR D 79 38.74 -7.53 11.61
N ILE D 80 39.55 -7.33 12.65
CA ILE D 80 40.74 -6.50 12.57
C ILE D 80 41.72 -7.07 11.55
N ILE D 81 41.92 -8.39 11.56
CA ILE D 81 42.81 -9.03 10.60
C ILE D 81 42.33 -8.79 9.18
N CYS D 82 41.00 -8.91 8.90
N CYS D 82 41.05 -8.95 9.00
CA CYS D 82 40.50 -8.65 7.53
CA CYS D 82 40.45 -8.79 7.72
C CYS D 82 40.72 -7.23 7.16
C CYS D 82 40.56 -7.32 7.21
N ALA D 83 40.43 -6.33 8.10
CA ALA D 83 40.60 -4.92 7.80
C ALA D 83 42.07 -4.62 7.43
N ARG D 84 42.99 -5.22 8.18
CA ARG D 84 44.41 -5.08 7.90
C ARG D 84 44.82 -5.76 6.59
N ALA D 85 44.00 -6.73 6.13
CA ALA D 85 44.24 -7.38 4.87
C ALA D 85 43.63 -6.56 3.70
N GLY D 86 43.11 -5.36 3.97
CA GLY D 86 42.58 -4.47 2.95
C GLY D 86 41.20 -4.83 2.46
N LYS D 87 40.46 -5.60 3.24
CA LYS D 87 39.13 -5.98 2.81
C LYS D 87 38.10 -4.92 3.05
N ASP D 88 36.93 -5.14 2.43
CA ASP D 88 35.79 -4.25 2.57
C ASP D 88 35.07 -4.49 3.91
N LEU D 89 34.18 -3.57 4.25
CA LEU D 89 33.44 -3.60 5.53
C LEU D 89 32.68 -4.89 5.74
N VAL D 90 31.82 -5.28 4.78
CA VAL D 90 31.01 -6.45 5.00
C VAL D 90 31.85 -7.72 5.15
N SER D 91 32.86 -7.91 4.32
CA SER D 91 33.70 -9.09 4.43
C SER D 91 34.35 -9.13 5.82
N SER D 92 34.88 -7.99 6.26
CA SER D 92 35.55 -7.94 7.56
C SER D 92 34.62 -8.17 8.71
N LEU D 93 33.46 -7.54 8.68
CA LEU D 93 32.46 -7.77 9.71
C LEU D 93 32.07 -9.24 9.77
N THR D 94 31.78 -9.82 8.62
CA THR D 94 31.32 -11.20 8.55
C THR D 94 32.38 -12.18 9.02
N SER D 95 33.65 -11.91 8.71
CA SER D 95 34.72 -12.77 9.20
C SER D 95 34.71 -12.84 10.71
N GLY D 96 34.46 -11.72 11.38
CA GLY D 96 34.34 -11.72 12.83
C GLY D 96 33.05 -12.30 13.34
N LEU D 97 31.92 -11.99 12.69
CA LEU D 97 30.64 -12.59 13.15
C LEU D 97 30.68 -14.10 13.13
N LEU D 98 31.38 -14.68 12.15
CA LEU D 98 31.42 -16.13 11.99
C LEU D 98 32.10 -16.84 13.15
N THR D 99 32.77 -16.12 14.07
CA THR D 99 33.32 -16.73 15.28
C THR D 99 32.28 -16.89 16.37
N ILE D 100 31.07 -16.31 16.19
CA ILE D 100 30.07 -16.28 17.26
C ILE D 100 29.18 -17.47 17.29
N GLY D 101 28.91 -17.97 18.49
CA GLY D 101 27.85 -18.94 18.65
C GLY D 101 28.09 -20.03 19.63
N ASP D 102 29.35 -20.36 19.90
CA ASP D 102 29.66 -21.43 20.82
C ASP D 102 30.45 -20.90 22.00
N ARG D 103 31.78 -20.95 21.96
CA ARG D 103 32.63 -20.49 23.03
C ARG D 103 32.74 -18.96 23.10
N PHE D 104 32.36 -18.25 22.02
CA PHE D 104 32.36 -16.80 21.97
C PHE D 104 30.99 -16.33 21.59
N GLY D 105 30.34 -15.55 22.45
CA GLY D 105 29.04 -14.98 22.14
C GLY D 105 27.85 -15.87 22.36
N GLY D 106 28.05 -17.10 22.83
CA GLY D 106 26.97 -18.06 23.05
C GLY D 106 26.44 -18.08 24.46
N ALA D 107 27.08 -17.34 25.41
CA ALA D 107 26.66 -17.45 26.80
C ALA D 107 25.34 -16.79 27.13
N LEU D 108 24.89 -15.77 26.40
CA LEU D 108 23.58 -15.15 26.70
C LEU D 108 22.53 -16.24 26.53
N ASP D 109 22.59 -16.91 25.37
CA ASP D 109 21.66 -17.98 25.05
C ASP D 109 21.77 -19.13 26.02
N ALA D 110 23.01 -19.55 26.31
CA ALA D 110 23.22 -20.70 27.21
C ALA D 110 22.71 -20.41 28.63
N ALA D 111 22.94 -19.19 29.11
CA ALA D 111 22.45 -18.85 30.45
C ALA D 111 20.94 -18.78 30.48
N ALA D 112 20.30 -18.16 29.47
CA ALA D 112 18.84 -18.10 29.46
C ALA D 112 18.25 -19.49 29.46
N LYS D 113 18.81 -20.40 28.67
CA LYS D 113 18.28 -21.75 28.60
C LYS D 113 18.50 -22.52 29.91
N MET D 114 19.70 -22.40 30.50
CA MET D 114 19.98 -23.18 31.71
C MET D 114 19.15 -22.73 32.88
N PHE D 115 19.14 -21.41 33.11
CA PHE D 115 18.31 -20.91 34.20
C PHE D 115 16.84 -21.18 33.95
N SER D 116 16.35 -21.07 32.71
CA SER D 116 14.94 -21.35 32.43
C SER D 116 14.61 -22.80 32.69
N LYS D 117 15.50 -23.72 32.31
CA LYS D 117 15.25 -25.17 32.50
C LYS D 117 15.19 -25.50 34.00
N ALA D 118 16.10 -24.92 34.79
CA ALA D 118 16.10 -25.13 36.22
C ALA D 118 14.82 -24.59 36.84
N PHE D 119 14.45 -23.35 36.51
CA PHE D 119 13.22 -22.72 37.03
C PHE D 119 11.94 -23.49 36.66
N ASP D 120 11.87 -23.94 35.41
CA ASP D 120 10.71 -24.65 34.87
C ASP D 120 10.59 -26.06 35.40
N SER D 121 11.70 -26.61 35.92
CA SER D 121 11.71 -27.94 36.53
C SER D 121 11.15 -27.90 37.97
N GLY D 122 10.90 -26.71 38.50
CA GLY D 122 10.32 -26.55 39.84
C GLY D 122 11.27 -26.78 40.99
N ILE D 123 12.59 -26.81 40.72
CA ILE D 123 13.61 -26.99 41.75
C ILE D 123 14.09 -25.63 42.24
N ILE D 124 14.44 -25.59 43.52
CA ILE D 124 14.88 -24.37 44.18
C ILE D 124 16.35 -24.07 43.86
N PRO D 125 16.80 -22.83 44.08
CA PRO D 125 18.19 -22.47 43.72
C PRO D 125 19.28 -23.36 44.32
N MET D 126 19.18 -23.73 45.59
CA MET D 126 20.21 -24.61 46.19
C MET D 126 20.25 -25.98 45.53
N GLU D 127 19.10 -26.57 45.16
CA GLU D 127 19.05 -27.87 44.51
C GLU D 127 19.69 -27.77 43.11
N PHE D 128 19.47 -26.66 42.40
CA PHE D 128 20.06 -26.39 41.11
C PHE D 128 21.59 -26.33 41.21
N VAL D 129 22.12 -25.55 42.19
CA VAL D 129 23.56 -25.43 42.37
C VAL D 129 24.18 -26.79 42.66
N ASN D 130 23.60 -27.55 43.57
CA ASN D 130 24.10 -28.86 43.95
C ASN D 130 24.01 -29.85 42.79
N LYS D 131 22.94 -29.81 42.00
CA LYS D 131 22.78 -30.69 40.82
C LYS D 131 23.88 -30.40 39.78
N MET D 132 24.27 -29.13 39.58
CA MET D 132 25.32 -28.83 38.61
C MET D 132 26.70 -29.25 39.09
N LYS D 133 26.99 -29.10 40.39
CA LYS D 133 28.30 -29.49 40.94
C LYS D 133 28.46 -31.01 40.89
N LYS D 134 27.35 -31.74 41.12
CA LYS D 134 27.36 -33.21 41.06
C LYS D 134 27.57 -33.66 39.61
N GLU D 135 26.97 -32.93 38.65
CA GLU D 135 27.10 -33.24 37.23
C GLU D 135 28.35 -32.62 36.56
N GLY D 136 29.25 -32.00 37.34
CA GLY D 136 30.48 -31.39 36.84
C GLY D 136 30.26 -30.35 35.77
N LYS D 137 29.13 -29.63 35.85
CA LYS D 137 28.72 -28.64 34.86
C LYS D 137 28.84 -27.24 35.43
N LEU D 138 29.47 -26.33 34.70
CA LEU D 138 29.52 -24.95 35.15
C LEU D 138 28.15 -24.30 34.93
N ILE D 139 27.77 -23.38 35.81
CA ILE D 139 26.53 -22.61 35.65
C ILE D 139 26.80 -21.51 34.63
N MET D 140 26.04 -21.50 33.54
CA MET D 140 26.21 -20.53 32.48
C MET D 140 25.77 -19.16 32.95
N GLY D 141 26.58 -18.13 32.70
CA GLY D 141 26.21 -16.79 33.12
C GLY D 141 26.65 -16.45 34.53
N ILE D 142 27.42 -17.36 35.16
CA ILE D 142 27.99 -17.14 36.49
C ILE D 142 29.49 -17.10 36.35
N GLY D 143 30.11 -16.17 37.05
CA GLY D 143 31.55 -16.09 37.12
C GLY D 143 32.16 -14.91 36.41
N HIS D 144 33.18 -14.33 37.04
CA HIS D 144 33.94 -13.23 36.46
C HIS D 144 35.41 -13.42 36.84
N ARG D 145 36.31 -12.97 35.99
CA ARG D 145 37.75 -13.08 36.27
C ARG D 145 38.17 -12.26 37.46
N VAL D 146 37.49 -11.14 37.74
CA VAL D 146 37.97 -10.31 38.83
C VAL D 146 36.86 -9.68 39.67
N LYS D 147 35.67 -9.39 39.12
CA LYS D 147 34.60 -8.78 39.91
C LYS D 147 34.03 -9.74 40.96
N SER D 148 33.39 -9.17 41.98
CA SER D 148 32.85 -9.92 43.13
C SER D 148 31.76 -9.11 43.81
N ILE D 149 31.16 -9.65 44.85
CA ILE D 149 30.22 -8.85 45.64
C ILE D 149 30.96 -7.62 46.17
N ASN D 150 30.33 -6.41 46.09
CA ASN D 150 30.91 -5.13 46.44
C ASN D 150 32.02 -4.64 45.52
N ASN D 151 32.25 -5.31 44.38
CA ASN D 151 33.09 -4.84 43.30
C ASN D 151 32.34 -5.29 42.05
N PRO D 152 31.19 -4.68 41.78
CA PRO D 152 30.35 -5.19 40.70
C PRO D 152 30.83 -4.92 39.29
N ASP D 153 30.26 -5.69 38.35
CA ASP D 153 30.42 -5.41 36.94
C ASP D 153 29.40 -4.30 36.70
N MET D 154 29.85 -3.14 36.23
CA MET D 154 28.96 -2.01 36.05
C MET D 154 27.91 -2.24 35.00
N ARG D 155 28.20 -3.06 33.98
CA ARG D 155 27.18 -3.37 32.96
C ARG D 155 26.04 -4.16 33.63
N VAL D 156 26.40 -5.10 34.50
CA VAL D 156 25.37 -5.83 35.24
C VAL D 156 24.59 -4.88 36.13
N GLN D 157 25.29 -4.02 36.87
CA GLN D 157 24.59 -3.12 37.77
C GLN D 157 23.61 -2.21 37.06
N ILE D 158 24.02 -1.64 35.95
CA ILE D 158 23.14 -0.73 35.22
C ILE D 158 21.89 -1.43 34.72
N LEU D 159 22.07 -2.59 34.10
CA LEU D 159 20.93 -3.29 33.53
C LEU D 159 20.02 -3.87 34.60
N LYS D 160 20.61 -4.46 35.63
CA LYS D 160 19.83 -5.02 36.72
C LYS D 160 19.00 -3.97 37.40
N ASP D 161 19.59 -2.82 37.67
CA ASP D 161 18.84 -1.73 38.30
C ASP D 161 17.66 -1.31 37.41
N TYR D 162 17.87 -1.18 36.10
CA TYR D 162 16.79 -0.79 35.20
C TYR D 162 15.68 -1.84 35.25
N VAL D 163 16.07 -3.11 35.15
CA VAL D 163 15.10 -4.20 35.11
C VAL D 163 14.28 -4.24 36.41
N ARG D 164 14.93 -4.09 37.55
CA ARG D 164 14.18 -4.16 38.81
C ARG D 164 13.27 -2.94 39.02
N GLN D 165 13.67 -1.77 38.49
CA GLN D 165 12.90 -0.54 38.61
C GLN D 165 11.70 -0.49 37.66
N HIS D 166 11.77 -1.16 36.49
CA HIS D 166 10.73 -1.05 35.49
C HIS D 166 9.88 -2.28 35.21
N PHE D 167 10.40 -3.48 35.39
CA PHE D 167 9.65 -4.70 35.02
C PHE D 167 8.61 -4.99 36.10
N PRO D 168 7.36 -5.30 35.71
CA PRO D 168 6.34 -5.60 36.74
C PRO D 168 6.70 -6.84 37.57
N ALA D 169 7.36 -7.83 36.94
CA ALA D 169 7.75 -9.08 37.61
C ALA D 169 9.04 -9.60 37.01
N THR D 170 9.95 -10.10 37.85
CA THR D 170 11.23 -10.63 37.38
C THR D 170 11.51 -11.96 38.05
N PRO D 171 10.66 -12.97 37.88
CA PRO D 171 10.90 -14.24 38.60
C PRO D 171 12.18 -14.97 38.22
N LEU D 172 12.59 -14.98 36.96
CA LEU D 172 13.83 -15.66 36.61
C LEU D 172 15.07 -14.90 37.09
N LEU D 173 15.04 -13.57 37.04
CA LEU D 173 16.16 -12.80 37.61
C LEU D 173 16.22 -13.07 39.12
N ASP D 174 15.08 -13.07 39.81
CA ASP D 174 15.06 -13.34 41.26
C ASP D 174 15.70 -14.67 41.58
N TYR D 175 15.38 -15.68 40.77
CA TYR D 175 15.94 -17.01 40.94
C TYR D 175 17.45 -16.97 40.73
N ALA D 176 17.90 -16.33 39.66
CA ALA D 176 19.32 -16.24 39.34
C ALA D 176 20.08 -15.47 40.42
N LEU D 177 19.44 -14.49 41.03
CA LEU D 177 20.08 -13.73 42.10
C LEU D 177 20.21 -14.59 43.34
N GLU D 178 19.24 -15.52 43.57
CA GLU D 178 19.34 -16.46 44.68
C GLU D 178 20.50 -17.44 44.42
N VAL D 179 20.66 -17.88 43.17
CA VAL D 179 21.77 -18.74 42.81
C VAL D 179 23.08 -18.00 43.06
N GLU D 180 23.17 -16.71 42.64
CA GLU D 180 24.37 -15.89 42.86
C GLU D 180 24.75 -15.80 44.35
N LYS D 181 23.77 -15.68 45.24
CA LYS D 181 24.09 -15.62 46.67
C LYS D 181 24.80 -16.90 47.10
N ILE D 182 24.40 -18.05 46.56
CA ILE D 182 25.01 -19.32 46.90
C ILE D 182 26.37 -19.44 46.30
N THR D 183 26.51 -19.13 44.99
CA THR D 183 27.80 -19.32 44.34
C THR D 183 28.87 -18.36 44.87
N THR D 184 28.50 -17.09 45.10
CA THR D 184 29.45 -16.14 45.67
C THR D 184 29.89 -16.53 47.07
N SER D 185 29.06 -17.29 47.83
CA SER D 185 29.48 -17.75 49.15
C SER D 185 30.57 -18.84 49.01
N LYS D 186 30.60 -19.58 47.88
CA LYS D 186 31.62 -20.59 47.60
C LYS D 186 32.92 -19.92 47.17
N LYS D 187 32.86 -19.00 46.19
CA LYS D 187 34.02 -18.29 45.66
C LYS D 187 33.50 -16.91 45.25
N PRO D 188 34.07 -15.84 45.84
CA PRO D 188 33.52 -14.51 45.66
C PRO D 188 33.39 -14.00 44.23
N ASN D 189 34.16 -14.52 43.29
CA ASN D 189 34.04 -14.07 41.90
C ASN D 189 32.95 -14.77 41.11
N LEU D 190 32.19 -15.68 41.74
CA LEU D 190 31.10 -16.37 41.06
C LEU D 190 29.81 -15.56 41.07
N ILE D 191 29.91 -14.34 40.52
CA ILE D 191 28.79 -13.43 40.39
C ILE D 191 27.92 -13.77 39.18
N LEU D 192 26.73 -13.19 39.14
CA LEU D 192 25.89 -13.23 37.94
C LEU D 192 26.56 -12.26 36.99
N ASN D 193 27.05 -12.74 35.86
CA ASN D 193 27.80 -11.90 34.94
C ASN D 193 26.88 -11.28 33.88
N VAL D 194 27.39 -10.44 32.99
CA VAL D 194 26.56 -9.74 32.03
C VAL D 194 25.79 -10.67 31.12
N ASP D 195 26.36 -11.85 30.79
CA ASP D 195 25.67 -12.84 29.97
C ASP D 195 24.51 -13.42 30.74
N GLY D 196 24.73 -13.74 32.01
CA GLY D 196 23.68 -14.26 32.87
C GLY D 196 22.57 -13.26 33.07
N LEU D 197 22.92 -12.00 33.34
CA LEU D 197 21.91 -10.96 33.58
C LEU D 197 21.07 -10.74 32.33
N ILE D 198 21.72 -10.51 31.19
CA ILE D 198 20.96 -10.29 29.98
C ILE D 198 20.09 -11.47 29.66
N GLY D 199 20.65 -12.66 29.74
CA GLY D 199 19.90 -13.86 29.44
C GLY D 199 18.64 -14.00 30.27
N VAL D 200 18.77 -13.92 31.62
CA VAL D 200 17.60 -14.11 32.47
C VAL D 200 16.63 -12.97 32.38
N ALA D 201 17.13 -11.74 32.25
CA ALA D 201 16.23 -10.59 32.16
C ALA D 201 15.47 -10.61 30.84
N PHE D 202 16.11 -11.07 29.77
CA PHE D 202 15.41 -11.15 28.47
C PHE D 202 14.28 -12.17 28.54
N VAL D 203 14.52 -13.31 29.23
CA VAL D 203 13.48 -14.29 29.43
C VAL D 203 12.35 -13.69 30.25
N ASP D 204 12.70 -12.97 31.33
CA ASP D 204 11.64 -12.31 32.11
C ASP D 204 10.83 -11.31 31.28
N MET D 205 11.47 -10.59 30.36
CA MET D 205 10.74 -9.68 29.50
C MET D 205 9.75 -10.49 28.64
N LEU D 206 10.22 -11.53 27.98
CA LEU D 206 9.31 -12.31 27.12
C LEU D 206 8.16 -12.95 27.90
N ARG D 207 8.46 -13.50 29.07
CA ARG D 207 7.43 -14.17 29.84
C ARG D 207 6.46 -13.25 30.57
N ASN D 208 6.87 -12.04 30.96
CA ASN D 208 6.05 -11.16 31.79
C ASN D 208 5.63 -9.85 31.21
N CYS D 209 6.11 -9.47 30.03
CA CYS D 209 5.68 -8.17 29.48
C CYS D 209 4.20 -8.15 29.06
N GLY D 210 3.61 -9.32 28.84
CA GLY D 210 2.20 -9.48 28.45
C GLY D 210 1.95 -9.69 26.98
N SER D 211 3.00 -9.68 26.16
CA SER D 211 2.82 -9.82 24.71
C SER D 211 2.96 -11.26 24.24
N PHE D 212 3.45 -12.17 25.10
CA PHE D 212 3.70 -13.53 24.69
C PHE D 212 3.05 -14.56 25.59
N THR D 213 2.65 -15.68 24.98
CA THR D 213 2.24 -16.85 25.74
C THR D 213 3.56 -17.55 26.15
N ARG D 214 3.51 -18.53 27.08
CA ARG D 214 4.74 -19.22 27.47
C ARG D 214 5.31 -19.97 26.27
N GLU D 215 4.45 -20.56 25.46
CA GLU D 215 4.91 -21.30 24.27
C GLU D 215 5.66 -20.36 23.30
N GLU D 216 5.15 -19.14 23.10
CA GLU D 216 5.83 -18.20 22.22
C GLU D 216 7.17 -17.75 22.81
N ALA D 217 7.19 -17.43 24.11
CA ALA D 217 8.44 -17.03 24.78
C ALA D 217 9.49 -18.13 24.70
N ASP D 218 9.11 -19.37 25.04
CA ASP D 218 10.06 -20.47 24.98
C ASP D 218 10.52 -20.72 23.56
N GLU D 219 9.64 -20.53 22.58
CA GLU D 219 10.05 -20.73 21.18
C GLU D 219 11.07 -19.71 20.74
N TYR D 220 10.86 -18.43 21.07
CA TYR D 220 11.82 -17.42 20.67
C TYR D 220 13.18 -17.64 21.32
N ILE D 221 13.21 -18.13 22.54
CA ILE D 221 14.49 -18.46 23.14
C ILE D 221 15.11 -19.65 22.40
N ASP D 222 14.32 -20.69 22.14
CA ASP D 222 14.84 -21.89 21.50
C ASP D 222 15.40 -21.64 20.11
N ILE D 223 14.76 -20.76 19.34
CA ILE D 223 15.20 -20.53 17.96
C ILE D 223 16.31 -19.48 17.86
N GLY D 224 16.71 -18.90 18.98
CA GLY D 224 17.90 -18.06 19.03
C GLY D 224 17.78 -16.57 19.19
N ALA D 225 16.68 -16.08 19.75
CA ALA D 225 16.59 -14.61 19.94
C ALA D 225 17.79 -14.01 20.67
N LEU D 226 18.31 -14.67 21.71
CA LEU D 226 19.48 -14.12 22.42
C LEU D 226 20.75 -14.19 21.64
N ASN D 227 20.89 -15.17 20.76
CA ASN D 227 22.03 -15.17 19.84
C ASN D 227 21.91 -13.93 18.94
N GLY D 228 20.69 -13.62 18.50
CA GLY D 228 20.46 -12.43 17.69
C GLY D 228 20.87 -11.15 18.41
N ILE D 229 20.53 -11.04 19.73
CA ILE D 229 20.85 -9.83 20.49
C ILE D 229 22.36 -9.65 20.53
N PHE D 230 23.11 -10.73 20.80
CA PHE D 230 24.56 -10.59 20.85
C PHE D 230 25.14 -10.19 19.51
N VAL D 231 24.66 -10.85 18.46
CA VAL D 231 25.15 -10.56 17.11
C VAL D 231 24.86 -9.13 16.68
N LEU D 232 23.61 -8.70 16.86
CA LEU D 232 23.24 -7.36 16.43
C LEU D 232 24.00 -6.33 17.29
N GLY D 233 24.07 -6.54 18.61
CA GLY D 233 24.79 -5.60 19.43
C GLY D 233 26.26 -5.50 19.06
N ARG D 234 26.93 -6.65 19.00
CA ARG D 234 28.38 -6.66 18.76
C ARG D 234 28.75 -6.26 17.36
N SER D 235 27.82 -6.35 16.40
CA SER D 235 28.11 -5.86 15.08
C SER D 235 28.54 -4.41 15.09
N MET D 236 27.98 -3.62 16.04
N MET D 236 27.99 -3.62 16.00
CA MET D 236 28.31 -2.20 16.24
CA MET D 236 28.38 -2.24 16.03
C MET D 236 29.81 -2.03 16.47
C MET D 236 29.87 -2.12 16.37
N GLY D 237 30.34 -2.83 17.39
CA GLY D 237 31.76 -2.76 17.73
C GLY D 237 32.63 -3.30 16.63
N PHE D 238 32.21 -4.40 15.98
CA PHE D 238 33.04 -4.93 14.93
C PHE D 238 33.18 -3.96 13.75
N ILE D 239 32.11 -3.25 13.40
CA ILE D 239 32.24 -2.23 12.35
C ILE D 239 33.18 -1.14 12.83
N GLY D 240 33.07 -0.79 14.10
CA GLY D 240 33.97 0.18 14.69
C GLY D 240 35.43 -0.21 14.56
N HIS D 241 35.73 -1.50 14.84
CA HIS D 241 37.10 -1.99 14.73
C HIS D 241 37.59 -1.96 13.28
N TYR D 242 36.71 -2.30 12.32
CA TYR D 242 37.06 -2.19 10.92
C TYR D 242 37.47 -0.77 10.56
N LEU D 243 36.64 0.22 10.94
CA LEU D 243 36.92 1.60 10.63
C LEU D 243 38.20 2.07 11.31
N ASP D 244 38.39 1.63 12.55
CA ASP D 244 39.56 2.03 13.33
C ASP D 244 40.86 1.54 12.66
N GLN D 245 40.89 0.31 12.18
CA GLN D 245 42.12 -0.18 11.57
C GLN D 245 42.45 0.58 10.29
N LYS D 246 41.43 1.01 9.56
CA LYS D 246 41.62 1.84 8.37
C LYS D 246 42.09 3.25 8.78
N ARG D 247 41.47 3.84 9.82
CA ARG D 247 41.87 5.17 10.36
C ARG D 247 43.34 5.13 10.81
N LEU D 248 43.75 4.03 11.46
CA LEU D 248 45.10 3.86 12.00
C LEU D 248 46.11 3.40 10.95
N LYS D 249 45.71 3.23 9.67
CA LYS D 249 46.52 2.83 8.52
C LYS D 249 47.32 1.59 8.76
N GLN D 250 46.65 0.59 9.32
CA GLN D 250 47.26 -0.66 9.69
C GLN D 250 47.40 -1.60 8.48
N GLY D 251 48.62 -2.06 8.23
CA GLY D 251 48.97 -2.91 7.09
C GLY D 251 48.79 -4.39 7.34
N LEU D 252 49.06 -5.17 6.32
CA LEU D 252 48.88 -6.61 6.39
C LEU D 252 49.56 -7.23 7.58
N TYR D 253 48.83 -8.07 8.30
CA TYR D 253 49.39 -8.77 9.45
C TYR D 253 49.75 -10.19 9.07
N ARG D 254 50.83 -10.67 9.68
CA ARG D 254 51.25 -12.06 9.54
C ARG D 254 51.74 -12.44 10.93
N HIS D 255 51.19 -13.51 11.54
CA HIS D 255 51.51 -13.86 12.91
C HIS D 255 52.95 -14.28 13.04
N PRO D 256 53.66 -13.89 14.11
CA PRO D 256 55.07 -14.28 14.21
C PRO D 256 55.29 -15.75 14.50
N TRP D 257 56.31 -16.33 13.84
CA TRP D 257 56.70 -17.72 14.08
C TRP D 257 57.12 -17.96 15.50
N ASP D 258 57.66 -16.93 16.21
CA ASP D 258 58.04 -17.11 17.61
C ASP D 258 56.86 -17.30 18.59
N ASP D 259 55.62 -17.33 18.10
CA ASP D 259 54.45 -17.55 18.94
C ASP D 259 53.62 -18.74 18.42
N ILE D 260 54.24 -19.59 17.61
CA ILE D 260 53.58 -20.76 17.05
C ILE D 260 54.44 -21.96 17.30
N SER D 261 53.86 -23.05 17.82
CA SER D 261 54.55 -24.30 17.97
C SER D 261 54.18 -25.20 16.76
N TYR D 262 55.15 -25.50 15.90
CA TYR D 262 54.95 -26.38 14.75
C TYR D 262 55.38 -27.76 15.21
N VAL D 263 54.43 -28.70 15.23
CA VAL D 263 54.65 -30.09 15.66
C VAL D 263 54.16 -31.02 14.51
N LEU D 264 54.83 -31.03 13.35
CA LEU D 264 54.44 -31.90 12.21
C LEU D 264 54.83 -33.38 12.41
N PRO D 265 54.12 -34.33 11.75
CA PRO D 265 54.50 -35.75 11.84
C PRO D 265 55.91 -36.03 11.32
N GLU D 266 56.61 -36.99 11.94
CA GLU D 266 57.96 -37.34 11.49
C GLU D 266 57.88 -38.34 10.34
N PRO E 6 -4.77 7.72 13.23
CA PRO E 6 -5.46 6.63 12.54
C PRO E 6 -6.36 7.13 11.41
N ALA E 7 -6.36 6.42 10.26
CA ALA E 7 -7.17 6.83 9.12
C ALA E 7 -8.65 6.79 9.43
N SER E 8 -9.33 7.81 9.01
CA SER E 8 -10.75 7.96 9.26
C SER E 8 -11.57 7.19 8.26
N PHE E 9 -11.02 6.98 7.05
CA PHE E 9 -11.72 6.26 5.98
C PHE E 9 -11.04 4.97 5.66
N MET E 10 -11.84 4.02 5.17
CA MET E 10 -11.36 2.74 4.71
C MET E 10 -11.98 2.50 3.36
N THR E 11 -11.25 1.82 2.47
CA THR E 11 -11.77 1.55 1.15
C THR E 11 -11.17 0.28 0.64
N SER E 12 -11.89 -0.47 -0.21
CA SER E 12 -11.31 -1.70 -0.71
C SER E 12 -11.58 -1.99 -2.15
N ILE E 13 -12.07 -1.03 -2.94
CA ILE E 13 -12.45 -1.36 -4.30
C ILE E 13 -11.55 -0.81 -5.39
N CYS E 14 -10.88 0.32 -5.16
CA CYS E 14 -10.14 0.97 -6.23
C CYS E 14 -8.93 1.71 -5.68
N ASP E 15 -7.76 1.52 -6.28
CA ASP E 15 -6.57 2.26 -5.86
C ASP E 15 -6.07 3.04 -7.04
N GLU E 16 -6.14 4.36 -6.92
CA GLU E 16 -5.73 5.27 -7.98
C GLU E 16 -4.37 5.92 -7.72
N ARG E 17 -3.70 5.51 -6.64
CA ARG E 17 -2.48 6.18 -6.20
C ARG E 17 -1.24 5.88 -6.98
N GLY E 18 -1.17 4.73 -7.64
CA GLY E 18 0.09 4.24 -8.20
C GLY E 18 0.30 4.40 -9.68
N GLN E 19 1.18 3.59 -10.20
CA GLN E 19 1.54 3.66 -11.62
C GLN E 19 0.34 3.44 -12.52
N GLU E 20 -0.55 2.55 -12.14
CA GLU E 20 -1.78 2.38 -12.90
C GLU E 20 -2.94 2.11 -11.99
N LEU E 21 -4.11 2.48 -12.44
CA LEU E 21 -5.37 2.29 -11.73
C LEU E 21 -5.59 0.81 -11.47
N ILE E 22 -6.10 0.48 -10.30
CA ILE E 22 -6.41 -0.88 -9.91
C ILE E 22 -7.86 -0.95 -9.49
N TYR E 23 -8.60 -1.92 -10.05
CA TYR E 23 -9.98 -2.21 -9.67
C TYR E 23 -9.96 -3.56 -8.94
N ALA E 24 -10.26 -3.55 -7.64
CA ALA E 24 -10.26 -4.73 -6.76
C ALA E 24 -9.06 -5.61 -6.98
N GLY E 25 -7.89 -5.06 -6.97
CA GLY E 25 -6.73 -5.94 -7.25
C GLY E 25 -6.38 -6.39 -8.66
N MET E 26 -7.18 -6.04 -9.69
CA MET E 26 -6.79 -6.20 -11.07
C MET E 26 -6.35 -4.82 -11.59
N PRO E 27 -5.09 -4.68 -12.06
CA PRO E 27 -4.69 -3.42 -12.71
C PRO E 27 -5.51 -3.21 -13.97
N ILE E 28 -5.76 -1.96 -14.34
CA ILE E 28 -6.59 -1.63 -15.48
C ILE E 28 -6.06 -2.26 -16.79
N THR E 29 -4.72 -2.38 -16.96
CA THR E 29 -4.17 -3.02 -18.15
C THR E 29 -4.66 -4.45 -18.24
N GLU E 30 -4.75 -5.15 -17.11
CA GLU E 30 -5.20 -6.55 -17.09
C GLU E 30 -6.71 -6.65 -17.34
N VAL E 31 -7.50 -5.72 -16.82
CA VAL E 31 -8.94 -5.66 -17.07
C VAL E 31 -9.19 -5.68 -18.59
N PHE E 32 -8.47 -4.85 -19.33
CA PHE E 32 -8.64 -4.77 -20.77
C PHE E 32 -8.01 -5.93 -21.51
N LYS E 33 -6.81 -6.38 -21.09
CA LYS E 33 -6.19 -7.54 -21.74
C LYS E 33 -7.09 -8.79 -21.60
N GLU E 34 -7.76 -8.95 -20.46
CA GLU E 34 -8.67 -10.09 -20.20
C GLU E 34 -10.09 -9.88 -20.75
N GLU E 35 -10.35 -8.76 -21.48
CA GLU E 35 -11.64 -8.43 -22.10
C GLU E 35 -12.77 -8.57 -21.09
N MET E 36 -12.56 -7.97 -19.90
N MET E 36 -12.61 -7.97 -19.94
CA MET E 36 -13.53 -8.05 -18.80
CA MET E 36 -13.60 -8.14 -18.90
C MET E 36 -14.87 -7.37 -19.14
C MET E 36 -14.89 -7.35 -19.12
N GLY E 37 -14.83 -6.29 -19.92
CA GLY E 37 -16.00 -5.52 -20.25
C GLY E 37 -16.57 -4.78 -19.06
N ILE E 38 -17.69 -4.11 -19.32
CA ILE E 38 -18.41 -3.37 -18.29
C ILE E 38 -18.90 -4.34 -17.21
N GLY E 39 -19.38 -5.52 -17.59
CA GLY E 39 -19.86 -6.47 -16.58
C GLY E 39 -18.76 -6.96 -15.69
N GLY E 40 -17.58 -7.18 -16.24
CA GLY E 40 -16.45 -7.57 -15.41
C GLY E 40 -15.95 -6.47 -14.50
N VAL E 41 -15.95 -5.22 -14.98
CA VAL E 41 -15.62 -4.08 -14.12
C VAL E 41 -16.62 -3.97 -12.97
N LEU E 42 -17.91 -4.17 -13.24
CA LEU E 42 -18.89 -4.16 -12.17
C LEU E 42 -18.61 -5.29 -11.18
N GLY E 43 -18.29 -6.48 -11.66
CA GLY E 43 -17.95 -7.55 -10.73
C GLY E 43 -16.82 -7.15 -9.80
N LEU E 44 -15.79 -6.49 -10.33
CA LEU E 44 -14.66 -6.05 -9.53
C LEU E 44 -15.02 -4.96 -8.55
N LEU E 45 -15.71 -3.93 -9.02
CA LEU E 45 -15.99 -2.78 -8.18
C LEU E 45 -17.10 -3.00 -7.18
N TRP E 46 -18.12 -3.77 -7.54
CA TRP E 46 -19.26 -4.00 -6.65
C TRP E 46 -19.08 -5.22 -5.80
N PHE E 47 -18.50 -6.29 -6.36
CA PHE E 47 -18.39 -7.55 -5.64
C PHE E 47 -16.99 -7.98 -5.30
N GLN E 48 -15.96 -7.25 -5.71
N GLN E 48 -15.95 -7.25 -5.75
CA GLN E 48 -14.57 -7.62 -5.40
CA GLN E 48 -14.51 -7.58 -5.58
C GLN E 48 -14.16 -8.98 -5.99
C GLN E 48 -14.21 -9.00 -5.98
N LYS E 49 -14.74 -9.39 -7.14
CA LYS E 49 -14.49 -10.69 -7.72
C LYS E 49 -14.28 -10.55 -9.19
N ARG E 50 -13.47 -11.47 -9.74
CA ARG E 50 -13.33 -11.64 -11.16
C ARG E 50 -14.42 -12.70 -11.47
N LEU E 51 -15.56 -12.25 -11.94
CA LEU E 51 -16.68 -13.13 -12.19
C LEU E 51 -16.52 -13.94 -13.47
N PRO E 52 -17.17 -15.11 -13.55
CA PRO E 52 -17.15 -15.85 -14.82
C PRO E 52 -17.73 -15.06 -16.01
N LYS E 53 -17.32 -15.42 -17.23
CA LYS E 53 -17.81 -14.73 -18.42
C LYS E 53 -19.35 -14.68 -18.52
N TYR E 54 -20.06 -15.79 -18.27
CA TYR E 54 -21.51 -15.76 -18.39
C TYR E 54 -22.16 -14.83 -17.38
N SER E 55 -21.52 -14.63 -16.21
CA SER E 55 -22.02 -13.71 -15.18
C SER E 55 -21.80 -12.28 -15.65
N CYS E 56 -20.63 -12.00 -16.20
CA CYS E 56 -20.34 -10.67 -16.75
C CYS E 56 -21.34 -10.33 -17.87
N GLN E 57 -21.56 -11.30 -18.74
CA GLN E 57 -22.49 -11.11 -19.87
C GLN E 57 -23.91 -10.91 -19.36
N PHE E 58 -24.32 -11.68 -18.35
CA PHE E 58 -25.64 -11.48 -17.80
C PHE E 58 -25.80 -10.10 -17.20
N ILE E 59 -24.78 -9.60 -16.48
CA ILE E 59 -24.83 -8.26 -15.92
C ILE E 59 -25.04 -7.24 -17.03
N GLU E 60 -24.29 -7.40 -18.12
CA GLU E 60 -24.42 -6.51 -19.27
C GLU E 60 -25.80 -6.60 -19.90
N MET E 61 -26.34 -7.80 -20.02
CA MET E 61 -27.71 -7.97 -20.53
C MET E 61 -28.69 -7.24 -19.63
N CYS E 62 -28.52 -7.33 -18.29
CA CYS E 62 -29.41 -6.62 -17.36
C CYS E 62 -29.36 -5.11 -17.59
N LEU E 63 -28.16 -4.56 -17.80
CA LEU E 63 -28.03 -3.12 -18.01
C LEU E 63 -28.70 -2.76 -19.33
N MET E 64 -28.59 -3.61 -20.37
CA MET E 64 -29.21 -3.31 -21.66
C MET E 64 -30.74 -3.36 -21.57
N VAL E 65 -31.29 -4.42 -20.93
CA VAL E 65 -32.74 -4.53 -20.89
C VAL E 65 -33.40 -3.53 -19.98
N THR E 66 -32.70 -3.02 -18.96
CA THR E 66 -33.28 -2.00 -18.06
C THR E 66 -32.99 -0.58 -18.55
N ALA E 67 -32.26 -0.41 -19.67
CA ALA E 67 -31.82 0.90 -20.10
C ALA E 67 -32.92 1.94 -20.19
N ASP E 68 -34.04 1.61 -20.80
CA ASP E 68 -35.15 2.55 -20.83
C ASP E 68 -36.48 1.85 -20.98
N HIS E 69 -37.55 2.48 -20.49
CA HIS E 69 -38.86 1.94 -20.71
C HIS E 69 -39.82 3.08 -20.97
N GLY E 70 -39.38 4.07 -21.71
CA GLY E 70 -40.22 5.16 -22.17
C GLY E 70 -40.30 6.36 -21.23
N PRO E 71 -40.99 7.40 -21.69
CA PRO E 71 -41.00 8.70 -20.98
C PRO E 71 -42.10 8.82 -19.95
N ALA E 72 -42.99 7.81 -19.83
CA ALA E 72 -44.19 7.93 -18.96
C ALA E 72 -43.92 7.54 -17.53
N VAL E 73 -42.93 6.66 -17.29
CA VAL E 73 -42.62 6.17 -15.98
C VAL E 73 -42.10 7.30 -15.09
N SER E 74 -42.34 7.16 -13.78
CA SER E 74 -42.04 8.23 -12.83
C SER E 74 -40.73 8.92 -13.05
N GLY E 75 -39.66 8.15 -13.08
CA GLY E 75 -38.35 8.76 -13.16
C GLY E 75 -38.03 9.43 -14.47
N ALA E 76 -38.44 8.79 -15.56
CA ALA E 76 -38.16 9.40 -16.85
C ALA E 76 -38.97 10.69 -16.99
N HIS E 77 -40.23 10.65 -16.53
CA HIS E 77 -41.10 11.81 -16.55
C HIS E 77 -40.46 12.97 -15.73
N ASN E 78 -39.96 12.69 -14.53
CA ASN E 78 -39.33 13.76 -13.75
C ASN E 78 -38.08 14.28 -14.40
N THR E 79 -37.25 13.40 -14.99
CA THR E 79 -36.07 13.89 -15.71
C THR E 79 -36.49 14.82 -16.85
N ILE E 80 -37.55 14.43 -17.60
CA ILE E 80 -38.02 15.24 -18.71
C ILE E 80 -38.50 16.60 -18.22
N ILE E 81 -39.24 16.62 -17.11
CA ILE E 81 -39.72 17.90 -16.56
C ILE E 81 -38.52 18.78 -16.21
N CYS E 82 -37.44 18.23 -15.59
N CYS E 82 -37.57 18.16 -15.58
CA CYS E 82 -36.24 19.08 -15.30
CA CYS E 82 -36.41 18.84 -15.17
C CYS E 82 -35.64 19.58 -16.56
C CYS E 82 -35.59 19.42 -16.37
N ALA E 83 -35.47 18.67 -17.50
CA ALA E 83 -34.83 19.12 -18.74
C ALA E 83 -35.62 20.28 -19.37
N ARG E 84 -36.95 20.17 -19.37
CA ARG E 84 -37.82 21.21 -19.90
C ARG E 84 -37.80 22.46 -19.06
N ALA E 85 -37.37 22.36 -17.80
CA ALA E 85 -37.20 23.51 -16.94
C ALA E 85 -35.81 24.13 -17.13
N GLY E 86 -35.04 23.68 -18.12
CA GLY E 86 -33.76 24.30 -18.45
C GLY E 86 -32.61 23.88 -17.58
N LYS E 87 -32.77 22.79 -16.83
CA LYS E 87 -31.72 22.31 -15.95
C LYS E 87 -30.64 21.55 -16.66
N ASP E 88 -29.52 21.41 -15.96
CA ASP E 88 -28.34 20.69 -16.43
C ASP E 88 -28.61 19.17 -16.39
N LEU E 89 -27.71 18.43 -17.03
CA LEU E 89 -27.81 16.98 -17.13
C LEU E 89 -27.85 16.28 -15.82
N VAL E 90 -26.91 16.63 -14.90
CA VAL E 90 -26.85 15.94 -13.63
C VAL E 90 -28.10 16.20 -12.80
N SER E 91 -28.55 17.45 -12.73
CA SER E 91 -29.75 17.74 -11.95
C SER E 91 -30.94 16.99 -12.48
N SER E 92 -31.06 16.94 -13.82
CA SER E 92 -32.19 16.29 -14.46
C SER E 92 -32.19 14.81 -14.27
N LEU E 93 -31.04 14.19 -14.45
CA LEU E 93 -30.89 12.77 -14.18
C LEU E 93 -31.26 12.46 -12.76
N THR E 94 -30.66 13.21 -11.80
CA THR E 94 -30.87 12.90 -10.39
C THR E 94 -32.32 13.07 -10.00
N SER E 95 -33.01 14.10 -10.50
CA SER E 95 -34.41 14.25 -10.20
C SER E 95 -35.22 12.98 -10.53
N GLY E 96 -34.87 12.33 -11.62
CA GLY E 96 -35.51 11.10 -11.99
C GLY E 96 -35.02 9.89 -11.21
N LEU E 97 -33.71 9.82 -10.95
CA LEU E 97 -33.19 8.69 -10.17
C LEU E 97 -33.80 8.65 -8.78
N LEU E 98 -34.10 9.83 -8.20
CA LEU E 98 -34.64 9.89 -6.85
C LEU E 98 -36.05 9.28 -6.73
N THR E 99 -36.73 8.97 -7.85
CA THR E 99 -38.02 8.28 -7.79
C THR E 99 -37.85 6.76 -7.65
N ILE E 100 -36.62 6.23 -7.82
CA ILE E 100 -36.40 4.77 -7.83
C ILE E 100 -36.43 4.22 -6.43
N GLY E 101 -37.29 3.22 -6.22
CA GLY E 101 -37.59 2.69 -4.92
C GLY E 101 -38.62 1.59 -4.93
N ASP E 102 -39.40 1.49 -3.82
CA ASP E 102 -40.31 0.37 -3.58
C ASP E 102 -41.32 0.16 -4.67
N ARG E 103 -41.79 1.26 -5.29
CA ARG E 103 -42.84 1.13 -6.27
C ARG E 103 -42.33 1.13 -7.68
N PHE E 104 -41.32 1.94 -7.97
CA PHE E 104 -40.76 2.06 -9.30
C PHE E 104 -39.29 1.69 -9.31
N GLY E 105 -38.93 0.63 -10.00
CA GLY E 105 -37.53 0.26 -10.28
C GLY E 105 -36.59 -0.21 -9.22
N GLY E 106 -37.01 -0.17 -7.98
CA GLY E 106 -36.15 -0.48 -6.85
C GLY E 106 -36.77 -1.55 -6.00
N ALA E 107 -37.44 -2.54 -6.64
CA ALA E 107 -38.02 -3.68 -5.95
C ALA E 107 -37.14 -4.93 -6.16
N LEU E 108 -35.92 -4.77 -6.67
CA LEU E 108 -35.06 -5.93 -6.89
C LEU E 108 -34.56 -6.47 -5.61
N ASP E 109 -34.12 -5.61 -4.66
CA ASP E 109 -33.59 -6.09 -3.37
C ASP E 109 -34.70 -6.82 -2.66
N ALA E 110 -35.88 -6.22 -2.62
CA ALA E 110 -36.99 -6.81 -1.89
C ALA E 110 -37.58 -8.08 -2.54
N ALA E 111 -37.60 -8.16 -3.86
CA ALA E 111 -38.05 -9.37 -4.56
C ALA E 111 -37.06 -10.52 -4.28
N ALA E 112 -35.77 -10.23 -4.40
CA ALA E 112 -34.76 -11.23 -4.07
C ALA E 112 -34.93 -11.71 -2.65
N LYS E 113 -35.16 -10.79 -1.71
CA LYS E 113 -35.29 -11.18 -0.30
C LYS E 113 -36.55 -12.00 -0.05
N MET E 114 -37.68 -11.55 -0.60
CA MET E 114 -38.98 -12.20 -0.38
C MET E 114 -39.05 -13.58 -1.00
N PHE E 115 -38.63 -13.71 -2.26
CA PHE E 115 -38.62 -15.03 -2.89
C PHE E 115 -37.60 -15.95 -2.24
N SER E 116 -36.43 -15.42 -1.90
CA SER E 116 -35.40 -16.20 -1.24
C SER E 116 -35.91 -16.74 0.11
N LYS E 117 -36.57 -15.89 0.88
CA LYS E 117 -37.11 -16.28 2.19
C LYS E 117 -38.16 -17.40 2.03
N ALA E 118 -39.07 -17.26 1.05
CA ALA E 118 -40.08 -18.28 0.82
C ALA E 118 -39.42 -19.60 0.44
N PHE E 119 -38.54 -19.56 -0.54
CA PHE E 119 -37.82 -20.73 -0.99
C PHE E 119 -37.02 -21.39 0.13
N ASP E 120 -36.21 -20.59 0.85
CA ASP E 120 -35.36 -21.15 1.89
C ASP E 120 -36.16 -21.72 3.05
N SER E 121 -37.33 -21.12 3.33
CA SER E 121 -38.17 -21.62 4.43
C SER E 121 -38.90 -22.92 4.12
N GLY E 122 -38.84 -23.40 2.87
CA GLY E 122 -39.45 -24.65 2.48
C GLY E 122 -40.91 -24.59 2.15
N ILE E 123 -41.53 -23.39 2.12
CA ILE E 123 -42.94 -23.28 1.75
C ILE E 123 -43.09 -23.38 0.24
N ILE E 124 -44.20 -23.96 -0.21
CA ILE E 124 -44.48 -24.13 -1.64
C ILE E 124 -45.05 -22.86 -2.23
N PRO E 125 -44.93 -22.67 -3.56
CA PRO E 125 -45.41 -21.42 -4.18
C PRO E 125 -46.83 -20.98 -3.77
N MET E 126 -47.79 -21.90 -3.71
CA MET E 126 -49.17 -21.56 -3.32
C MET E 126 -49.31 -21.05 -1.87
N GLU E 127 -48.55 -21.65 -0.90
CA GLU E 127 -48.58 -21.21 0.48
C GLU E 127 -47.93 -19.85 0.63
N PHE E 128 -46.94 -19.53 -0.24
CA PHE E 128 -46.33 -18.21 -0.22
C PHE E 128 -47.38 -17.17 -0.67
N VAL E 129 -48.07 -17.41 -1.77
CA VAL E 129 -49.05 -16.45 -2.32
C VAL E 129 -50.18 -16.20 -1.32
N ASN E 130 -50.70 -17.26 -0.75
CA ASN E 130 -51.79 -17.18 0.24
C ASN E 130 -51.39 -16.46 1.53
N LYS E 131 -50.19 -16.74 2.05
CA LYS E 131 -49.66 -16.08 3.25
C LYS E 131 -49.48 -14.58 3.02
N MET E 132 -49.08 -14.19 1.80
CA MET E 132 -48.87 -12.78 1.53
C MET E 132 -50.21 -12.06 1.43
N LYS E 133 -51.23 -12.71 0.81
CA LYS E 133 -52.55 -12.05 0.72
C LYS E 133 -53.17 -11.95 2.10
N LYS E 134 -53.10 -13.02 2.92
CA LYS E 134 -53.58 -13.01 4.31
C LYS E 134 -52.95 -11.87 5.13
N GLU E 135 -51.65 -11.62 4.95
CA GLU E 135 -50.93 -10.57 5.70
C GLU E 135 -51.04 -9.18 5.06
N GLY E 136 -51.69 -9.05 3.91
CA GLY E 136 -51.85 -7.78 3.21
C GLY E 136 -50.54 -7.21 2.70
N LYS E 137 -49.60 -8.09 2.31
CA LYS E 137 -48.25 -7.71 1.84
C LYS E 137 -48.18 -7.87 0.33
N LEU E 138 -47.66 -6.85 -0.38
CA LEU E 138 -47.46 -6.97 -1.82
C LEU E 138 -46.26 -7.88 -2.06
N ILE E 139 -46.35 -8.79 -3.07
CA ILE E 139 -45.23 -9.63 -3.47
C ILE E 139 -44.29 -8.73 -4.30
N MET E 140 -43.08 -8.42 -3.79
CA MET E 140 -42.14 -7.57 -4.51
C MET E 140 -41.61 -8.32 -5.72
N GLY E 141 -41.60 -7.66 -6.88
CA GLY E 141 -41.15 -8.29 -8.11
C GLY E 141 -42.31 -8.91 -8.87
N ILE E 142 -43.55 -8.72 -8.40
CA ILE E 142 -44.78 -9.13 -9.07
C ILE E 142 -45.60 -7.86 -9.34
N GLY E 143 -46.21 -7.77 -10.53
CA GLY E 143 -47.09 -6.67 -10.87
C GLY E 143 -46.51 -5.68 -11.86
N HIS E 144 -47.38 -5.13 -12.71
CA HIS E 144 -46.94 -4.12 -13.64
C HIS E 144 -48.13 -3.27 -14.01
N ARG E 145 -47.93 -1.98 -14.18
CA ARG E 145 -49.01 -1.08 -14.54
C ARG E 145 -49.56 -1.37 -15.95
N VAL E 146 -48.69 -1.75 -16.89
CA VAL E 146 -49.10 -1.93 -18.30
C VAL E 146 -48.76 -3.30 -18.88
N LYS E 147 -47.66 -3.95 -18.49
CA LYS E 147 -47.35 -5.28 -19.02
C LYS E 147 -48.22 -6.28 -18.28
N SER E 148 -48.55 -7.38 -18.94
CA SER E 148 -49.50 -8.35 -18.41
C SER E 148 -49.33 -9.66 -19.17
N ILE E 149 -50.15 -10.67 -18.90
CA ILE E 149 -50.07 -11.89 -19.71
C ILE E 149 -50.50 -11.63 -21.17
N ASN E 150 -51.37 -10.65 -21.40
CA ASN E 150 -51.81 -10.30 -22.77
C ASN E 150 -50.85 -9.30 -23.43
N ASN E 151 -49.98 -8.66 -22.65
CA ASN E 151 -49.00 -7.69 -23.12
C ASN E 151 -47.63 -8.09 -22.51
N PRO E 152 -47.06 -9.22 -22.96
CA PRO E 152 -45.85 -9.74 -22.30
C PRO E 152 -44.61 -8.87 -22.41
N ASP E 153 -43.70 -9.04 -21.44
CA ASP E 153 -42.47 -8.27 -21.34
C ASP E 153 -41.29 -9.01 -21.99
N MET E 154 -40.87 -8.54 -23.17
CA MET E 154 -39.78 -9.18 -23.90
C MET E 154 -38.48 -9.09 -23.14
N ARG E 155 -38.33 -8.08 -22.25
CA ARG E 155 -37.10 -8.03 -21.45
C ARG E 155 -37.01 -9.25 -20.56
N VAL E 156 -38.14 -9.68 -19.98
CA VAL E 156 -38.21 -10.86 -19.13
C VAL E 156 -37.92 -12.14 -19.94
N GLN E 157 -38.47 -12.26 -21.14
CA GLN E 157 -38.20 -13.40 -22.03
C GLN E 157 -36.71 -13.51 -22.39
N ILE E 158 -36.08 -12.39 -22.76
CA ILE E 158 -34.67 -12.40 -23.11
C ILE E 158 -33.80 -12.88 -21.94
N LEU E 159 -34.04 -12.30 -20.76
CA LEU E 159 -33.30 -12.65 -19.57
C LEU E 159 -33.48 -14.14 -19.24
N LYS E 160 -34.74 -14.62 -19.23
CA LYS E 160 -35.04 -16.03 -18.92
C LYS E 160 -34.30 -16.95 -19.82
N ASP E 161 -34.36 -16.66 -21.13
CA ASP E 161 -33.68 -17.51 -22.08
C ASP E 161 -32.18 -17.58 -21.83
N TYR E 162 -31.54 -16.46 -21.51
CA TYR E 162 -30.11 -16.47 -21.27
C TYR E 162 -29.75 -17.28 -20.03
N VAL E 163 -30.46 -17.03 -18.93
CA VAL E 163 -30.21 -17.69 -17.65
C VAL E 163 -30.39 -19.19 -17.78
N ARG E 164 -31.44 -19.63 -18.49
CA ARG E 164 -31.65 -21.09 -18.67
C ARG E 164 -30.53 -21.74 -19.43
N GLN E 165 -29.99 -21.05 -20.44
CA GLN E 165 -28.93 -21.57 -21.30
C GLN E 165 -27.53 -21.55 -20.67
N HIS E 166 -27.24 -20.56 -19.82
CA HIS E 166 -25.89 -20.36 -19.31
C HIS E 166 -25.65 -20.53 -17.83
N PHE E 167 -26.68 -20.48 -16.99
CA PHE E 167 -26.41 -20.57 -15.56
C PHE E 167 -26.26 -22.00 -15.09
N PRO E 168 -25.32 -22.29 -14.17
CA PRO E 168 -25.20 -23.67 -13.65
C PRO E 168 -26.45 -24.16 -12.92
N ALA E 169 -27.16 -23.26 -12.21
CA ALA E 169 -28.35 -23.64 -11.46
C ALA E 169 -29.28 -22.46 -11.29
N THR E 170 -30.59 -22.69 -11.39
CA THR E 170 -31.55 -21.59 -11.28
C THR E 170 -32.73 -22.01 -10.40
N PRO E 171 -32.48 -22.48 -9.16
CA PRO E 171 -33.60 -22.93 -8.34
C PRO E 171 -34.57 -21.83 -7.90
N LEU E 172 -34.07 -20.63 -7.64
CA LEU E 172 -34.99 -19.56 -7.25
C LEU E 172 -35.81 -19.04 -8.42
N LEU E 173 -35.21 -18.92 -9.61
CA LEU E 173 -36.01 -18.51 -10.77
C LEU E 173 -37.13 -19.50 -11.01
N ASP E 174 -36.82 -20.78 -10.94
CA ASP E 174 -37.82 -21.81 -11.15
C ASP E 174 -38.98 -21.64 -10.14
N TYR E 175 -38.64 -21.38 -8.89
CA TYR E 175 -39.69 -21.17 -7.89
C TYR E 175 -40.54 -19.92 -8.19
N ALA E 176 -39.90 -18.84 -8.59
CA ALA E 176 -40.59 -17.58 -8.90
C ALA E 176 -41.56 -17.74 -10.05
N LEU E 177 -41.18 -18.57 -11.04
CA LEU E 177 -42.01 -18.79 -12.23
C LEU E 177 -43.23 -19.57 -11.83
N GLU E 178 -43.11 -20.47 -10.81
CA GLU E 178 -44.27 -21.18 -10.25
C GLU E 178 -45.21 -20.17 -9.54
N VAL E 179 -44.64 -19.24 -8.75
CA VAL E 179 -45.44 -18.17 -8.10
C VAL E 179 -46.19 -17.34 -9.20
N GLU E 180 -45.51 -16.98 -10.31
CA GLU E 180 -46.13 -16.20 -11.38
C GLU E 180 -47.31 -16.92 -12.02
N LYS E 181 -47.18 -18.24 -12.23
CA LYS E 181 -48.30 -18.99 -12.81
C LYS E 181 -49.58 -18.83 -11.96
N ILE E 182 -49.43 -18.85 -10.63
CA ILE E 182 -50.53 -18.70 -9.71
C ILE E 182 -51.04 -17.27 -9.71
N THR E 183 -50.16 -16.26 -9.54
CA THR E 183 -50.62 -14.87 -9.47
C THR E 183 -51.31 -14.43 -10.75
N THR E 184 -50.75 -14.78 -11.94
CA THR E 184 -51.38 -14.42 -13.22
C THR E 184 -52.69 -15.21 -13.47
N SER E 185 -52.97 -16.29 -12.71
CA SER E 185 -54.26 -16.97 -12.87
C SER E 185 -55.37 -16.19 -12.14
N LYS E 186 -55.00 -15.32 -11.18
CA LYS E 186 -55.95 -14.50 -10.41
C LYS E 186 -56.17 -13.17 -11.13
N LYS E 187 -55.06 -12.46 -11.49
CA LYS E 187 -55.11 -11.15 -12.14
C LYS E 187 -54.04 -11.11 -13.25
N PRO E 188 -54.42 -10.75 -14.50
CA PRO E 188 -53.45 -10.75 -15.60
C PRO E 188 -52.28 -9.79 -15.47
N ASN E 189 -52.36 -8.77 -14.59
CA ASN E 189 -51.25 -7.80 -14.41
C ASN E 189 -50.20 -8.30 -13.42
N LEU E 190 -50.46 -9.40 -12.69
CA LEU E 190 -49.53 -9.87 -11.68
C LEU E 190 -48.44 -10.79 -12.27
N ILE E 191 -47.76 -10.28 -13.30
CA ILE E 191 -46.63 -10.98 -13.91
C ILE E 191 -45.39 -10.85 -13.04
N LEU E 192 -44.41 -11.67 -13.33
CA LEU E 192 -43.08 -11.57 -12.74
C LEU E 192 -42.46 -10.46 -13.56
N ASN E 193 -42.17 -9.31 -12.91
CA ASN E 193 -41.71 -8.14 -13.61
C ASN E 193 -40.19 -8.12 -13.72
N VAL E 194 -39.65 -7.12 -14.39
CA VAL E 194 -38.22 -7.07 -14.61
C VAL E 194 -37.45 -6.97 -13.28
N ASP E 195 -38.06 -6.38 -12.21
CA ASP E 195 -37.39 -6.30 -10.93
C ASP E 195 -37.31 -7.69 -10.34
N GLY E 196 -38.40 -8.44 -10.42
CA GLY E 196 -38.48 -9.81 -9.89
C GLY E 196 -37.56 -10.76 -10.63
N LEU E 197 -37.54 -10.72 -11.97
N LEU E 197 -37.54 -10.66 -11.94
CA LEU E 197 -36.66 -11.64 -12.72
CA LEU E 197 -36.75 -11.54 -12.78
C LEU E 197 -35.21 -11.34 -12.40
C LEU E 197 -35.25 -11.34 -12.56
N ILE E 198 -34.80 -10.07 -12.52
CA ILE E 198 -33.39 -9.76 -12.28
C ILE E 198 -33.06 -10.09 -10.83
N GLY E 199 -33.97 -9.80 -9.90
CA GLY E 199 -33.72 -10.08 -8.51
C GLY E 199 -33.48 -11.56 -8.23
N VAL E 200 -34.35 -12.43 -8.72
CA VAL E 200 -34.21 -13.88 -8.46
C VAL E 200 -33.05 -14.45 -9.25
N ALA E 201 -32.85 -14.00 -10.50
CA ALA E 201 -31.73 -14.49 -11.28
C ALA E 201 -30.43 -14.10 -10.64
N PHE E 202 -30.36 -12.91 -10.04
CA PHE E 202 -29.12 -12.53 -9.35
C PHE E 202 -28.85 -13.36 -8.14
N VAL E 203 -29.87 -13.79 -7.43
CA VAL E 203 -29.67 -14.65 -6.25
C VAL E 203 -29.10 -15.95 -6.75
N ASP E 204 -29.71 -16.51 -7.83
CA ASP E 204 -29.19 -17.74 -8.42
C ASP E 204 -27.76 -17.57 -8.89
N MET E 205 -27.43 -16.44 -9.49
N MET E 205 -27.45 -16.41 -9.51
CA MET E 205 -26.08 -16.23 -9.94
CA MET E 205 -26.09 -16.09 -9.99
C MET E 205 -25.11 -16.14 -8.76
C MET E 205 -25.09 -16.03 -8.84
N LEU E 206 -25.41 -15.28 -7.78
CA LEU E 206 -24.53 -15.11 -6.61
C LEU E 206 -24.33 -16.39 -5.82
N ARG E 207 -25.39 -17.17 -5.63
CA ARG E 207 -25.30 -18.38 -4.84
C ARG E 207 -24.58 -19.52 -5.53
N ASN E 208 -24.64 -19.60 -6.86
CA ASN E 208 -24.16 -20.76 -7.59
C ASN E 208 -23.01 -20.50 -8.57
N CYS E 209 -22.48 -19.27 -8.64
CA CYS E 209 -21.38 -19.01 -9.59
C CYS E 209 -20.03 -19.48 -9.08
N GLY E 210 -19.90 -19.75 -7.77
CA GLY E 210 -18.65 -20.23 -7.20
C GLY E 210 -17.77 -19.15 -6.58
N SER E 211 -18.01 -17.87 -6.90
CA SER E 211 -17.21 -16.77 -6.40
C SER E 211 -17.59 -16.34 -4.99
N PHE E 212 -18.77 -16.75 -4.48
CA PHE E 212 -19.23 -16.30 -3.17
C PHE E 212 -19.62 -17.43 -2.26
N THR E 213 -19.52 -17.20 -0.95
CA THR E 213 -20.07 -18.11 0.05
C THR E 213 -21.55 -17.72 0.19
N ARG E 214 -22.37 -18.56 0.86
CA ARG E 214 -23.78 -18.22 1.06
C ARG E 214 -23.91 -16.93 1.89
N GLU E 215 -23.10 -16.79 2.95
CA GLU E 215 -23.11 -15.60 3.79
C GLU E 215 -22.77 -14.32 2.96
N GLU E 216 -21.77 -14.40 2.04
CA GLU E 216 -21.41 -13.26 1.18
C GLU E 216 -22.55 -12.92 0.20
N ALA E 217 -23.17 -13.92 -0.45
CA ALA E 217 -24.31 -13.70 -1.35
C ALA E 217 -25.47 -13.03 -0.63
N ASP E 218 -25.81 -13.53 0.56
CA ASP E 218 -26.88 -12.97 1.37
C ASP E 218 -26.57 -11.55 1.71
N GLU E 219 -25.28 -11.25 2.05
CA GLU E 219 -24.87 -9.89 2.40
C GLU E 219 -25.07 -8.95 1.24
N TYR E 220 -24.69 -9.37 0.01
CA TYR E 220 -24.89 -8.51 -1.14
C TYR E 220 -26.34 -8.18 -1.40
N ILE E 221 -27.25 -9.13 -1.18
CA ILE E 221 -28.67 -8.83 -1.32
C ILE E 221 -29.09 -7.88 -0.20
N ASP E 222 -28.65 -8.13 1.04
CA ASP E 222 -28.99 -7.28 2.19
C ASP E 222 -28.52 -5.83 2.07
N ILE E 223 -27.29 -5.58 1.55
CA ILE E 223 -26.78 -4.19 1.45
C ILE E 223 -27.29 -3.44 0.19
N GLY E 224 -28.07 -4.12 -0.65
CA GLY E 224 -28.74 -3.50 -1.76
C GLY E 224 -28.01 -3.41 -3.08
N ALA E 225 -27.15 -4.37 -3.37
CA ALA E 225 -26.42 -4.35 -4.63
C ALA E 225 -27.35 -4.54 -5.80
N LEU E 226 -28.39 -5.32 -5.64
CA LEU E 226 -29.26 -5.66 -6.75
C LEU E 226 -30.01 -4.47 -7.35
N ASN E 227 -30.52 -3.55 -6.49
CA ASN E 227 -31.17 -2.35 -6.96
C ASN E 227 -30.22 -1.51 -7.77
N GLY E 228 -28.94 -1.57 -7.45
CA GLY E 228 -27.95 -0.82 -8.20
C GLY E 228 -27.99 -1.16 -9.67
N ILE E 229 -28.30 -2.41 -10.01
CA ILE E 229 -28.36 -2.83 -11.42
C ILE E 229 -29.40 -1.99 -12.16
N PHE E 230 -30.57 -1.84 -11.58
CA PHE E 230 -31.60 -1.05 -12.25
C PHE E 230 -31.21 0.41 -12.28
N VAL E 231 -30.64 0.95 -11.19
CA VAL E 231 -30.25 2.36 -11.19
C VAL E 231 -29.23 2.63 -12.28
N LEU E 232 -28.19 1.82 -12.34
CA LEU E 232 -27.15 2.03 -13.35
C LEU E 232 -27.69 1.83 -14.75
N GLY E 233 -28.48 0.80 -14.97
CA GLY E 233 -29.06 0.57 -16.28
C GLY E 233 -29.95 1.70 -16.75
N ARG E 234 -30.94 2.06 -15.92
CA ARG E 234 -31.91 3.08 -16.29
C ARG E 234 -31.31 4.46 -16.35
N SER E 235 -30.14 4.72 -15.72
CA SER E 235 -29.50 6.01 -15.88
C SER E 235 -29.21 6.25 -17.38
N MET E 236 -28.95 5.17 -18.15
N MET E 236 -28.93 5.20 -18.16
CA MET E 236 -28.73 5.24 -19.60
CA MET E 236 -28.69 5.47 -19.58
C MET E 236 -29.91 5.93 -20.27
C MET E 236 -29.94 6.04 -20.23
N GLY E 237 -31.10 5.44 -19.99
CA GLY E 237 -32.33 5.97 -20.59
C GLY E 237 -32.64 7.36 -20.09
N PHE E 238 -32.45 7.64 -18.79
CA PHE E 238 -32.75 8.98 -18.30
C PHE E 238 -31.83 10.03 -18.92
N ILE E 239 -30.54 9.72 -19.11
CA ILE E 239 -29.67 10.65 -19.79
C ILE E 239 -30.15 10.81 -21.24
N GLY E 240 -30.58 9.72 -21.87
CA GLY E 240 -31.13 9.81 -23.21
C GLY E 240 -32.32 10.74 -23.25
N HIS E 241 -33.20 10.67 -22.25
CA HIS E 241 -34.38 11.55 -22.24
C HIS E 241 -33.97 12.99 -22.09
N TYR E 242 -32.96 13.28 -21.24
CA TYR E 242 -32.46 14.64 -21.08
C TYR E 242 -31.96 15.16 -22.43
N LEU E 243 -31.11 14.39 -23.11
CA LEU E 243 -30.56 14.86 -24.38
C LEU E 243 -31.67 15.09 -25.39
N ASP E 244 -32.64 14.18 -25.42
CA ASP E 244 -33.73 14.28 -26.40
C ASP E 244 -34.54 15.55 -26.17
N GLN E 245 -34.91 15.83 -24.90
CA GLN E 245 -35.68 17.02 -24.63
C GLN E 245 -34.91 18.30 -24.98
N LYS E 246 -33.58 18.28 -24.78
CA LYS E 246 -32.73 19.42 -25.20
C LYS E 246 -32.75 19.61 -26.69
N ARG E 247 -32.69 18.51 -27.47
CA ARG E 247 -32.73 18.61 -28.92
C ARG E 247 -34.10 19.04 -29.41
N LEU E 248 -35.16 18.56 -28.77
CA LEU E 248 -36.55 18.87 -29.15
C LEU E 248 -36.96 20.30 -28.77
N LYS E 249 -36.16 20.96 -27.93
CA LYS E 249 -36.36 22.36 -27.49
C LYS E 249 -37.72 22.57 -26.89
N GLN E 250 -38.06 21.63 -26.04
CA GLN E 250 -39.29 21.60 -25.34
C GLN E 250 -39.22 22.66 -24.20
N GLY E 251 -40.27 23.47 -24.09
CA GLY E 251 -40.36 24.55 -23.10
C GLY E 251 -40.89 24.11 -21.74
N LEU E 252 -40.89 25.05 -20.80
CA LEU E 252 -41.30 24.80 -19.42
C LEU E 252 -42.63 24.15 -19.31
N TYR E 253 -42.74 23.02 -18.61
CA TYR E 253 -44.00 22.33 -18.44
C TYR E 253 -44.71 22.82 -17.20
N ARG E 254 -46.03 22.89 -17.27
CA ARG E 254 -46.85 23.19 -16.08
C ARG E 254 -48.07 22.28 -16.24
N HIS E 255 -48.37 21.43 -15.22
CA HIS E 255 -49.42 20.43 -15.34
C HIS E 255 -50.80 21.11 -15.45
N PRO E 256 -51.70 20.63 -16.31
CA PRO E 256 -52.99 21.31 -16.45
C PRO E 256 -53.91 21.17 -15.23
N TRP E 257 -54.57 22.28 -14.89
CA TRP E 257 -55.48 22.35 -13.75
C TRP E 257 -56.62 21.38 -13.90
N ASP E 258 -57.05 21.07 -15.13
CA ASP E 258 -58.18 20.15 -15.32
C ASP E 258 -57.87 18.72 -14.89
N ASP E 259 -56.57 18.37 -14.70
CA ASP E 259 -56.19 17.05 -14.27
C ASP E 259 -55.83 17.02 -12.79
N ILE E 260 -56.20 18.06 -12.02
CA ILE E 260 -55.87 18.14 -10.61
C ILE E 260 -57.14 18.41 -9.81
N SER E 261 -57.38 17.64 -8.74
CA SER E 261 -58.50 17.88 -7.85
C SER E 261 -58.00 18.57 -6.61
N TYR E 262 -58.40 19.84 -6.43
CA TYR E 262 -58.01 20.65 -5.28
C TYR E 262 -59.05 20.43 -4.19
N VAL E 263 -58.64 19.82 -3.11
N VAL E 263 -58.65 19.78 -3.10
CA VAL E 263 -59.52 19.50 -1.99
CA VAL E 263 -59.52 19.42 -1.96
C VAL E 263 -58.93 20.13 -0.73
C VAL E 263 -59.06 20.12 -0.65
N LEU E 264 -58.98 21.45 -0.68
CA LEU E 264 -58.50 22.21 0.47
C LEU E 264 -59.58 22.28 1.52
N PRO E 265 -59.21 22.62 2.75
CA PRO E 265 -60.25 22.89 3.76
C PRO E 265 -61.16 24.05 3.33
N GLU E 266 -62.41 24.06 3.83
CA GLU E 266 -63.38 25.10 3.52
C GLU E 266 -63.22 26.26 4.51
N PRO F 6 -54.30 17.88 -27.78
CA PRO F 6 -52.98 17.57 -28.35
C PRO F 6 -52.00 17.11 -27.28
N ALA F 7 -51.08 16.19 -27.64
CA ALA F 7 -50.09 15.65 -26.71
C ALA F 7 -49.15 16.73 -26.20
N SER F 8 -48.86 16.70 -24.90
CA SER F 8 -48.04 17.70 -24.25
C SER F 8 -46.56 17.32 -24.23
N PHE F 9 -46.25 16.02 -24.36
CA PHE F 9 -44.88 15.52 -24.32
C PHE F 9 -44.55 14.95 -25.68
N MET F 10 -43.28 15.08 -26.06
CA MET F 10 -42.73 14.50 -27.29
C MET F 10 -41.51 13.69 -26.88
N THR F 11 -41.31 12.53 -27.52
CA THR F 11 -40.18 11.68 -27.21
C THR F 11 -39.71 11.01 -28.48
N SER F 12 -38.40 10.72 -28.55
CA SER F 12 -37.79 10.14 -29.74
C SER F 12 -37.05 8.86 -29.53
N ILE F 13 -36.88 8.39 -28.28
CA ILE F 13 -35.85 7.40 -28.04
C ILE F 13 -36.30 5.98 -27.80
N CYS F 14 -37.46 5.78 -27.22
CA CYS F 14 -37.90 4.45 -26.79
C CYS F 14 -39.39 4.38 -26.84
N ASP F 15 -39.94 3.30 -27.39
CA ASP F 15 -41.39 3.12 -27.43
C ASP F 15 -41.70 1.80 -26.75
N GLU F 16 -42.39 1.87 -25.60
CA GLU F 16 -42.75 0.68 -24.82
C GLU F 16 -44.26 0.40 -24.91
N ARG F 17 -44.96 1.04 -25.85
CA ARG F 17 -46.42 0.91 -25.97
C ARG F 17 -46.87 -0.41 -26.55
N GLY F 18 -46.03 -1.07 -27.32
CA GLY F 18 -46.40 -2.33 -27.94
C GLY F 18 -46.02 -3.52 -27.09
N GLN F 19 -46.18 -4.70 -27.63
CA GLN F 19 -45.79 -5.88 -26.88
C GLN F 19 -44.30 -5.95 -26.71
N GLU F 20 -43.56 -5.65 -27.77
CA GLU F 20 -42.11 -5.67 -27.71
C GLU F 20 -41.54 -4.27 -27.62
N LEU F 21 -40.70 -4.07 -26.64
CA LEU F 21 -39.97 -2.84 -26.41
C LEU F 21 -39.13 -2.49 -27.61
N ILE F 22 -39.09 -1.17 -27.95
CA ILE F 22 -38.29 -0.67 -29.07
C ILE F 22 -37.34 0.40 -28.55
N TYR F 23 -36.03 0.32 -28.97
CA TYR F 23 -35.06 1.37 -28.67
C TYR F 23 -34.71 2.04 -30.02
N ALA F 24 -35.17 3.30 -30.21
CA ALA F 24 -34.91 4.12 -31.38
C ALA F 24 -35.16 3.42 -32.69
N GLY F 25 -36.28 2.73 -32.76
CA GLY F 25 -36.69 2.01 -33.95
C GLY F 25 -36.31 0.54 -34.01
N MET F 26 -35.33 0.10 -33.18
N MET F 26 -35.36 0.11 -33.17
CA MET F 26 -34.93 -1.30 -33.15
CA MET F 26 -34.92 -1.27 -33.15
C MET F 26 -35.65 -2.06 -32.05
C MET F 26 -35.63 -2.06 -32.05
N PRO F 27 -36.40 -3.10 -32.39
CA PRO F 27 -37.01 -3.94 -31.33
C PRO F 27 -35.89 -4.55 -30.46
N ILE F 28 -36.15 -4.71 -29.17
CA ILE F 28 -35.14 -5.22 -28.27
C ILE F 28 -34.57 -6.58 -28.70
N THR F 29 -35.38 -7.43 -29.33
CA THR F 29 -34.82 -8.72 -29.80
C THR F 29 -33.72 -8.48 -30.85
N GLU F 30 -33.93 -7.50 -31.74
CA GLU F 30 -32.93 -7.18 -32.75
C GLU F 30 -31.67 -6.59 -32.14
N VAL F 31 -31.81 -5.80 -31.07
CA VAL F 31 -30.65 -5.24 -30.38
C VAL F 31 -29.71 -6.38 -29.94
N PHE F 32 -30.28 -7.46 -29.38
CA PHE F 32 -29.51 -8.61 -28.96
C PHE F 32 -29.05 -9.49 -30.12
N LYS F 33 -29.91 -9.69 -31.14
CA LYS F 33 -29.51 -10.47 -32.31
C LYS F 33 -28.30 -9.85 -33.01
N GLU F 34 -28.28 -8.52 -33.09
CA GLU F 34 -27.19 -7.77 -33.71
C GLU F 34 -25.98 -7.52 -32.76
N GLU F 35 -25.98 -8.10 -31.52
CA GLU F 35 -24.87 -8.02 -30.54
C GLU F 35 -24.43 -6.58 -30.35
N MET F 36 -25.42 -5.68 -30.19
N MET F 36 -25.39 -5.68 -30.19
CA MET F 36 -25.19 -4.24 -30.05
CA MET F 36 -25.06 -4.25 -30.08
C MET F 36 -24.42 -3.89 -28.78
C MET F 36 -24.44 -3.83 -28.75
N GLY F 37 -24.67 -4.63 -27.71
CA GLY F 37 -24.07 -4.36 -26.41
C GLY F 37 -24.54 -3.08 -25.77
N ILE F 38 -23.90 -2.75 -24.66
CA ILE F 38 -24.23 -1.54 -23.95
C ILE F 38 -23.91 -0.32 -24.79
N GLY F 39 -22.79 -0.33 -25.52
CA GLY F 39 -22.43 0.82 -26.34
C GLY F 39 -23.43 1.08 -27.44
N GLY F 40 -23.95 0.00 -28.03
CA GLY F 40 -24.94 0.14 -29.07
C GLY F 40 -26.26 0.61 -28.54
N VAL F 41 -26.64 0.15 -27.35
CA VAL F 41 -27.87 0.66 -26.73
C VAL F 41 -27.70 2.16 -26.42
N LEU F 42 -26.51 2.59 -25.97
CA LEU F 42 -26.27 4.02 -25.74
C LEU F 42 -26.41 4.79 -27.05
N GLY F 43 -25.86 4.24 -28.13
CA GLY F 43 -26.00 4.94 -29.42
C GLY F 43 -27.46 5.13 -29.80
N LEU F 44 -28.28 4.10 -29.57
CA LEU F 44 -29.69 4.19 -29.90
C LEU F 44 -30.40 5.20 -28.99
N LEU F 45 -30.20 5.08 -27.69
CA LEU F 45 -30.94 5.92 -26.76
C LEU F 45 -30.47 7.34 -26.71
N TRP F 46 -29.18 7.57 -26.82
CA TRP F 46 -28.67 8.95 -26.73
C TRP F 46 -28.66 9.65 -28.05
N PHE F 47 -28.34 8.91 -29.15
CA PHE F 47 -28.14 9.54 -30.47
C PHE F 47 -29.14 9.11 -31.55
N GLN F 48 -29.98 8.10 -31.23
CA GLN F 48 -30.92 7.54 -32.20
C GLN F 48 -30.21 7.07 -33.46
N LYS F 49 -29.03 6.46 -33.28
CA LYS F 49 -28.29 5.89 -34.40
C LYS F 49 -27.84 4.51 -34.05
N ARG F 50 -27.71 3.70 -35.09
CA ARG F 50 -27.08 2.37 -34.98
C ARG F 50 -25.60 2.62 -35.30
N LEU F 51 -24.75 2.65 -34.28
CA LEU F 51 -23.36 2.97 -34.48
C LEU F 51 -22.56 1.77 -34.93
N PRO F 52 -21.43 1.98 -35.62
CA PRO F 52 -20.56 0.86 -35.95
C PRO F 52 -20.06 0.15 -34.71
N LYS F 53 -19.77 -1.14 -34.84
CA LYS F 53 -19.32 -1.93 -33.70
C LYS F 53 -18.08 -1.34 -32.99
N TYR F 54 -17.08 -0.85 -33.76
CA TYR F 54 -15.91 -0.29 -33.08
C TYR F 54 -16.26 0.97 -32.27
N SER F 55 -17.26 1.73 -32.72
CA SER F 55 -17.70 2.91 -31.99
C SER F 55 -18.39 2.48 -30.70
N CYS F 56 -19.22 1.43 -30.78
CA CYS F 56 -19.88 0.89 -29.59
C CYS F 56 -18.85 0.44 -28.60
N GLN F 57 -17.84 -0.32 -29.06
CA GLN F 57 -16.81 -0.80 -28.17
C GLN F 57 -16.02 0.35 -27.53
N PHE F 58 -15.68 1.37 -28.32
CA PHE F 58 -15.00 2.55 -27.77
C PHE F 58 -15.83 3.19 -26.64
N ILE F 59 -17.15 3.31 -26.85
CA ILE F 59 -18.01 3.89 -25.80
C ILE F 59 -17.92 3.04 -24.54
N GLU F 60 -17.94 1.73 -24.70
CA GLU F 60 -17.85 0.84 -23.54
C GLU F 60 -16.52 1.00 -22.84
N MET F 61 -15.44 1.11 -23.61
N MET F 61 -15.44 1.14 -23.58
CA MET F 61 -14.10 1.34 -23.07
CA MET F 61 -14.13 1.34 -22.99
C MET F 61 -14.07 2.64 -22.26
C MET F 61 -14.06 2.65 -22.23
N CYS F 62 -14.73 3.71 -22.76
CA CYS F 62 -14.77 4.98 -22.03
C CYS F 62 -15.47 4.78 -20.68
N LEU F 63 -16.59 4.04 -20.68
CA LEU F 63 -17.30 3.79 -19.43
C LEU F 63 -16.45 2.95 -18.45
N MET F 64 -15.67 2.01 -18.95
CA MET F 64 -14.81 1.20 -18.11
C MET F 64 -13.67 2.02 -17.50
N VAL F 65 -13.06 2.89 -18.32
CA VAL F 65 -11.96 3.72 -17.86
C VAL F 65 -12.42 4.76 -16.85
N THR F 66 -13.64 5.27 -16.97
CA THR F 66 -14.15 6.31 -16.09
C THR F 66 -14.87 5.73 -14.88
N ALA F 67 -14.99 4.42 -14.78
CA ALA F 67 -15.81 3.80 -13.73
C ALA F 67 -15.48 4.28 -12.36
N ASP F 68 -14.19 4.35 -12.02
CA ASP F 68 -13.80 4.86 -10.73
C ASP F 68 -12.43 5.47 -10.77
N HIS F 69 -12.18 6.40 -9.84
CA HIS F 69 -10.83 6.91 -9.63
C HIS F 69 -10.56 7.14 -8.17
N GLY F 70 -11.03 6.20 -7.35
CA GLY F 70 -10.77 6.16 -5.92
C GLY F 70 -11.76 6.91 -5.07
N PRO F 71 -11.53 6.79 -3.77
CA PRO F 71 -12.48 7.34 -2.79
C PRO F 71 -12.26 8.78 -2.36
N ALA F 72 -11.20 9.44 -2.86
CA ALA F 72 -10.80 10.77 -2.37
C ALA F 72 -11.41 11.91 -3.15
N VAL F 73 -11.76 11.66 -4.41
CA VAL F 73 -12.33 12.67 -5.28
C VAL F 73 -13.70 13.08 -4.73
N SER F 74 -14.09 14.33 -5.03
CA SER F 74 -15.28 14.94 -4.46
C SER F 74 -16.47 14.04 -4.42
N GLY F 75 -16.90 13.52 -5.56
CA GLY F 75 -18.13 12.76 -5.59
C GLY F 75 -18.09 11.45 -4.87
N ALA F 76 -16.95 10.74 -4.96
CA ALA F 76 -16.86 9.47 -4.28
C ALA F 76 -16.87 9.70 -2.78
N HIS F 77 -16.18 10.74 -2.35
CA HIS F 77 -16.15 11.11 -0.94
C HIS F 77 -17.54 11.41 -0.43
N ASN F 78 -18.30 12.20 -1.19
CA ASN F 78 -19.66 12.54 -0.76
C ASN F 78 -20.54 11.31 -0.70
N THR F 79 -20.44 10.42 -1.71
CA THR F 79 -21.20 9.18 -1.65
C THR F 79 -20.84 8.35 -0.41
N ILE F 80 -19.53 8.28 -0.09
CA ILE F 80 -19.08 7.53 1.08
C ILE F 80 -19.65 8.12 2.37
N ILE F 81 -19.67 9.45 2.49
CA ILE F 81 -20.22 10.08 3.69
C ILE F 81 -21.70 9.74 3.81
N CYS F 82 -22.49 9.74 2.69
N CYS F 82 -22.39 9.85 2.69
CA CYS F 82 -23.93 9.36 2.78
CA CYS F 82 -23.80 9.60 2.68
C CYS F 82 -24.07 7.97 3.21
C CYS F 82 -24.12 8.12 3.05
N ALA F 83 -23.29 7.12 2.58
CA ALA F 83 -23.44 5.70 2.93
C ALA F 83 -23.14 5.52 4.42
N ARG F 84 -22.13 6.24 4.91
CA ARG F 84 -21.76 6.15 6.33
C ARG F 84 -22.79 6.78 7.26
N ALA F 85 -23.64 7.65 6.71
CA ALA F 85 -24.74 8.25 7.46
C ALA F 85 -25.99 7.34 7.43
N GLY F 86 -25.87 6.14 6.89
CA GLY F 86 -26.94 5.16 6.89
C GLY F 86 -27.97 5.31 5.80
N LYS F 87 -27.69 6.10 4.78
CA LYS F 87 -28.63 6.31 3.70
C LYS F 87 -28.65 5.20 2.69
N ASP F 88 -29.71 5.22 1.89
CA ASP F 88 -29.94 4.24 0.84
C ASP F 88 -29.01 4.47 -0.36
N LEU F 89 -28.98 3.50 -1.28
CA LEU F 89 -28.12 3.56 -2.44
C LEU F 89 -28.37 4.79 -3.32
N VAL F 90 -29.63 5.03 -3.70
CA VAL F 90 -29.90 6.13 -4.61
C VAL F 90 -29.53 7.47 -3.98
N SER F 91 -29.88 7.70 -2.73
CA SER F 91 -29.54 8.98 -2.08
C SER F 91 -28.02 9.17 -2.05
N SER F 92 -27.30 8.10 -1.74
CA SER F 92 -25.85 8.16 -1.63
C SER F 92 -25.19 8.37 -2.97
N LEU F 93 -25.66 7.65 -4.00
CA LEU F 93 -25.13 7.85 -5.33
C LEU F 93 -25.36 9.29 -5.76
N THR F 94 -26.61 9.79 -5.58
CA THR F 94 -26.94 11.10 -6.09
C THR F 94 -26.21 12.20 -5.34
N SER F 95 -25.92 12.02 -4.04
CA SER F 95 -25.16 13.01 -3.29
C SER F 95 -23.79 13.18 -3.94
N GLY F 96 -23.21 12.09 -4.39
CA GLY F 96 -21.94 12.15 -5.09
C GLY F 96 -22.06 12.69 -6.51
N LEU F 97 -23.09 12.23 -7.27
CA LEU F 97 -23.22 12.72 -8.64
C LEU F 97 -23.42 14.21 -8.67
N LEU F 98 -24.09 14.78 -7.67
CA LEU F 98 -24.35 16.22 -7.68
C LEU F 98 -23.10 17.08 -7.59
N THR F 99 -21.92 16.50 -7.32
CA THR F 99 -20.67 17.23 -7.34
C THR F 99 -20.09 17.33 -8.73
N ILE F 100 -20.67 16.66 -9.71
CA ILE F 100 -20.11 16.62 -11.07
C ILE F 100 -20.58 17.71 -11.95
N GLY F 101 -19.68 18.24 -12.75
CA GLY F 101 -20.03 19.12 -13.84
C GLY F 101 -19.18 20.33 -14.07
N ASP F 102 -18.45 20.78 -13.06
CA ASP F 102 -17.64 21.97 -13.19
C ASP F 102 -16.18 21.58 -12.91
N ARG F 103 -15.69 21.75 -11.69
CA ARG F 103 -14.31 21.42 -11.36
C ARG F 103 -14.04 19.94 -11.27
N PHE F 104 -15.08 19.14 -11.04
CA PHE F 104 -14.96 17.69 -10.94
C PHE F 104 -15.84 17.06 -12.03
N GLY F 105 -15.23 16.35 -12.96
CA GLY F 105 -15.96 15.64 -14.03
C GLY F 105 -16.34 16.48 -15.24
N GLY F 106 -15.98 17.75 -15.27
CA GLY F 106 -16.27 18.63 -16.40
C GLY F 106 -15.20 18.76 -17.45
N ALA F 107 -13.99 18.21 -17.21
CA ALA F 107 -12.88 18.40 -18.14
C ALA F 107 -13.04 17.64 -19.43
N LEU F 108 -13.77 16.53 -19.48
CA LEU F 108 -13.97 15.80 -20.74
C LEU F 108 -14.69 16.74 -21.69
N ASP F 109 -15.78 17.31 -21.25
CA ASP F 109 -16.58 18.24 -22.05
C ASP F 109 -15.76 19.49 -22.39
N ALA F 110 -15.04 20.06 -21.40
CA ALA F 110 -14.24 21.26 -21.65
C ALA F 110 -13.13 21.01 -22.66
N ALA F 111 -12.46 19.86 -22.57
CA ALA F 111 -11.38 19.57 -23.51
C ALA F 111 -11.94 19.33 -24.90
N ALA F 112 -13.02 18.57 -25.02
CA ALA F 112 -13.63 18.37 -26.34
C ALA F 112 -13.98 19.71 -26.98
N LYS F 113 -14.59 20.61 -26.20
CA LYS F 113 -14.99 21.88 -26.75
C LYS F 113 -13.79 22.77 -27.12
N MET F 114 -12.76 22.82 -26.27
CA MET F 114 -11.60 23.70 -26.54
C MET F 114 -10.80 23.22 -27.75
N PHE F 115 -10.50 21.92 -27.80
CA PHE F 115 -9.77 21.41 -28.96
C PHE F 115 -10.61 21.55 -30.23
N SER F 116 -11.91 21.27 -30.15
CA SER F 116 -12.77 21.40 -31.34
C SER F 116 -12.79 22.84 -31.85
N LYS F 117 -12.87 23.82 -30.93
CA LYS F 117 -12.89 25.23 -31.31
C LYS F 117 -11.62 25.61 -32.01
N ALA F 118 -10.47 25.17 -31.48
CA ALA F 118 -9.18 25.46 -32.09
C ALA F 118 -9.08 24.81 -33.47
N PHE F 119 -9.42 23.53 -33.56
CA PHE F 119 -9.35 22.83 -34.83
C PHE F 119 -10.27 23.47 -35.87
N ASP F 120 -11.52 23.78 -35.50
CA ASP F 120 -12.48 24.38 -36.42
C ASP F 120 -12.13 25.78 -36.85
N SER F 121 -11.30 26.49 -36.06
CA SER F 121 -10.89 27.86 -36.45
C SER F 121 -9.80 27.82 -37.52
N GLY F 122 -9.24 26.63 -37.78
CA GLY F 122 -8.25 26.45 -38.83
C GLY F 122 -6.83 26.76 -38.40
N ILE F 123 -6.62 27.11 -37.14
CA ILE F 123 -5.29 27.42 -36.63
C ILE F 123 -4.53 26.15 -36.32
N ILE F 124 -3.20 26.20 -36.46
CA ILE F 124 -2.35 25.03 -36.26
C ILE F 124 -2.04 24.83 -34.77
N PRO F 125 -1.58 23.61 -34.39
CA PRO F 125 -1.30 23.33 -32.97
C PRO F 125 -0.40 24.35 -32.29
N MET F 126 0.72 24.75 -32.95
CA MET F 126 1.62 25.73 -32.33
C MET F 126 0.97 27.08 -32.06
N GLU F 127 0.19 27.61 -33.00
CA GLU F 127 -0.42 28.91 -32.75
C GLU F 127 -1.58 28.73 -31.76
N PHE F 128 -2.19 27.52 -31.66
CA PHE F 128 -3.17 27.31 -30.60
C PHE F 128 -2.47 27.39 -29.21
N VAL F 129 -1.31 26.71 -29.04
CA VAL F 129 -0.57 26.74 -27.76
C VAL F 129 -0.14 28.19 -27.41
N ASN F 130 0.40 28.92 -28.40
CA ASN F 130 0.83 30.31 -28.20
C ASN F 130 -0.36 31.22 -27.88
N LYS F 131 -1.49 31.04 -28.61
CA LYS F 131 -2.71 31.81 -28.33
C LYS F 131 -3.16 31.67 -26.87
N MET F 132 -3.19 30.44 -26.34
CA MET F 132 -3.65 30.21 -24.97
C MET F 132 -2.68 30.79 -23.93
N LYS F 133 -1.39 30.67 -24.18
CA LYS F 133 -0.34 31.18 -23.29
C LYS F 133 -0.39 32.72 -23.21
N LYS F 134 -0.71 33.39 -24.31
CA LYS F 134 -0.85 34.86 -24.35
C LYS F 134 -2.05 35.32 -23.52
N GLU F 135 -3.17 34.57 -23.56
CA GLU F 135 -4.37 34.89 -22.80
C GLU F 135 -4.35 34.34 -21.35
N GLY F 136 -3.26 33.67 -20.95
CA GLY F 136 -3.14 33.05 -19.63
C GLY F 136 -4.19 31.99 -19.37
N LYS F 137 -4.53 31.20 -20.40
CA LYS F 137 -5.54 30.14 -20.30
C LYS F 137 -4.88 28.79 -20.34
N LEU F 138 -5.19 27.94 -19.38
CA LEU F 138 -4.72 26.56 -19.36
C LEU F 138 -5.45 25.81 -20.47
N ILE F 139 -4.74 24.86 -21.11
CA ILE F 139 -5.32 23.98 -22.12
C ILE F 139 -6.05 22.88 -21.36
N MET F 140 -7.35 22.73 -21.62
CA MET F 140 -8.18 21.76 -20.93
C MET F 140 -7.81 20.38 -21.47
N GLY F 141 -7.69 19.42 -20.56
CA GLY F 141 -7.28 18.08 -20.97
C GLY F 141 -5.78 17.90 -21.10
N ILE F 142 -4.97 18.92 -20.70
CA ILE F 142 -3.52 18.81 -20.71
C ILE F 142 -3.03 18.86 -19.29
N GLY F 143 -2.06 18.00 -18.97
CA GLY F 143 -1.39 18.02 -17.68
C GLY F 143 -1.77 16.94 -16.70
N HIS F 144 -0.76 16.52 -15.92
CA HIS F 144 -0.94 15.58 -14.83
C HIS F 144 0.07 15.93 -13.73
N ARG F 145 -0.27 15.65 -12.49
CA ARG F 145 0.63 15.95 -11.38
C ARG F 145 1.92 15.09 -11.41
N VAL F 146 1.81 13.81 -11.84
CA VAL F 146 2.93 12.86 -11.83
C VAL F 146 3.16 12.20 -13.17
N LYS F 147 2.09 11.81 -13.88
CA LYS F 147 2.27 11.18 -15.18
C LYS F 147 2.88 12.21 -16.16
N SER F 148 3.64 11.71 -17.12
CA SER F 148 4.44 12.56 -17.97
C SER F 148 4.80 11.84 -19.24
N ILE F 149 5.53 12.53 -20.13
CA ILE F 149 5.90 11.92 -21.39
C ILE F 149 6.70 10.61 -21.21
N ASN F 150 7.48 10.47 -20.12
CA ASN F 150 8.28 9.27 -19.85
C ASN F 150 7.67 8.39 -18.75
N ASN F 151 6.45 8.72 -18.34
CA ASN F 151 5.72 8.01 -17.28
C ASN F 151 4.24 8.04 -17.64
N PRO F 152 3.86 7.28 -18.65
CA PRO F 152 2.53 7.44 -19.22
C PRO F 152 1.35 7.06 -18.35
N ASP F 153 0.20 7.70 -18.67
CA ASP F 153 -1.05 7.35 -18.04
C ASP F 153 -1.59 6.18 -18.83
N MET F 154 -1.80 5.06 -18.16
CA MET F 154 -2.23 3.84 -18.85
C MET F 154 -3.63 3.89 -19.35
N ARG F 155 -4.50 4.69 -18.76
CA ARG F 155 -5.87 4.84 -19.29
C ARG F 155 -5.79 5.53 -20.64
N VAL F 156 -4.94 6.55 -20.74
CA VAL F 156 -4.72 7.24 -21.99
C VAL F 156 -4.18 6.27 -22.98
N GLN F 157 -3.16 5.45 -22.61
CA GLN F 157 -2.55 4.57 -23.58
C GLN F 157 -3.55 3.56 -24.14
N ILE F 158 -4.32 2.95 -23.25
CA ILE F 158 -5.29 1.96 -23.66
C ILE F 158 -6.29 2.53 -24.66
N LEU F 159 -6.84 3.70 -24.32
N LEU F 159 -6.91 3.66 -24.32
CA LEU F 159 -7.83 4.40 -25.16
CA LEU F 159 -7.93 4.25 -25.21
C LEU F 159 -7.26 4.80 -26.48
C LEU F 159 -7.29 4.82 -26.50
N LYS F 160 -6.12 5.48 -26.41
CA LYS F 160 -5.43 5.99 -27.60
C LYS F 160 -5.13 4.86 -28.57
N ASP F 161 -4.57 3.77 -28.07
CA ASP F 161 -4.25 2.64 -28.93
C ASP F 161 -5.49 2.11 -29.58
N TYR F 162 -6.57 1.90 -28.82
CA TYR F 162 -7.79 1.37 -29.43
C TYR F 162 -8.29 2.29 -30.55
N VAL F 163 -8.32 3.58 -30.27
CA VAL F 163 -8.83 4.55 -31.23
C VAL F 163 -7.98 4.55 -32.52
N ARG F 164 -6.67 4.58 -32.42
CA ARG F 164 -5.85 4.60 -33.62
C ARG F 164 -5.99 3.31 -34.42
N GLN F 165 -6.20 2.19 -33.72
CA GLN F 165 -6.30 0.86 -34.33
C GLN F 165 -7.66 0.59 -34.99
N HIS F 166 -8.71 1.32 -34.63
CA HIS F 166 -10.06 1.06 -35.10
C HIS F 166 -10.75 2.17 -35.84
N PHE F 167 -10.38 3.43 -35.61
CA PHE F 167 -11.15 4.51 -36.24
C PHE F 167 -10.69 4.74 -37.64
N PRO F 168 -11.59 5.06 -38.60
CA PRO F 168 -11.13 5.36 -39.97
C PRO F 168 -10.26 6.61 -40.08
N ALA F 169 -10.53 7.58 -39.24
CA ALA F 169 -9.82 8.84 -39.21
C ALA F 169 -9.92 9.43 -37.82
N THR F 170 -8.84 10.06 -37.33
CA THR F 170 -8.81 10.65 -35.99
C THR F 170 -8.21 12.05 -36.03
N PRO F 171 -8.77 12.97 -36.84
CA PRO F 171 -8.13 14.27 -37.00
C PRO F 171 -8.01 15.11 -35.74
N LEU F 172 -8.99 15.08 -34.86
CA LEU F 172 -8.88 15.86 -33.63
C LEU F 172 -7.89 15.24 -32.67
N LEU F 173 -7.88 13.92 -32.55
CA LEU F 173 -6.87 13.25 -31.73
C LEU F 173 -5.47 13.60 -32.29
N ASP F 174 -5.28 13.53 -33.62
CA ASP F 174 -4.00 13.87 -34.20
C ASP F 174 -3.59 15.30 -33.83
N TYR F 175 -4.54 16.22 -33.88
CA TYR F 175 -4.28 17.62 -33.53
C TYR F 175 -3.86 17.71 -32.05
N ALA F 176 -4.60 17.06 -31.15
CA ALA F 176 -4.27 17.09 -29.73
C ALA F 176 -2.91 16.46 -29.45
N LEU F 177 -2.58 15.39 -30.18
CA LEU F 177 -1.26 14.77 -30.03
C LEU F 177 -0.14 15.69 -30.50
N GLU F 178 -0.39 16.56 -31.51
CA GLU F 178 0.63 17.54 -31.90
C GLU F 178 0.77 18.62 -30.82
N VAL F 179 -0.35 19.04 -30.22
CA VAL F 179 -0.33 19.98 -29.09
C VAL F 179 0.48 19.35 -27.93
N GLU F 180 0.25 18.08 -27.61
CA GLU F 180 1.01 17.38 -26.56
C GLU F 180 2.51 17.37 -26.81
N LYS F 181 2.93 17.16 -28.07
CA LYS F 181 4.36 17.19 -28.40
C LYS F 181 4.98 18.55 -28.03
N ILE F 182 4.24 19.62 -28.30
CA ILE F 182 4.69 20.99 -28.00
C ILE F 182 4.69 21.23 -26.49
N THR F 183 3.60 20.89 -25.78
CA THR F 183 3.55 21.16 -24.35
C THR F 183 4.56 20.32 -23.57
N THR F 184 4.68 19.03 -23.91
CA THR F 184 5.62 18.14 -23.21
C THR F 184 7.08 18.53 -23.46
N SER F 185 7.38 19.20 -24.60
CA SER F 185 8.75 19.66 -24.84
C SER F 185 9.11 20.77 -23.84
N LYS F 186 8.11 21.58 -23.41
CA LYS F 186 8.31 22.64 -22.44
C LYS F 186 8.38 22.07 -21.02
N LYS F 187 7.44 21.17 -20.67
CA LYS F 187 7.39 20.57 -19.34
C LYS F 187 6.83 19.14 -19.49
N PRO F 188 7.63 18.10 -19.15
CA PRO F 188 7.22 16.72 -19.46
C PRO F 188 5.88 16.27 -18.94
N ASN F 189 5.40 16.86 -17.85
CA ASN F 189 4.12 16.42 -17.30
C ASN F 189 2.92 17.07 -17.97
N LEU F 190 3.10 17.91 -19.02
CA LEU F 190 1.95 18.50 -19.72
C LEU F 190 1.46 17.56 -20.83
N ILE F 191 1.09 16.36 -20.41
CA ILE F 191 0.59 15.31 -21.30
C ILE F 191 -0.84 15.54 -21.67
N LEU F 192 -1.28 14.86 -22.72
CA LEU F 192 -2.70 14.77 -23.03
C LEU F 192 -3.27 13.79 -21.98
N ASN F 193 -4.11 14.28 -21.09
CA ASN F 193 -4.56 13.47 -19.95
C ASN F 193 -5.82 12.72 -20.30
N VAL F 194 -6.31 11.88 -19.38
CA VAL F 194 -7.45 11.03 -19.71
C VAL F 194 -8.70 11.81 -20.11
N ASP F 195 -8.91 13.01 -19.53
CA ASP F 195 -10.06 13.82 -19.90
C ASP F 195 -9.86 14.36 -21.32
N GLY F 196 -8.65 14.81 -21.63
CA GLY F 196 -8.33 15.30 -22.97
C GLY F 196 -8.48 14.21 -24.02
N LEU F 197 -8.00 13.00 -23.71
N LEU F 197 -7.96 13.01 -23.73
CA LEU F 197 -8.07 11.88 -24.64
CA LEU F 197 -8.02 11.89 -24.66
C LEU F 197 -9.52 11.50 -24.92
C LEU F 197 -9.49 11.48 -24.92
N ILE F 198 -10.30 11.27 -23.86
CA ILE F 198 -11.67 10.88 -24.06
C ILE F 198 -12.44 11.97 -24.81
N GLY F 199 -12.22 13.22 -24.43
CA GLY F 199 -12.92 14.32 -25.08
C GLY F 199 -12.65 14.37 -26.57
N VAL F 200 -11.36 14.36 -26.97
CA VAL F 200 -11.09 14.48 -28.40
C VAL F 200 -11.45 13.24 -29.19
N ALA F 201 -11.26 12.04 -28.61
CA ALA F 201 -11.59 10.80 -29.32
C ALA F 201 -13.10 10.66 -29.49
N PHE F 202 -13.87 11.15 -28.53
CA PHE F 202 -15.31 11.09 -28.64
C PHE F 202 -15.79 12.02 -29.74
N VAL F 203 -15.19 13.17 -29.87
CA VAL F 203 -15.50 14.07 -30.99
C VAL F 203 -15.09 13.39 -32.31
N ASP F 204 -13.92 12.76 -32.37
CA ASP F 204 -13.56 12.06 -33.60
C ASP F 204 -14.56 10.97 -33.94
N MET F 205 -15.10 10.27 -32.94
N MET F 205 -15.08 10.27 -32.91
CA MET F 205 -16.08 9.23 -33.22
CA MET F 205 -16.08 9.20 -33.10
C MET F 205 -17.32 9.86 -33.83
C MET F 205 -17.35 9.79 -33.73
N LEU F 206 -17.86 10.88 -33.14
CA LEU F 206 -19.07 11.52 -33.67
C LEU F 206 -18.87 12.08 -35.07
N ARG F 207 -17.72 12.73 -35.30
CA ARG F 207 -17.49 13.37 -36.60
C ARG F 207 -17.11 12.42 -37.72
N ASN F 208 -16.52 11.25 -37.39
CA ASN F 208 -16.00 10.37 -38.45
C ASN F 208 -16.59 8.99 -38.52
N CYS F 209 -17.48 8.59 -37.59
CA CYS F 209 -18.01 7.23 -37.66
C CYS F 209 -18.99 7.01 -38.82
N GLY F 210 -19.50 8.11 -39.39
CA GLY F 210 -20.40 8.07 -40.53
C GLY F 210 -21.87 8.20 -40.19
N SER F 211 -22.23 8.20 -38.92
CA SER F 211 -23.61 8.26 -38.50
C SER F 211 -24.13 9.67 -38.28
N PHE F 212 -23.24 10.68 -38.26
CA PHE F 212 -23.60 12.05 -37.93
C PHE F 212 -23.12 13.04 -38.95
N THR F 213 -23.93 14.07 -39.19
CA THR F 213 -23.45 15.23 -39.91
C THR F 213 -22.62 16.06 -38.91
N ARG F 214 -21.86 17.04 -39.44
CA ARG F 214 -21.14 17.90 -38.51
C ARG F 214 -22.07 18.64 -37.53
N GLU F 215 -23.21 19.12 -38.02
CA GLU F 215 -24.17 19.84 -37.20
C GLU F 215 -24.67 18.94 -36.05
N GLU F 216 -24.97 17.69 -36.35
CA GLU F 216 -25.40 16.73 -35.34
C GLU F 216 -24.32 16.46 -34.31
N ALA F 217 -23.08 16.22 -34.77
CA ALA F 217 -21.94 15.96 -33.88
C ALA F 217 -21.74 17.16 -32.96
N ASP F 218 -21.72 18.37 -33.54
CA ASP F 218 -21.50 19.56 -32.73
C ASP F 218 -22.61 19.75 -31.73
N GLU F 219 -23.86 19.45 -32.15
CA GLU F 219 -24.99 19.57 -31.23
C GLU F 219 -24.88 18.63 -30.06
N TYR F 220 -24.56 17.37 -30.29
CA TYR F 220 -24.44 16.43 -29.17
C TYR F 220 -23.33 16.82 -28.19
N ILE F 221 -22.24 17.38 -28.69
CA ILE F 221 -21.21 17.91 -27.77
C ILE F 221 -21.81 19.08 -27.01
N ASP F 222 -22.45 20.01 -27.71
CA ASP F 222 -22.99 21.19 -27.08
C ASP F 222 -24.00 20.88 -25.96
N ILE F 223 -24.89 19.91 -26.17
CA ILE F 223 -25.94 19.61 -25.18
C ILE F 223 -25.49 18.66 -24.07
N GLY F 224 -24.25 18.18 -24.11
CA GLY F 224 -23.64 17.50 -22.98
C GLY F 224 -23.38 16.02 -23.07
N ALA F 225 -23.25 15.45 -24.25
CA ALA F 225 -22.98 14.01 -24.36
C ALA F 225 -21.77 13.56 -23.52
N LEU F 226 -20.66 14.34 -23.48
CA LEU F 226 -19.48 13.94 -22.69
C LEU F 226 -19.72 14.04 -21.22
N ASN F 227 -20.57 14.98 -20.78
CA ASN F 227 -20.94 15.03 -19.39
C ASN F 227 -21.71 13.73 -19.08
N GLY F 228 -22.55 13.28 -20.01
CA GLY F 228 -23.28 12.02 -19.81
C GLY F 228 -22.37 10.83 -19.69
N ILE F 229 -21.31 10.75 -20.52
CA ILE F 229 -20.35 9.66 -20.42
C ILE F 229 -19.67 9.63 -19.07
N PHE F 230 -19.21 10.78 -18.56
CA PHE F 230 -18.55 10.76 -17.28
C PHE F 230 -19.52 10.34 -16.17
N VAL F 231 -20.75 10.88 -16.21
CA VAL F 231 -21.71 10.60 -15.17
C VAL F 231 -22.09 9.12 -15.17
N LEU F 232 -22.38 8.59 -16.37
CA LEU F 232 -22.80 7.19 -16.44
C LEU F 232 -21.64 6.27 -16.05
N GLY F 233 -20.45 6.59 -16.51
CA GLY F 233 -19.28 5.81 -16.19
C GLY F 233 -19.02 5.79 -14.69
N ARG F 234 -18.92 6.95 -14.10
CA ARG F 234 -18.54 7.08 -12.69
C ARG F 234 -19.62 6.61 -11.75
N SER F 235 -20.86 6.57 -12.21
CA SER F 235 -21.92 6.02 -11.37
C SER F 235 -21.58 4.59 -10.95
N MET F 236 -20.86 3.83 -11.82
N MET F 236 -20.89 3.81 -11.80
CA MET F 236 -20.40 2.48 -11.53
CA MET F 236 -20.54 2.46 -11.36
C MET F 236 -19.56 2.46 -10.24
C MET F 236 -19.63 2.52 -10.15
N GLY F 237 -18.58 3.35 -10.20
CA GLY F 237 -17.70 3.45 -9.04
C GLY F 237 -18.41 3.94 -7.80
N PHE F 238 -19.28 4.96 -7.96
CA PHE F 238 -19.95 5.49 -6.78
C PHE F 238 -20.85 4.45 -6.12
N ILE F 239 -21.56 3.64 -6.94
CA ILE F 239 -22.35 2.57 -6.36
C ILE F 239 -21.41 1.59 -5.66
N GLY F 240 -20.25 1.31 -6.27
CA GLY F 240 -19.28 0.45 -5.62
C GLY F 240 -18.85 0.96 -4.26
N HIS F 241 -18.62 2.26 -4.17
CA HIS F 241 -18.22 2.87 -2.89
C HIS F 241 -19.33 2.77 -1.86
N TYR F 242 -20.56 2.99 -2.29
CA TYR F 242 -21.70 2.83 -1.38
C TYR F 242 -21.73 1.43 -0.79
N LEU F 243 -21.62 0.40 -1.67
CA LEU F 243 -21.65 -0.97 -1.21
C LEU F 243 -20.46 -1.30 -0.32
N ASP F 244 -19.30 -0.73 -0.65
CA ASP F 244 -18.09 -1.01 0.12
C ASP F 244 -18.18 -0.47 1.54
N GLN F 245 -18.73 0.72 1.69
CA GLN F 245 -18.84 1.32 3.01
C GLN F 245 -19.81 0.52 3.90
N LYS F 246 -20.85 -0.05 3.26
CA LYS F 246 -21.79 -0.91 4.00
C LYS F 246 -21.11 -2.25 4.36
N ARG F 247 -20.36 -2.86 3.44
CA ARG F 247 -19.61 -4.13 3.66
C ARG F 247 -18.53 -3.94 4.75
N LEU F 248 -17.90 -2.76 4.79
CA LEU F 248 -16.88 -2.42 5.80
C LEU F 248 -17.48 -1.95 7.14
N LYS F 249 -18.82 -1.88 7.27
CA LYS F 249 -19.56 -1.50 8.48
C LYS F 249 -19.03 -0.20 9.04
N GLN F 250 -18.86 0.77 8.14
CA GLN F 250 -18.33 2.07 8.47
C GLN F 250 -19.46 2.96 9.01
N GLY F 251 -19.22 3.51 10.20
CA GLY F 251 -20.17 4.33 10.95
C GLY F 251 -20.18 5.80 10.57
N LEU F 252 -21.09 6.55 11.20
CA LEU F 252 -21.29 7.97 10.93
C LEU F 252 -19.97 8.74 10.98
N TYR F 253 -19.73 9.55 9.96
CA TYR F 253 -18.53 10.38 9.87
C TYR F 253 -18.85 11.80 10.36
N ARG F 254 -17.89 12.43 11.02
CA ARG F 254 -17.93 13.83 11.40
C ARG F 254 -16.55 14.37 11.20
N HIS F 255 -16.39 15.43 10.41
CA HIS F 255 -15.05 15.91 10.11
C HIS F 255 -14.37 16.46 11.35
N PRO F 256 -13.09 16.10 11.63
CA PRO F 256 -12.45 16.61 12.85
C PRO F 256 -12.23 18.11 12.83
N TRP F 257 -12.48 18.77 13.96
CA TRP F 257 -12.30 20.21 14.12
C TRP F 257 -10.88 20.70 13.90
N ASP F 258 -9.83 19.86 14.16
CA ASP F 258 -8.46 20.34 13.93
C ASP F 258 -8.11 20.48 12.45
N ASP F 259 -8.99 19.96 11.56
CA ASP F 259 -8.80 20.12 10.13
C ASP F 259 -9.76 21.18 9.55
N ILE F 260 -10.36 22.02 10.42
CA ILE F 260 -11.25 23.10 10.01
C ILE F 260 -10.78 24.38 10.65
N SER F 261 -10.53 25.40 9.84
CA SER F 261 -10.17 26.71 10.31
C SER F 261 -11.46 27.53 10.47
N TYR F 262 -11.85 27.86 11.74
CA TYR F 262 -13.01 28.69 11.98
C TYR F 262 -12.53 30.13 11.96
N VAL F 263 -12.65 30.74 10.79
N VAL F 263 -13.17 31.00 11.12
CA VAL F 263 -12.10 32.06 10.61
CA VAL F 263 -12.85 32.44 10.92
C VAL F 263 -12.96 33.01 11.38
C VAL F 263 -14.14 33.37 10.85
N LEU F 264 -12.34 33.76 12.27
N LEU F 264 -15.02 33.31 11.86
CA LEU F 264 -13.05 34.72 13.07
CA LEU F 264 -16.27 34.11 11.89
C LEU F 264 -12.86 36.04 12.39
C LEU F 264 -16.00 35.63 12.09
N PRO F 265 -13.74 37.02 12.59
N PRO F 265 -16.96 36.52 11.76
CA PRO F 265 -13.44 38.36 12.09
CA PRO F 265 -16.74 37.95 12.02
C PRO F 265 -12.25 38.88 12.92
C PRO F 265 -16.78 38.26 13.52
N GLU F 266 -11.50 39.84 12.39
CA GLU F 266 -10.38 40.40 13.13
C GLU F 266 -10.91 41.02 14.44
N HIS F 267 -12.06 41.69 14.33
CA HIS F 267 -12.73 42.41 15.39
C HIS F 267 -14.12 41.81 15.65
N MET F 268 -14.25 41.06 16.75
CA MET F 268 -15.52 40.42 17.12
C MET F 268 -16.59 41.43 17.53
N PRO G 6 -1.71 22.41 7.40
CA PRO G 6 -2.68 23.45 7.05
C PRO G 6 -4.10 22.90 6.93
N ALA G 7 -5.07 23.48 7.67
CA ALA G 7 -6.48 23.00 7.68
C ALA G 7 -7.10 22.98 6.30
N SER G 8 -7.65 21.83 5.90
CA SER G 8 -8.22 21.65 4.58
C SER G 8 -9.56 22.34 4.41
N PHE G 9 -10.25 22.70 5.50
CA PHE G 9 -11.50 23.42 5.38
C PHE G 9 -11.38 24.74 6.09
N MET G 10 -12.10 25.72 5.59
CA MET G 10 -12.23 27.06 6.18
C MET G 10 -13.73 27.33 6.27
N THR G 11 -14.16 27.92 7.39
CA THR G 11 -15.56 28.20 7.62
C THR G 11 -15.67 29.49 8.41
N SER G 12 -16.74 30.26 8.21
CA SER G 12 -16.94 31.50 8.96
C SER G 12 -18.37 31.83 9.37
N ILE G 13 -19.32 30.91 9.31
CA ILE G 13 -20.70 31.27 9.61
C ILE G 13 -21.22 30.74 10.91
N CYS G 14 -20.73 29.61 11.37
CA CYS G 14 -21.30 28.98 12.55
C CYS G 14 -20.24 28.26 13.32
N ASP G 15 -20.17 28.53 14.61
CA ASP G 15 -19.23 27.84 15.47
C ASP G 15 -20.07 27.08 16.51
N GLU G 16 -20.07 25.76 16.40
CA GLU G 16 -20.80 24.88 17.30
C GLU G 16 -19.88 24.26 18.37
N ARG G 17 -18.59 24.63 18.41
CA ARG G 17 -17.60 23.98 19.28
C ARG G 17 -17.71 24.27 20.74
N GLY G 18 -18.23 25.44 21.09
CA GLY G 18 -18.15 25.95 22.45
C GLY G 18 -19.36 25.83 23.34
N GLN G 19 -19.40 26.65 24.37
CA GLN G 19 -20.44 26.61 25.36
C GLN G 19 -21.80 26.79 24.73
N GLU G 20 -21.93 27.66 23.76
CA GLU G 20 -23.19 27.76 23.06
C GLU G 20 -22.96 28.00 21.60
N LEU G 21 -23.96 27.62 20.84
CA LEU G 21 -23.94 27.76 19.39
C LEU G 21 -23.83 29.22 19.02
N ILE G 22 -22.98 29.52 18.03
CA ILE G 22 -22.79 30.89 17.57
C ILE G 22 -23.12 30.96 16.09
N TYR G 23 -23.95 31.97 15.69
CA TYR G 23 -24.26 32.20 14.28
C TYR G 23 -23.62 33.53 13.92
N ALA G 24 -22.59 33.50 13.09
CA ALA G 24 -21.87 34.69 12.61
C ALA G 24 -21.53 35.65 13.74
N GLY G 25 -20.97 35.13 14.82
CA GLY G 25 -20.57 35.94 15.95
C GLY G 25 -21.61 36.20 17.01
N MET G 26 -22.91 35.93 16.74
N MET G 26 -22.89 35.88 16.75
CA MET G 26 -23.96 36.15 17.72
CA MET G 26 -23.93 36.11 17.73
C MET G 26 -24.28 34.82 18.41
C MET G 26 -24.24 34.79 18.41
N PRO G 27 -24.10 34.71 19.73
CA PRO G 27 -24.49 33.48 20.44
C PRO G 27 -26.00 33.26 20.35
N ILE G 28 -26.42 32.00 20.32
CA ILE G 28 -27.84 31.70 20.13
C ILE G 28 -28.72 32.33 21.21
N THR G 29 -28.23 32.49 22.43
CA THR G 29 -29.04 33.16 23.44
C THR G 29 -29.34 34.59 23.04
N GLU G 30 -28.34 35.30 22.47
CA GLU G 30 -28.52 36.68 22.04
C GLU G 30 -29.45 36.76 20.83
N VAL G 31 -29.39 35.78 19.92
CA VAL G 31 -30.31 35.74 18.77
C VAL G 31 -31.73 35.80 19.25
N PHE G 32 -32.04 35.00 20.29
CA PHE G 32 -33.38 34.99 20.83
C PHE G 32 -33.69 36.20 21.71
N LYS G 33 -32.74 36.66 22.51
CA LYS G 33 -33.00 37.84 23.34
C LYS G 33 -33.31 39.06 22.47
N GLU G 34 -32.60 39.18 21.33
CA GLU G 34 -32.79 40.29 20.40
C GLU G 34 -33.94 40.08 19.42
N GLU G 35 -34.72 38.98 19.57
CA GLU G 35 -35.91 38.67 18.76
C GLU G 35 -35.59 38.76 17.26
N MET G 36 -34.45 38.12 16.88
N MET G 36 -34.49 38.14 16.87
CA MET G 36 -33.96 38.15 15.51
CA MET G 36 -34.04 38.25 15.49
C MET G 36 -34.87 37.46 14.52
C MET G 36 -34.86 37.44 14.49
N GLY G 37 -35.53 36.40 14.95
CA GLY G 37 -36.40 35.62 14.09
C GLY G 37 -35.66 34.85 13.04
N ILE G 38 -36.40 34.15 12.21
CA ILE G 38 -35.82 33.43 11.08
C ILE G 38 -35.13 34.40 10.13
N GLY G 39 -35.71 35.57 9.88
CA GLY G 39 -35.09 36.50 8.95
C GLY G 39 -33.75 37.00 9.45
N GLY G 40 -33.65 37.24 10.76
CA GLY G 40 -32.39 37.65 11.34
C GLY G 40 -31.36 36.54 11.36
N VAL G 41 -31.80 35.31 11.60
CA VAL G 41 -30.90 34.20 11.50
C VAL G 41 -30.37 34.06 10.07
N LEU G 42 -31.23 34.24 9.07
CA LEU G 42 -30.77 34.19 7.67
C LEU G 42 -29.76 35.34 7.41
N GLY G 43 -30.03 36.52 7.93
CA GLY G 43 -29.09 37.61 7.79
C GLY G 43 -27.70 37.26 8.32
N LEU G 44 -27.67 36.58 9.46
CA LEU G 44 -26.40 36.16 10.03
C LEU G 44 -25.74 35.07 9.21
N LEU G 45 -26.45 33.96 8.97
CA LEU G 45 -25.84 32.82 8.32
C LEU G 45 -25.51 33.03 6.86
N TRP G 46 -26.31 33.81 6.13
CA TRP G 46 -26.06 34.00 4.71
C TRP G 46 -25.26 35.24 4.45
N PHE G 47 -25.51 36.33 5.21
CA PHE G 47 -24.87 37.61 4.90
C PHE G 47 -23.87 38.08 5.95
N GLN G 48 -23.70 37.37 7.07
CA GLN G 48 -22.80 37.75 8.13
C GLN G 48 -23.10 39.13 8.67
N LYS G 49 -24.37 39.50 8.72
CA LYS G 49 -24.76 40.80 9.26
C LYS G 49 -25.94 40.65 10.21
N ARG G 50 -26.05 41.59 11.14
CA ARG G 50 -27.22 41.78 11.97
C ARG G 50 -28.02 42.82 11.17
N LEU G 51 -29.03 42.38 10.44
CA LEU G 51 -29.80 43.25 9.57
C LEU G 51 -30.81 44.07 10.33
N PRO G 52 -31.21 45.23 9.75
CA PRO G 52 -32.27 46.00 10.39
C PRO G 52 -33.57 45.20 10.42
N LYS G 53 -34.42 45.52 11.37
CA LYS G 53 -35.68 44.78 11.56
C LYS G 53 -36.51 44.73 10.29
N TYR G 54 -36.63 45.86 9.56
CA TYR G 54 -37.46 45.82 8.37
C TYR G 54 -36.89 44.86 7.34
N SER G 55 -35.55 44.69 7.32
CA SER G 55 -34.92 43.76 6.35
C SER G 55 -35.21 42.32 6.78
N CYS G 56 -35.09 42.05 8.08
CA CYS G 56 -35.42 40.71 8.61
C CYS G 56 -36.88 40.35 8.29
N GLN G 57 -37.78 41.32 8.49
CA GLN G 57 -39.20 41.09 8.24
C GLN G 57 -39.47 40.88 6.77
N PHE G 58 -38.79 41.66 5.90
CA PHE G 58 -38.92 41.46 4.47
C PHE G 58 -38.45 40.06 4.06
N ILE G 59 -37.35 39.59 4.63
CA ILE G 59 -36.89 38.22 4.31
C ILE G 59 -37.96 37.22 4.67
N GLU G 60 -38.55 37.37 5.85
CA GLU G 60 -39.62 36.44 6.28
C GLU G 60 -40.83 36.53 5.38
N MET G 61 -41.23 37.74 5.00
CA MET G 61 -42.32 37.90 4.06
C MET G 61 -42.02 37.17 2.75
N CYS G 62 -40.77 37.26 2.27
CA CYS G 62 -40.36 36.55 1.04
C CYS G 62 -40.51 35.06 1.19
N LEU G 63 -40.09 34.51 2.34
CA LEU G 63 -40.23 33.09 2.60
C LEU G 63 -41.71 32.69 2.65
N MET G 64 -42.55 33.55 3.23
CA MET G 64 -43.95 33.24 3.30
C MET G 64 -44.64 33.27 1.94
N VAL G 65 -44.36 34.31 1.12
CA VAL G 65 -45.03 34.41 -0.16
C VAL G 65 -44.54 33.42 -1.18
N THR G 66 -43.31 32.88 -1.05
CA THR G 66 -42.78 31.87 -1.99
C THR G 66 -43.04 30.46 -1.50
N ALA G 67 -43.73 30.29 -0.38
CA ALA G 67 -43.86 28.99 0.25
C ALA G 67 -44.48 27.94 -0.64
N ASP G 68 -45.57 28.26 -1.31
CA ASP G 68 -46.12 27.30 -2.26
C ASP G 68 -46.89 28.00 -3.35
N HIS G 69 -47.01 27.35 -4.51
CA HIS G 69 -47.86 27.87 -5.57
C HIS G 69 -48.56 26.73 -6.30
N GLY G 70 -48.96 25.74 -5.55
CA GLY G 70 -49.75 24.64 -6.07
C GLY G 70 -48.96 23.47 -6.58
N PRO G 71 -49.69 22.42 -6.97
CA PRO G 71 -49.06 21.17 -7.35
C PRO G 71 -48.73 21.01 -8.82
N ALA G 72 -49.06 22.01 -9.64
CA ALA G 72 -48.89 21.89 -11.09
C ALA G 72 -47.53 22.31 -11.59
N VAL G 73 -46.85 23.18 -10.84
CA VAL G 73 -45.54 23.70 -11.24
C VAL G 73 -44.53 22.58 -11.21
N SER G 74 -43.50 22.73 -12.04
CA SER G 74 -42.51 21.65 -12.22
C SER G 74 -42.06 20.98 -10.94
N GLY G 75 -41.55 21.74 -9.99
CA GLY G 75 -40.96 21.10 -8.81
C GLY G 75 -41.98 20.45 -7.90
N ALA G 76 -43.15 21.07 -7.71
CA ALA G 76 -44.16 20.44 -6.86
C ALA G 76 -44.65 19.16 -7.51
N HIS G 77 -44.81 19.20 -8.81
CA HIS G 77 -45.23 18.04 -9.58
C HIS G 77 -44.23 16.91 -9.43
N ASN G 78 -42.95 17.19 -9.57
CA ASN G 78 -41.93 16.17 -9.42
C ASN G 78 -41.89 15.63 -7.99
N THR G 79 -42.02 16.51 -6.97
CA THR G 79 -42.06 16.05 -5.58
C THR G 79 -43.23 15.09 -5.36
N ILE G 80 -44.40 15.48 -5.89
CA ILE G 80 -45.60 14.64 -5.74
C ILE G 80 -45.38 13.29 -6.37
N ILE G 81 -44.67 13.22 -7.53
N ILE G 81 -44.88 13.27 -7.63
CA ILE G 81 -44.39 11.94 -8.19
CA ILE G 81 -44.67 12.00 -8.30
C ILE G 81 -43.53 11.04 -7.31
C ILE G 81 -43.68 11.16 -7.49
N CYS G 82 -42.45 11.58 -6.73
N CYS G 82 -42.63 11.80 -6.95
CA CYS G 82 -41.61 10.77 -5.82
CA CYS G 82 -41.64 11.08 -6.19
C CYS G 82 -42.40 10.32 -4.70
C CYS G 82 -42.23 10.50 -4.86
N ALA G 83 -43.14 11.23 -4.13
CA ALA G 83 -43.87 10.79 -2.96
C ALA G 83 -44.78 9.63 -3.33
N ARG G 84 -45.44 9.75 -4.48
CA ARG G 84 -46.34 8.69 -4.93
C ARG G 84 -45.62 7.41 -5.35
N ALA G 85 -44.31 7.52 -5.61
CA ALA G 85 -43.47 6.35 -5.89
C ALA G 85 -42.96 5.71 -4.57
N GLY G 86 -43.45 6.16 -3.42
CA GLY G 86 -43.10 5.56 -2.16
C GLY G 86 -41.79 6.02 -1.58
N LYS G 87 -41.22 7.12 -2.07
CA LYS G 87 -39.95 7.57 -1.58
C LYS G 87 -40.04 8.38 -0.32
N ASP G 88 -38.91 8.57 0.33
CA ASP G 88 -38.79 9.31 1.56
C ASP G 88 -38.91 10.84 1.34
N LEU G 89 -39.02 11.57 2.44
CA LEU G 89 -39.19 13.01 2.41
C LEU G 89 -38.06 13.72 1.70
N VAL G 90 -36.81 13.39 2.04
CA VAL G 90 -35.69 14.09 1.45
C VAL G 90 -35.57 13.83 -0.02
N SER G 91 -35.72 12.57 -0.43
CA SER G 91 -35.64 12.27 -1.84
C SER G 91 -36.72 13.00 -2.62
N SER G 92 -37.93 13.02 -2.07
CA SER G 92 -39.05 13.65 -2.76
C SER G 92 -38.90 15.18 -2.87
N LEU G 93 -38.49 15.80 -1.76
CA LEU G 93 -38.19 17.22 -1.72
C LEU G 93 -37.13 17.54 -2.77
N THR G 94 -36.01 16.78 -2.75
CA THR G 94 -34.89 17.06 -3.66
C THR G 94 -35.27 16.89 -5.11
N SER G 95 -36.05 15.84 -5.42
CA SER G 95 -36.48 15.68 -6.80
C SER G 95 -37.17 16.92 -7.34
N GLY G 96 -37.94 17.59 -6.50
CA GLY G 96 -38.60 18.84 -6.87
C GLY G 96 -37.66 20.04 -6.87
N LEU G 97 -36.78 20.13 -5.85
CA LEU G 97 -35.87 21.26 -5.81
C LEU G 97 -34.99 21.30 -7.04
N LEU G 98 -34.61 20.13 -7.57
CA LEU G 98 -33.72 20.05 -8.73
C LEU G 98 -34.33 20.61 -10.00
N THR G 99 -35.62 20.94 -10.03
CA THR G 99 -36.21 21.63 -11.17
C THR G 99 -36.02 23.15 -11.12
N ILE G 100 -35.55 23.71 -9.97
CA ILE G 100 -35.47 25.16 -9.79
C ILE G 100 -34.26 25.69 -10.51
N GLY G 101 -34.48 26.67 -11.38
CA GLY G 101 -33.42 27.17 -12.23
C GLY G 101 -33.92 28.28 -13.13
N ASP G 102 -33.39 28.33 -14.35
N ASP G 102 -33.32 28.45 -14.30
CA ASP G 102 -33.60 29.45 -15.26
CA ASP G 102 -33.64 29.59 -15.16
C ASP G 102 -35.02 29.72 -15.68
C ASP G 102 -35.11 29.78 -15.51
N ARG G 103 -35.85 28.69 -15.74
CA ARG G 103 -37.25 28.84 -16.16
C ARG G 103 -38.21 28.85 -15.02
N PHE G 104 -37.98 28.05 -14.00
CA PHE G 104 -38.85 27.93 -12.86
C PHE G 104 -38.10 28.25 -11.59
N GLY G 105 -38.50 29.29 -10.87
CA GLY G 105 -38.06 29.59 -9.50
C GLY G 105 -36.66 30.09 -9.23
N GLY G 106 -35.81 30.02 -10.22
CA GLY G 106 -34.38 30.27 -10.06
C GLY G 106 -33.92 31.40 -10.94
N ALA G 107 -34.80 32.36 -11.22
CA ALA G 107 -34.45 33.52 -12.06
C ALA G 107 -34.15 34.77 -11.21
N LEU G 108 -34.06 34.66 -9.86
CA LEU G 108 -33.83 35.82 -9.02
C LEU G 108 -32.43 36.35 -9.24
N ASP G 109 -31.41 35.45 -9.28
CA ASP G 109 -30.03 35.89 -9.47
C ASP G 109 -29.96 36.67 -10.76
N ALA G 110 -30.47 36.07 -11.84
CA ALA G 110 -30.34 36.65 -13.17
C ALA G 110 -31.16 37.92 -13.35
N ALA G 111 -32.33 37.99 -12.70
CA ALA G 111 -33.14 39.20 -12.77
C ALA G 111 -32.39 40.30 -12.06
N ALA G 112 -31.85 40.00 -10.86
CA ALA G 112 -31.08 41.03 -10.14
C ALA G 112 -29.91 41.54 -10.98
N LYS G 113 -29.16 40.68 -11.62
CA LYS G 113 -28.02 41.10 -12.43
C LYS G 113 -28.45 41.88 -13.67
N MET G 114 -29.51 41.43 -14.35
CA MET G 114 -29.90 42.06 -15.62
C MET G 114 -30.53 43.44 -15.42
N PHE G 115 -31.46 43.55 -14.45
CA PHE G 115 -32.11 44.81 -14.17
C PHE G 115 -31.09 45.79 -13.59
N SER G 116 -30.18 45.31 -12.71
CA SER G 116 -29.16 46.19 -12.15
C SER G 116 -28.25 46.72 -13.25
N LYS G 117 -27.84 45.85 -14.18
CA LYS G 117 -26.95 46.27 -15.29
C LYS G 117 -27.68 47.35 -16.14
N ALA G 118 -28.94 47.14 -16.43
CA ALA G 118 -29.70 48.10 -17.23
C ALA G 118 -29.83 49.47 -16.54
N PHE G 119 -30.22 49.44 -15.27
CA PHE G 119 -30.32 50.66 -14.47
C PHE G 119 -28.95 51.36 -14.33
N ASP G 120 -27.93 50.60 -13.92
CA ASP G 120 -26.59 51.17 -13.71
C ASP G 120 -25.96 51.68 -14.98
N SER G 121 -26.28 51.09 -16.12
CA SER G 121 -25.75 51.55 -17.42
C SER G 121 -26.38 52.88 -17.88
N GLY G 122 -27.44 53.33 -17.23
CA GLY G 122 -28.10 54.58 -17.58
C GLY G 122 -29.13 54.47 -18.70
N ILE G 123 -29.41 53.27 -19.25
CA ILE G 123 -30.40 53.13 -20.33
C ILE G 123 -31.78 53.19 -19.72
N ILE G 124 -32.71 53.80 -20.41
CA ILE G 124 -34.09 53.94 -19.93
C ILE G 124 -34.84 52.64 -20.15
N PRO G 125 -35.85 52.35 -19.33
CA PRO G 125 -36.59 51.08 -19.48
C PRO G 125 -36.98 50.73 -20.90
N MET G 126 -37.46 51.69 -21.71
CA MET G 126 -37.81 51.35 -23.09
C MET G 126 -36.60 50.88 -23.92
N GLU G 127 -35.42 51.51 -23.72
CA GLU G 127 -34.24 51.11 -24.44
C GLU G 127 -33.80 49.73 -24.00
N PHE G 128 -34.00 49.40 -22.72
CA PHE G 128 -33.67 48.06 -22.22
C PHE G 128 -34.59 47.03 -22.89
N VAL G 129 -35.89 47.30 -22.94
CA VAL G 129 -36.84 46.36 -23.53
C VAL G 129 -36.51 46.12 -24.98
N ASN G 130 -36.26 47.18 -25.72
CA ASN G 130 -36.00 47.03 -27.13
C ASN G 130 -34.67 46.33 -27.39
N LYS G 131 -33.67 46.58 -26.58
CA LYS G 131 -32.37 45.93 -26.80
C LYS G 131 -32.48 44.42 -26.55
N MET G 132 -33.22 44.02 -25.50
CA MET G 132 -33.37 42.60 -25.20
C MET G 132 -34.14 41.91 -26.33
N LYS G 133 -35.15 42.60 -26.91
CA LYS G 133 -35.93 42.04 -28.00
C LYS G 133 -35.05 41.87 -29.24
N LYS G 134 -34.25 42.90 -29.58
CA LYS G 134 -33.32 42.87 -30.71
C LYS G 134 -32.30 41.75 -30.56
N GLU G 135 -31.75 41.56 -29.33
CA GLU G 135 -30.76 40.51 -29.04
C GLU G 135 -31.37 39.11 -28.83
N GLY G 136 -32.69 38.99 -28.79
CA GLY G 136 -33.38 37.72 -28.62
C GLY G 136 -33.17 37.10 -27.25
N LYS G 137 -33.10 37.97 -26.21
CA LYS G 137 -32.85 37.59 -24.83
C LYS G 137 -34.09 37.79 -23.99
N LEU G 138 -34.43 36.80 -23.20
CA LEU G 138 -35.57 36.90 -22.30
C LEU G 138 -35.18 37.81 -21.16
N ILE G 139 -36.13 38.63 -20.70
CA ILE G 139 -35.89 39.47 -19.52
C ILE G 139 -36.15 38.55 -18.33
N MET G 140 -35.13 38.27 -17.52
CA MET G 140 -35.28 37.36 -16.38
C MET G 140 -36.04 38.10 -15.31
N GLY G 141 -37.02 37.44 -14.71
CA GLY G 141 -37.89 38.04 -13.72
C GLY G 141 -39.17 38.63 -14.31
N ILE G 142 -39.34 38.50 -15.63
CA ILE G 142 -40.56 38.88 -16.34
C ILE G 142 -41.16 37.61 -16.91
N GLY G 143 -42.49 37.58 -16.87
CA GLY G 143 -43.27 36.50 -17.47
C GLY G 143 -43.82 35.48 -16.50
N HIS G 144 -44.97 34.92 -16.86
CA HIS G 144 -45.60 33.89 -16.01
C HIS G 144 -46.52 33.09 -16.87
N ARG G 145 -46.58 31.80 -16.63
CA ARG G 145 -47.45 30.94 -17.43
C ARG G 145 -48.93 31.20 -17.19
N VAL G 146 -49.35 31.51 -15.94
CA VAL G 146 -50.76 31.71 -15.62
C VAL G 146 -51.12 33.08 -15.06
N LYS G 147 -50.22 33.70 -14.28
CA LYS G 147 -50.49 35.02 -13.76
C LYS G 147 -50.27 36.06 -14.86
N SER G 148 -51.03 37.15 -14.80
CA SER G 148 -51.01 38.15 -15.84
C SER G 148 -51.62 39.46 -15.36
N ILE G 149 -51.73 40.45 -16.23
CA ILE G 149 -52.39 41.69 -15.80
C ILE G 149 -53.85 41.48 -15.47
N ASN G 150 -54.50 40.47 -16.08
CA ASN G 150 -55.90 40.12 -15.83
C ASN G 150 -56.07 39.15 -14.68
N ASN G 151 -54.97 38.54 -14.24
CA ASN G 151 -54.93 37.56 -13.17
C ASN G 151 -53.71 37.93 -12.31
N PRO G 152 -53.79 39.02 -11.56
CA PRO G 152 -52.59 39.54 -10.89
C PRO G 152 -52.09 38.70 -9.74
N ASP G 153 -50.78 38.82 -9.47
CA ASP G 153 -50.11 38.05 -8.43
C ASP G 153 -50.12 38.79 -7.11
N MET G 154 -50.95 38.34 -6.16
CA MET G 154 -51.04 38.98 -4.85
C MET G 154 -49.72 38.93 -4.09
N ARG G 155 -48.85 37.92 -4.36
CA ARG G 155 -47.56 37.86 -3.71
C ARG G 155 -46.74 39.10 -4.06
N VAL G 156 -46.79 39.48 -5.32
CA VAL G 156 -46.06 40.66 -5.81
C VAL G 156 -46.63 41.93 -5.17
N GLN G 157 -47.97 42.04 -5.08
CA GLN G 157 -48.60 43.22 -4.46
C GLN G 157 -48.19 43.32 -2.98
N ILE G 158 -48.22 42.22 -2.25
CA ILE G 158 -47.86 42.28 -0.84
C ILE G 158 -46.41 42.73 -0.68
N LEU G 159 -45.50 42.15 -1.47
CA LEU G 159 -44.09 42.49 -1.40
C LEU G 159 -43.90 44.00 -1.69
N LYS G 160 -44.54 44.51 -2.76
CA LYS G 160 -44.39 45.93 -3.09
C LYS G 160 -44.93 46.85 -2.01
N ASP G 161 -46.09 46.54 -1.47
CA ASP G 161 -46.68 47.35 -0.41
C ASP G 161 -45.69 47.47 0.78
N TYR G 162 -45.09 46.34 1.20
CA TYR G 162 -44.14 46.39 2.29
C TYR G 162 -42.91 47.26 1.96
N VAL G 163 -42.31 46.99 0.82
CA VAL G 163 -41.16 47.76 0.35
C VAL G 163 -41.49 49.29 0.45
N ARG G 164 -42.74 49.72 0.15
CA ARG G 164 -43.13 51.14 0.27
C ARG G 164 -43.27 51.67 1.69
N GLN G 165 -43.72 50.86 2.62
CA GLN G 165 -43.85 51.28 4.01
C GLN G 165 -42.47 51.31 4.71
N HIS G 166 -41.40 50.61 4.17
CA HIS G 166 -40.19 50.45 4.97
C HIS G 166 -38.84 50.68 4.33
N PHE G 167 -38.67 50.52 3.03
CA PHE G 167 -37.33 50.61 2.49
C PHE G 167 -36.87 52.07 2.30
N PRO G 168 -35.63 52.40 2.65
CA PRO G 168 -35.15 53.78 2.44
C PRO G 168 -35.08 54.22 0.99
N ALA G 169 -34.75 53.32 0.08
CA ALA G 169 -34.60 53.65 -1.33
C ALA G 169 -34.94 52.45 -2.19
N THR G 170 -35.70 52.66 -3.25
CA THR G 170 -36.14 51.59 -4.12
C THR G 170 -35.95 51.95 -5.59
N PRO G 171 -34.76 52.43 -6.00
CA PRO G 171 -34.60 52.80 -7.41
C PRO G 171 -34.70 51.65 -8.40
N LEU G 172 -34.18 50.48 -8.05
CA LEU G 172 -34.26 49.37 -8.97
C LEU G 172 -35.66 48.83 -9.11
N LEU G 173 -36.40 48.73 -8.02
CA LEU G 173 -37.79 48.29 -8.09
C LEU G 173 -38.55 49.24 -8.97
N ASP G 174 -38.36 50.57 -8.77
CA ASP G 174 -39.07 51.52 -9.58
C ASP G 174 -38.75 51.31 -11.06
N TYR G 175 -37.49 51.02 -11.39
CA TYR G 175 -37.08 50.78 -12.76
C TYR G 175 -37.72 49.52 -13.32
N ALA G 176 -37.71 48.44 -12.54
CA ALA G 176 -38.32 47.19 -13.00
C ALA G 176 -39.82 47.36 -13.21
N LEU G 177 -40.48 48.20 -12.36
CA LEU G 177 -41.90 48.44 -12.56
C LEU G 177 -42.14 49.23 -13.83
N GLU G 178 -41.25 50.16 -14.24
CA GLU G 178 -41.39 50.86 -15.53
C GLU G 178 -41.25 49.89 -16.68
N VAL G 179 -40.29 48.94 -16.57
CA VAL G 179 -40.16 47.88 -17.56
C VAL G 179 -41.42 47.07 -17.67
N GLU G 180 -42.02 46.70 -16.54
CA GLU G 180 -43.27 45.90 -16.55
C GLU G 180 -44.42 46.64 -17.25
N LYS G 181 -44.53 47.95 -17.03
CA LYS G 181 -45.56 48.71 -17.75
C LYS G 181 -45.40 48.55 -19.28
N ILE G 182 -44.15 48.55 -19.76
CA ILE G 182 -43.92 48.38 -21.19
C ILE G 182 -44.18 46.94 -21.61
N THR G 183 -43.61 45.96 -20.90
CA THR G 183 -43.78 44.57 -21.35
C THR G 183 -45.25 44.13 -21.29
N THR G 184 -45.96 44.45 -20.21
CA THR G 184 -47.36 44.09 -20.13
C THR G 184 -48.24 44.81 -21.17
N SER G 185 -47.83 46.00 -21.72
CA SER G 185 -48.60 46.63 -22.80
C SER G 185 -48.46 45.80 -24.10
N LYS G 186 -47.41 45.02 -24.24
CA LYS G 186 -47.24 44.17 -25.44
C LYS G 186 -47.95 42.82 -25.29
N LYS G 187 -47.71 42.11 -24.16
CA LYS G 187 -48.28 40.80 -23.87
C LYS G 187 -48.68 40.77 -22.39
N PRO G 188 -49.93 40.38 -22.07
CA PRO G 188 -50.40 40.46 -20.67
C PRO G 188 -49.75 39.51 -19.68
N ASN G 189 -49.09 38.46 -20.18
CA ASN G 189 -48.36 37.51 -19.35
C ASN G 189 -46.99 38.02 -18.94
N LEU G 190 -46.49 39.14 -19.53
CA LEU G 190 -45.16 39.63 -19.21
C LEU G 190 -45.12 40.52 -17.98
N ILE G 191 -45.66 40.01 -16.92
CA ILE G 191 -45.63 40.69 -15.61
C ILE G 191 -44.28 40.55 -14.94
N LEU G 192 -44.04 41.41 -13.94
CA LEU G 192 -42.84 41.29 -13.11
C LEU G 192 -43.29 40.15 -12.13
N ASN G 193 -42.63 38.97 -12.24
CA ASN G 193 -42.97 37.82 -11.48
C ASN G 193 -42.32 37.84 -10.07
N VAL G 194 -42.61 36.86 -9.23
CA VAL G 194 -42.06 36.83 -7.89
C VAL G 194 -40.53 36.77 -7.93
N ASP G 195 -39.92 36.10 -8.92
CA ASP G 195 -38.44 36.07 -9.03
C ASP G 195 -37.89 37.45 -9.29
N GLY G 196 -38.52 38.17 -10.21
CA GLY G 196 -38.11 39.53 -10.55
C GLY G 196 -38.32 40.49 -9.41
N LEU G 197 -39.46 40.40 -8.72
CA LEU G 197 -39.73 41.31 -7.60
C LEU G 197 -38.74 41.11 -6.45
N ILE G 198 -38.56 39.86 -6.02
CA ILE G 198 -37.66 39.58 -4.92
C ILE G 198 -36.23 39.91 -5.35
N GLY G 199 -35.85 39.54 -6.56
CA GLY G 199 -34.52 39.86 -7.04
C GLY G 199 -34.17 41.35 -6.98
N VAL G 200 -35.04 42.19 -7.52
CA VAL G 200 -34.76 43.65 -7.57
C VAL G 200 -34.92 44.27 -6.20
N ALA G 201 -35.93 43.81 -5.44
CA ALA G 201 -36.10 44.33 -4.08
C ALA G 201 -34.89 44.01 -3.24
N PHE G 202 -34.29 42.81 -3.37
CA PHE G 202 -33.06 42.49 -2.66
C PHE G 202 -31.93 43.35 -3.06
N VAL G 203 -31.82 43.71 -4.35
CA VAL G 203 -30.72 44.60 -4.74
C VAL G 203 -30.91 45.93 -3.96
N ASP G 204 -32.12 46.47 -4.00
CA ASP G 204 -32.40 47.73 -3.28
C ASP G 204 -32.16 47.59 -1.82
N MET G 205 -32.55 46.46 -1.24
N MET G 205 -32.56 46.44 -1.23
CA MET G 205 -32.32 46.25 0.18
CA MET G 205 -32.34 46.16 0.19
C MET G 205 -30.81 46.17 0.49
C MET G 205 -30.84 46.12 0.51
N LEU G 206 -30.06 45.34 -0.26
CA LEU G 206 -28.63 45.19 -0.02
C LEU G 206 -27.81 46.45 -0.27
N ARG G 207 -28.19 47.20 -1.28
CA ARG G 207 -27.44 48.40 -1.60
C ARG G 207 -27.70 49.55 -0.64
N ASN G 208 -28.90 49.62 -0.06
CA ASN G 208 -29.29 50.79 0.72
C ASN G 208 -29.60 50.57 2.18
N CYS G 209 -29.53 49.33 2.70
CA CYS G 209 -29.85 49.13 4.12
C CYS G 209 -28.79 49.64 5.07
N GLY G 210 -27.57 49.88 4.59
CA GLY G 210 -26.47 50.40 5.39
C GLY G 210 -25.52 49.33 5.88
N SER G 211 -25.85 48.05 5.66
CA SER G 211 -25.01 46.95 6.15
C SER G 211 -23.97 46.49 5.17
N PHE G 212 -24.08 46.85 3.89
CA PHE G 212 -23.16 46.43 2.84
C PHE G 212 -22.59 47.58 2.07
N THR G 213 -21.36 47.41 1.56
CA THR G 213 -20.79 48.32 0.59
C THR G 213 -21.36 47.86 -0.74
N ARG G 214 -21.22 48.70 -1.75
CA ARG G 214 -21.67 48.34 -3.08
C ARG G 214 -20.92 47.09 -3.57
N GLU G 215 -19.59 47.00 -3.34
CA GLU G 215 -18.82 45.80 -3.75
C GLU G 215 -19.35 44.53 -3.06
N GLU G 216 -19.69 44.62 -1.75
CA GLU G 216 -20.23 43.46 -1.01
C GLU G 216 -21.60 43.07 -1.54
N ALA G 217 -22.47 44.08 -1.84
CA ALA G 217 -23.80 43.81 -2.41
C ALA G 217 -23.66 43.10 -3.75
N ASP G 218 -22.73 43.56 -4.59
CA ASP G 218 -22.53 42.91 -5.87
C ASP G 218 -22.06 41.48 -5.70
N GLU G 219 -21.16 41.23 -4.72
CA GLU G 219 -20.66 39.88 -4.50
C GLU G 219 -21.77 38.94 -4.11
N TYR G 220 -22.71 39.39 -3.28
CA TYR G 220 -23.80 38.52 -2.88
C TYR G 220 -24.70 38.17 -4.02
N ILE G 221 -24.93 39.11 -4.92
CA ILE G 221 -25.70 38.83 -6.12
C ILE G 221 -24.92 37.80 -6.96
N ASP G 222 -23.61 38.03 -7.13
CA ASP G 222 -22.74 37.19 -7.94
C ASP G 222 -22.59 35.75 -7.45
N ILE G 223 -22.49 35.53 -6.13
CA ILE G 223 -22.33 34.18 -5.57
C ILE G 223 -23.66 33.42 -5.50
N GLY G 224 -24.78 34.07 -5.82
CA GLY G 224 -26.07 33.40 -5.88
C GLY G 224 -26.89 33.34 -4.61
N ALA G 225 -26.69 34.26 -3.67
CA ALA G 225 -27.51 34.26 -2.45
C ALA G 225 -29.01 34.44 -2.73
N LEU G 226 -29.39 35.27 -3.70
CA LEU G 226 -30.80 35.58 -3.92
C LEU G 226 -31.69 34.43 -4.31
N ASN G 227 -31.22 33.53 -5.21
CA ASN G 227 -31.98 32.33 -5.56
C ASN G 227 -32.26 31.47 -4.31
N GLY G 228 -31.37 31.52 -3.33
CA GLY G 228 -31.57 30.82 -2.09
C GLY G 228 -32.88 31.18 -1.44
N ILE G 229 -33.37 32.42 -1.56
CA ILE G 229 -34.61 32.81 -0.91
C ILE G 229 -35.76 31.97 -1.42
N PHE G 230 -35.86 31.81 -2.73
CA PHE G 230 -36.92 31.00 -3.30
C PHE G 230 -36.75 29.54 -2.93
N VAL G 231 -35.53 29.02 -2.99
CA VAL G 231 -35.31 27.61 -2.68
C VAL G 231 -35.75 27.35 -1.26
N LEU G 232 -35.34 28.14 -0.30
CA LEU G 232 -35.70 27.92 1.09
C LEU G 232 -37.20 28.10 1.29
N GLY G 233 -37.76 29.12 0.68
CA GLY G 233 -39.17 29.36 0.80
C GLY G 233 -40.02 28.23 0.25
N ARG G 234 -39.76 27.85 -0.98
CA ARG G 234 -40.55 26.83 -1.65
C ARG G 234 -40.32 25.45 -1.06
N SER G 235 -39.19 25.22 -0.36
CA SER G 235 -39.00 23.96 0.32
C SER G 235 -40.14 23.71 1.27
N MET G 236 -40.69 24.78 1.89
N MET G 236 -40.69 24.76 1.91
CA MET G 236 -41.85 24.67 2.78
CA MET G 236 -41.80 24.49 2.82
C MET G 236 -43.00 23.97 2.06
C MET G 236 -43.00 23.90 2.04
N GLY G 237 -43.35 24.46 0.89
CA GLY G 237 -44.46 23.91 0.12
C GLY G 237 -44.18 22.51 -0.40
N PHE G 238 -42.95 22.27 -0.89
CA PHE G 238 -42.66 20.93 -1.37
C PHE G 238 -42.75 19.87 -0.27
N ILE G 239 -42.28 20.18 0.95
CA ILE G 239 -42.45 19.23 2.05
C ILE G 239 -43.94 19.07 2.35
N GLY G 240 -44.71 20.17 2.28
CA GLY G 240 -46.14 20.08 2.46
C GLY G 240 -46.76 19.14 1.44
N HIS G 241 -46.32 19.20 0.17
CA HIS G 241 -46.86 18.29 -0.85
C HIS G 241 -46.51 16.87 -0.55
N TYR G 242 -45.26 16.61 -0.12
CA TYR G 242 -44.87 15.26 0.27
C TYR G 242 -45.82 14.72 1.37
N LEU G 243 -46.02 15.50 2.45
CA LEU G 243 -46.83 15.03 3.57
C LEU G 243 -48.28 14.79 3.11
N ASP G 244 -48.77 15.68 2.24
CA ASP G 244 -50.16 15.57 1.76
C ASP G 244 -50.31 14.28 0.96
N GLN G 245 -49.36 14.02 0.06
CA GLN G 245 -49.49 12.82 -0.74
C GLN G 245 -49.40 11.55 0.10
N LYS G 246 -48.59 11.56 1.15
CA LYS G 246 -48.55 10.43 2.08
C LYS G 246 -49.84 10.22 2.82
N ARG G 247 -50.51 11.31 3.23
N ARG G 247 -50.47 11.32 3.23
CA ARG G 247 -51.82 11.17 3.88
CA ARG G 247 -51.77 11.27 3.92
C ARG G 247 -52.88 10.71 2.93
C ARG G 247 -52.91 10.85 2.99
N LEU G 248 -52.85 11.24 1.71
CA LEU G 248 -53.86 10.92 0.71
C LEU G 248 -53.71 9.48 0.18
N LYS G 249 -52.56 8.83 0.45
CA LYS G 249 -52.28 7.44 0.07
C LYS G 249 -52.43 7.25 -1.40
N GLN G 250 -51.88 8.24 -2.12
CA GLN G 250 -51.90 8.26 -3.54
C GLN G 250 -50.83 7.24 -4.04
N GLY G 251 -51.24 6.44 -4.98
CA GLY G 251 -50.46 5.34 -5.56
C GLY G 251 -49.53 5.78 -6.67
N LEU G 252 -48.72 4.84 -7.15
CA LEU G 252 -47.72 5.10 -8.18
C LEU G 252 -48.32 5.81 -9.37
N TYR G 253 -47.68 6.88 -9.84
CA TYR G 253 -48.13 7.61 -11.03
C TYR G 253 -47.39 7.10 -12.25
N ARG G 254 -48.10 7.02 -13.38
CA ARG G 254 -47.49 6.71 -14.67
C ARG G 254 -48.21 7.63 -15.62
N HIS G 255 -47.48 8.45 -16.39
CA HIS G 255 -48.10 9.46 -17.26
C HIS G 255 -48.88 8.80 -18.39
N PRO G 256 -50.07 9.33 -18.76
CA PRO G 256 -50.84 8.65 -19.80
C PRO G 256 -50.22 8.72 -21.17
N TRP G 257 -50.24 7.58 -21.88
CA TRP G 257 -49.75 7.52 -23.25
C TRP G 257 -50.51 8.48 -24.14
N ASP G 258 -51.80 8.77 -23.84
CA ASP G 258 -52.57 9.71 -24.67
C ASP G 258 -51.98 11.10 -24.71
N ASP G 259 -51.14 11.48 -23.73
CA ASP G 259 -50.54 12.82 -23.69
C ASP G 259 -49.11 12.83 -24.22
N ILE G 260 -48.66 11.74 -24.87
CA ILE G 260 -47.29 11.65 -25.34
C ILE G 260 -47.25 11.29 -26.79
N SER G 261 -46.49 12.04 -27.58
CA SER G 261 -46.26 11.73 -28.96
C SER G 261 -44.88 11.08 -29.11
N TYR G 262 -44.84 9.83 -29.54
CA TYR G 262 -43.64 9.06 -29.76
C TYR G 262 -43.29 9.16 -31.23
N VAL G 263 -42.15 9.78 -31.54
CA VAL G 263 -41.71 9.94 -32.93
C VAL G 263 -40.27 9.44 -33.00
N LEU G 264 -40.13 8.13 -33.17
CA LEU G 264 -38.86 7.46 -33.22
C LEU G 264 -38.39 7.32 -34.65
N PRO G 265 -37.11 7.02 -34.85
CA PRO G 265 -36.65 6.71 -36.22
C PRO G 265 -37.34 5.49 -36.81
N GLU G 266 -37.46 5.46 -38.14
CA GLU G 266 -38.06 4.33 -38.84
C GLU G 266 -37.18 3.10 -38.64
N HIS G 267 -37.80 1.93 -38.40
CA HIS G 267 -37.11 0.65 -38.18
C HIS G 267 -36.02 0.36 -39.23
N PRO H 6 -60.93 10.95 -15.33
CA PRO H 6 -60.80 11.46 -13.95
C PRO H 6 -59.43 12.07 -13.65
N ALA H 7 -59.38 13.10 -12.76
CA ALA H 7 -58.14 13.78 -12.39
C ALA H 7 -57.13 12.78 -11.81
N SER H 8 -55.91 12.87 -12.27
CA SER H 8 -54.84 11.96 -11.88
C SER H 8 -54.11 12.48 -10.64
N PHE H 9 -54.26 13.77 -10.28
CA PHE H 9 -53.61 14.35 -9.09
C PHE H 9 -54.65 14.86 -8.13
N MET H 10 -54.32 14.81 -6.85
CA MET H 10 -55.17 15.34 -5.79
C MET H 10 -54.27 16.14 -4.89
N THR H 11 -54.76 17.25 -4.38
CA THR H 11 -53.95 18.11 -3.51
C THR H 11 -54.82 18.76 -2.45
N SER H 12 -54.26 19.08 -1.28
CA SER H 12 -55.02 19.66 -0.19
C SER H 12 -54.47 20.96 0.33
N ILE H 13 -53.28 21.43 -0.12
CA ILE H 13 -52.61 22.43 0.65
C ILE H 13 -52.67 23.84 0.13
N CYS H 14 -52.70 24.05 -1.19
CA CYS H 14 -52.59 25.39 -1.75
C CYS H 14 -53.38 25.45 -3.02
N ASP H 15 -54.07 26.57 -3.23
CA ASP H 15 -54.86 26.76 -4.45
C ASP H 15 -54.41 28.09 -5.04
N GLU H 16 -53.79 28.03 -6.21
CA GLU H 16 -53.29 29.22 -6.91
C GLU H 16 -54.09 29.52 -8.16
N ARG H 17 -55.26 28.88 -8.34
CA ARG H 17 -56.05 29.04 -9.56
C ARG H 17 -56.82 30.35 -9.63
N GLY H 18 -57.17 30.91 -8.47
CA GLY H 18 -57.95 32.14 -8.39
C GLY H 18 -57.08 33.37 -8.57
N GLN H 19 -57.67 34.56 -8.46
CA GLN H 19 -56.85 35.76 -8.58
C GLN H 19 -55.91 35.84 -7.39
N GLU H 20 -56.44 35.50 -6.18
CA GLU H 20 -55.63 35.54 -4.96
C GLU H 20 -55.26 34.13 -4.52
N LEU H 21 -53.97 33.95 -4.28
CA LEU H 21 -53.39 32.70 -3.78
C LEU H 21 -54.04 32.33 -2.44
N ILE H 22 -54.31 31.03 -2.23
CA ILE H 22 -54.87 30.51 -0.97
C ILE H 22 -53.93 29.44 -0.42
N TYR H 23 -53.65 29.52 0.86
CA TYR H 23 -52.94 28.48 1.59
C TYR H 23 -53.93 27.82 2.55
N ALA H 24 -54.31 26.57 2.24
CA ALA H 24 -55.22 25.75 3.06
C ALA H 24 -56.45 26.49 3.50
N GLY H 25 -57.11 27.11 2.57
CA GLY H 25 -58.34 27.84 2.85
C GLY H 25 -58.22 29.31 3.24
N MET H 26 -57.00 29.77 3.62
N MET H 26 -57.01 29.77 3.55
CA MET H 26 -56.78 31.17 3.95
CA MET H 26 -56.77 31.14 3.94
C MET H 26 -56.18 31.91 2.74
C MET H 26 -56.17 31.91 2.75
N PRO H 27 -56.85 32.97 2.26
CA PRO H 27 -56.25 33.80 1.20
C PRO H 27 -54.95 34.39 1.75
N ILE H 28 -53.93 34.57 0.90
CA ILE H 28 -52.63 35.08 1.33
C ILE H 28 -52.72 36.45 2.03
N THR H 29 -53.66 37.32 1.67
CA THR H 29 -53.77 38.58 2.42
C THR H 29 -54.21 38.36 3.87
N GLU H 30 -55.05 37.34 4.12
CA GLU H 30 -55.51 37.02 5.48
C GLU H 30 -54.37 36.43 6.31
N VAL H 31 -53.46 35.65 5.66
CA VAL H 31 -52.30 35.10 6.35
C VAL H 31 -51.50 36.25 6.97
N PHE H 32 -51.28 37.31 6.18
CA PHE H 32 -50.56 38.47 6.66
C PHE H 32 -51.35 39.33 7.62
N LYS H 33 -52.63 39.52 7.38
CA LYS H 33 -53.47 40.32 8.30
C LYS H 33 -53.47 39.72 9.69
N GLU H 34 -53.54 38.38 9.77
CA GLU H 34 -53.57 37.65 11.04
C GLU H 34 -52.19 37.42 11.63
N GLU H 35 -51.14 37.96 11.00
CA GLU H 35 -49.75 37.90 11.47
C GLU H 35 -49.36 36.46 11.78
N MET H 36 -49.69 35.57 10.82
N MET H 36 -49.65 35.57 10.86
CA MET H 36 -49.44 34.13 10.92
CA MET H 36 -49.39 34.16 11.08
C MET H 36 -47.95 33.80 10.97
C MET H 36 -47.92 33.78 10.96
N GLY H 37 -47.14 34.56 10.24
CA GLY H 37 -45.71 34.31 10.13
C GLY H 37 -45.38 33.02 9.38
N ILE H 38 -44.10 32.72 9.35
CA ILE H 38 -43.59 31.51 8.73
C ILE H 38 -44.19 30.29 9.41
N GLY H 39 -44.25 30.30 10.73
CA GLY H 39 -44.78 29.14 11.45
C GLY H 39 -46.24 28.90 11.13
N GLY H 40 -47.00 29.96 10.94
CA GLY H 40 -48.40 29.79 10.57
C GLY H 40 -48.58 29.34 9.13
N VAL H 41 -47.72 29.80 8.22
CA VAL H 41 -47.71 29.27 6.85
C VAL H 41 -47.39 27.78 6.87
N LEU H 42 -46.42 27.37 7.71
CA LEU H 42 -46.11 25.96 7.84
C LEU H 42 -47.34 25.19 8.36
N GLY H 43 -48.02 25.71 9.36
CA GLY H 43 -49.20 25.01 9.86
C GLY H 43 -50.24 24.80 8.78
N LEU H 44 -50.44 25.81 7.93
CA LEU H 44 -51.39 25.68 6.82
C LEU H 44 -50.93 24.68 5.80
N LEU H 45 -49.72 24.84 5.30
CA LEU H 45 -49.22 23.98 4.22
C LEU H 45 -48.93 22.55 4.64
N TRP H 46 -48.40 22.32 5.84
CA TRP H 46 -48.06 20.95 6.26
C TRP H 46 -49.26 20.27 6.90
N PHE H 47 -50.08 21.00 7.67
CA PHE H 47 -51.14 20.37 8.46
C PHE H 47 -52.55 20.79 8.09
N GLN H 48 -52.69 21.79 7.23
CA GLN H 48 -53.98 22.37 6.86
C GLN H 48 -54.76 22.79 8.09
N LYS H 49 -54.05 23.44 9.01
CA LYS H 49 -54.63 23.99 10.23
C LYS H 49 -54.17 25.40 10.41
N ARG H 50 -55.02 26.24 11.01
CA ARG H 50 -54.66 27.57 11.47
C ARG H 50 -54.25 27.37 12.93
N LEU H 51 -52.94 27.35 13.19
CA LEU H 51 -52.44 27.07 14.52
C LEU H 51 -52.46 28.29 15.39
N PRO H 52 -52.53 28.08 16.72
CA PRO H 52 -52.40 29.21 17.65
C PRO H 52 -51.07 29.94 17.44
N LYS H 53 -51.01 31.24 17.75
CA LYS H 53 -49.80 32.01 17.54
C LYS H 53 -48.63 31.43 18.32
N TYR H 54 -48.84 30.95 19.54
CA TYR H 54 -47.69 30.45 20.30
C TYR H 54 -47.14 29.16 19.67
N SER H 55 -48.01 28.38 18.99
CA SER H 55 -47.55 27.18 18.28
C SER H 55 -46.75 27.60 17.06
N CYS H 56 -47.24 28.60 16.33
CA CYS H 56 -46.52 29.17 15.19
C CYS H 56 -45.14 29.63 15.58
N GLN H 57 -45.06 30.40 16.68
CA GLN H 57 -43.77 30.91 17.11
C GLN H 57 -42.85 29.79 17.59
N PHE H 58 -43.40 28.75 18.26
CA PHE H 58 -42.58 27.60 18.65
C PHE H 58 -41.98 26.93 17.41
N ILE H 59 -42.78 26.76 16.34
CA ILE H 59 -42.26 26.16 15.12
C ILE H 59 -41.10 26.98 14.59
N GLU H 60 -41.26 28.31 14.59
CA GLU H 60 -40.19 29.18 14.11
C GLU H 60 -38.95 29.03 14.95
N MET H 61 -39.14 28.96 16.29
N MET H 61 -39.11 28.90 16.28
CA MET H 61 -38.00 28.77 17.19
CA MET H 61 -37.93 28.75 17.13
C MET H 61 -37.26 27.46 16.88
C MET H 61 -37.23 27.43 16.85
N CYS H 62 -37.99 26.37 16.55
CA CYS H 62 -37.38 25.08 16.17
C CYS H 62 -36.55 25.26 14.92
N LEU H 63 -37.07 26.01 13.94
CA LEU H 63 -36.33 26.23 12.69
C LEU H 63 -35.08 27.07 12.94
N MET H 64 -35.14 28.03 13.88
CA MET H 64 -33.97 28.84 14.21
C MET H 64 -32.90 28.03 14.91
N VAL H 65 -33.30 27.19 15.86
CA VAL H 65 -32.32 26.41 16.61
C VAL H 65 -31.68 25.30 15.79
N THR H 66 -32.37 24.80 14.76
CA THR H 66 -31.84 23.75 13.88
C THR H 66 -31.15 24.31 12.65
N ALA H 67 -31.10 25.65 12.48
CA ALA H 67 -30.62 26.24 11.25
C ALA H 67 -29.25 25.75 10.87
N ASP H 68 -28.32 25.70 11.82
CA ASP H 68 -27.01 25.17 11.53
C ASP H 68 -26.36 24.58 12.74
N HIS H 69 -25.43 23.64 12.54
CA HIS H 69 -24.63 23.11 13.65
C HIS H 69 -23.20 22.88 13.18
N GLY H 70 -22.72 23.78 12.36
CA GLY H 70 -21.33 23.79 11.94
C GLY H 70 -21.04 23.02 10.67
N PRO H 71 -19.80 23.12 10.21
CA PRO H 71 -19.41 22.54 8.93
C PRO H 71 -18.92 21.11 8.95
N ALA H 72 -18.84 20.49 10.13
CA ALA H 72 -18.25 19.16 10.30
C ALA H 72 -19.23 18.02 10.13
N VAL H 73 -20.53 18.29 10.35
CA VAL H 73 -21.55 17.28 10.26
C VAL H 73 -21.73 16.86 8.82
N SER H 74 -22.18 15.62 8.63
CA SER H 74 -22.25 15.01 7.30
C SER H 74 -22.78 15.92 6.22
N GLY H 75 -23.96 16.44 6.43
CA GLY H 75 -24.59 17.17 5.35
C GLY H 75 -23.95 18.49 5.04
N ALA H 76 -23.47 19.17 6.07
CA ALA H 76 -22.81 20.46 5.84
C ALA H 76 -21.51 20.19 5.09
N HIS H 77 -20.79 19.17 5.50
CA HIS H 77 -19.56 18.78 4.87
C HIS H 77 -19.78 18.47 3.40
N ASN H 78 -20.83 17.71 3.08
CA ASN H 78 -21.10 17.40 1.69
C ASN H 78 -21.47 18.63 0.88
N THR H 79 -22.31 19.51 1.43
CA THR H 79 -22.64 20.76 0.74
C THR H 79 -21.39 21.57 0.46
N ILE H 80 -20.48 21.65 1.45
CA ILE H 80 -19.24 22.40 1.28
C ILE H 80 -18.41 21.80 0.16
N ILE H 81 -18.30 20.48 0.09
CA ILE H 81 -17.52 19.88 -0.97
C ILE H 81 -18.11 20.17 -2.32
N CYS H 82 -19.47 20.15 -2.44
N CYS H 82 -19.42 20.02 -2.40
CA CYS H 82 -20.11 20.50 -3.73
CA CYS H 82 -20.12 20.30 -3.62
C CYS H 82 -19.80 21.87 -4.10
C CYS H 82 -19.94 21.80 -4.08
N ALA H 83 -19.98 22.73 -3.13
CA ALA H 83 -19.74 24.15 -3.41
C ALA H 83 -18.30 24.34 -3.93
N ARG H 84 -17.36 23.67 -3.28
CA ARG H 84 -15.96 23.76 -3.66
C ARG H 84 -15.68 23.12 -5.01
N ALA H 85 -16.55 22.23 -5.49
CA ALA H 85 -16.46 21.66 -6.80
C ALA H 85 -17.05 22.57 -7.87
N GLY H 86 -17.46 23.79 -7.48
CA GLY H 86 -17.97 24.78 -8.42
C GLY H 86 -19.41 24.59 -8.83
N LYS H 87 -20.19 23.80 -8.06
CA LYS H 87 -21.58 23.55 -8.40
C LYS H 87 -22.48 24.67 -7.94
N ASP H 88 -23.71 24.65 -8.47
CA ASP H 88 -24.74 25.64 -8.18
C ASP H 88 -25.34 25.40 -6.80
N LEU H 89 -26.10 26.36 -6.35
CA LEU H 89 -26.70 26.34 -5.00
C LEU H 89 -27.58 25.13 -4.76
N VAL H 90 -28.53 24.85 -5.68
CA VAL H 90 -29.45 23.76 -5.45
C VAL H 90 -28.74 22.41 -5.45
N SER H 91 -27.81 22.18 -6.35
CA SER H 91 -27.06 20.92 -6.35
C SER H 91 -26.28 20.74 -5.06
N SER H 92 -25.67 21.81 -4.58
CA SER H 92 -24.87 21.75 -3.37
C SER H 92 -25.71 21.53 -2.14
N LEU H 93 -26.81 22.26 -2.01
CA LEU H 93 -27.74 22.07 -0.92
C LEU H 93 -28.23 20.62 -0.87
N THR H 94 -28.67 20.13 -2.03
CA THR H 94 -29.27 18.80 -2.10
C THR H 94 -28.23 17.71 -1.83
N SER H 95 -26.98 17.90 -2.26
CA SER H 95 -25.96 16.94 -1.97
C SER H 95 -25.85 16.73 -0.44
N GLY H 96 -25.98 17.82 0.29
CA GLY H 96 -25.96 17.76 1.74
C GLY H 96 -27.26 17.24 2.34
N LEU H 97 -28.40 17.67 1.82
CA LEU H 97 -29.66 17.17 2.36
C LEU H 97 -29.80 15.67 2.21
N LEU H 98 -29.21 15.10 1.15
CA LEU H 98 -29.34 13.67 0.92
C LEU H 98 -28.64 12.82 1.97
N THR H 99 -27.85 13.42 2.88
CA THR H 99 -27.26 12.67 3.98
C THR H 99 -28.23 12.51 5.15
N ILE H 100 -29.39 13.19 5.12
CA ILE H 100 -30.29 13.26 6.28
C ILE H 100 -31.28 12.14 6.29
N GLY H 101 -31.51 11.58 7.48
CA GLY H 101 -32.65 10.68 7.65
C GLY H 101 -32.46 9.48 8.53
N ASP H 102 -31.20 9.03 8.66
CA ASP H 102 -30.92 7.86 9.46
C ASP H 102 -30.00 8.28 10.60
N ARG H 103 -28.68 8.15 10.47
CA ARG H 103 -27.78 8.50 11.56
C ARG H 103 -27.56 10.02 11.71
N PHE H 104 -27.90 10.80 10.66
CA PHE H 104 -27.74 12.24 10.73
C PHE H 104 -29.10 12.89 10.46
N GLY H 105 -29.59 13.66 11.43
CA GLY H 105 -30.84 14.40 11.28
C GLY H 105 -32.09 13.59 11.50
N GLY H 106 -31.96 12.38 12.04
CA GLY H 106 -33.10 11.51 12.32
C GLY H 106 -33.48 11.46 13.79
N ALA H 107 -32.69 12.08 14.66
CA ALA H 107 -32.98 11.98 16.10
C ALA H 107 -34.20 12.73 16.59
N LEU H 108 -34.62 13.82 15.93
CA LEU H 108 -35.86 14.49 16.36
C LEU H 108 -37.01 13.50 16.23
N ASP H 109 -37.09 12.83 15.07
CA ASP H 109 -38.14 11.86 14.80
C ASP H 109 -38.05 10.66 15.73
N ALA H 110 -36.82 10.15 15.94
CA ALA H 110 -36.64 8.96 16.76
C ALA H 110 -37.03 9.25 18.20
N ALA H 111 -36.66 10.43 18.71
CA ALA H 111 -36.98 10.78 20.09
C ALA H 111 -38.45 10.98 20.26
N ALA H 112 -39.10 11.65 19.30
CA ALA H 112 -40.55 11.83 19.43
C ALA H 112 -41.27 10.51 19.45
N LYS H 113 -40.85 9.58 18.59
CA LYS H 113 -41.52 8.29 18.53
C LYS H 113 -41.27 7.48 19.79
N MET H 114 -40.01 7.42 20.25
CA MET H 114 -39.68 6.60 21.40
C MET H 114 -40.38 7.09 22.66
N PHE H 115 -40.33 8.41 22.95
CA PHE H 115 -41.02 8.93 24.13
C PHE H 115 -42.54 8.77 23.99
N SER H 116 -43.06 8.98 22.79
CA SER H 116 -44.51 8.82 22.59
C SER H 116 -44.93 7.37 22.81
N LYS H 117 -44.13 6.42 22.31
CA LYS H 117 -44.46 5.00 22.49
C LYS H 117 -44.50 4.65 23.97
N ALA H 118 -43.51 5.11 24.74
CA ALA H 118 -43.46 4.87 26.17
C ALA H 118 -44.67 5.48 26.89
N PHE H 119 -44.94 6.73 26.61
CA PHE H 119 -46.06 7.43 27.20
C PHE H 119 -47.40 6.75 26.85
N ASP H 120 -47.57 6.36 25.61
CA ASP H 120 -48.84 5.77 25.20
C ASP H 120 -49.03 4.35 25.69
N SER H 121 -47.94 3.68 26.09
CA SER H 121 -48.02 2.33 26.68
C SER H 121 -48.49 2.40 28.16
N GLY H 122 -48.52 3.59 28.72
CA GLY H 122 -49.01 3.80 30.09
C GLY H 122 -47.99 3.53 31.18
N ILE H 123 -46.72 3.28 30.83
CA ILE H 123 -45.69 3.03 31.83
C ILE H 123 -45.11 4.38 32.28
N ILE H 124 -44.77 4.48 33.56
CA ILE H 124 -44.25 5.72 34.13
C ILE H 124 -42.76 5.86 33.80
N PRO H 125 -42.19 7.07 33.99
CA PRO H 125 -40.78 7.29 33.60
C PRO H 125 -39.77 6.27 34.12
N MET H 126 -39.84 5.92 35.40
N MET H 126 -39.85 5.92 35.41
CA MET H 126 -38.88 4.96 35.95
CA MET H 126 -38.94 4.95 36.04
C MET H 126 -39.06 3.58 35.31
C MET H 126 -39.06 3.58 35.35
N GLU H 127 -40.31 3.15 35.05
CA GLU H 127 -40.56 1.86 34.38
C GLU H 127 -39.94 1.90 32.95
N PHE H 128 -40.07 3.03 32.23
CA PHE H 128 -39.47 3.15 30.89
C PHE H 128 -37.95 3.10 30.97
N VAL H 129 -37.34 3.85 31.93
CA VAL H 129 -35.88 3.82 32.10
C VAL H 129 -35.43 2.38 32.37
N ASN H 130 -36.08 1.69 33.31
CA ASN H 130 -35.70 0.31 33.65
C ASN H 130 -35.86 -0.63 32.45
N LYS H 131 -36.95 -0.47 31.67
CA LYS H 131 -37.22 -1.31 30.49
C LYS H 131 -36.11 -1.15 29.45
N MET H 132 -35.68 0.09 29.20
CA MET H 132 -34.65 0.33 28.20
C MET H 132 -33.29 -0.20 28.65
N LYS H 133 -33.00 -0.10 29.97
CA LYS H 133 -31.74 -0.58 30.52
C LYS H 133 -31.71 -2.11 30.46
N LYS H 134 -32.85 -2.76 30.76
CA LYS H 134 -32.94 -4.22 30.71
C LYS H 134 -32.72 -4.73 29.27
N GLU H 135 -33.29 -4.05 28.25
CA GLU H 135 -33.16 -4.42 26.84
C GLU H 135 -31.87 -3.89 26.16
N GLY H 136 -31.01 -3.16 26.89
CA GLY H 136 -29.77 -2.62 26.36
C GLY H 136 -29.92 -1.60 25.25
N LYS H 137 -31.04 -0.86 25.22
CA LYS H 137 -31.33 0.15 24.19
C LYS H 137 -31.12 1.57 24.72
N LEU H 138 -30.51 2.42 23.91
CA LEU H 138 -30.28 3.80 24.29
C LEU H 138 -31.58 4.57 24.17
N ILE H 139 -31.78 5.53 25.07
CA ILE H 139 -32.95 6.40 24.99
C ILE H 139 -32.62 7.47 23.96
N MET H 140 -33.42 7.59 22.91
CA MET H 140 -33.21 8.58 21.88
C MET H 140 -33.51 9.96 22.42
N GLY H 141 -32.67 10.93 22.12
CA GLY H 141 -32.87 12.28 22.63
C GLY H 141 -32.31 12.51 24.03
N ILE H 142 -31.58 11.53 24.58
CA ILE H 142 -30.95 11.65 25.88
C ILE H 142 -29.46 11.59 25.64
N GLY H 143 -28.70 12.46 26.30
CA GLY H 143 -27.25 12.39 26.25
C GLY H 143 -26.56 13.47 25.47
N HIS H 144 -25.42 13.93 26.01
CA HIS H 144 -24.53 14.86 25.34
C HIS H 144 -23.11 14.51 25.70
N ARG H 145 -22.17 14.74 24.79
CA ARG H 145 -20.75 14.45 25.00
C ARG H 145 -20.18 15.28 26.16
N VAL H 146 -20.63 16.54 26.33
CA VAL H 146 -20.08 17.41 27.38
C VAL H 146 -21.12 18.21 28.16
N LYS H 147 -22.27 18.58 27.57
CA LYS H 147 -23.31 19.28 28.33
C LYS H 147 -23.89 18.32 29.36
N SER H 148 -24.32 18.87 30.50
CA SER H 148 -24.71 18.12 31.67
C SER H 148 -25.67 18.92 32.51
N ILE H 149 -26.08 18.35 33.64
CA ILE H 149 -26.99 19.00 34.56
C ILE H 149 -26.47 20.37 35.05
N ASN H 150 -25.14 20.55 35.17
CA ASN H 150 -24.56 21.82 35.61
C ASN H 150 -23.82 22.58 34.47
N ASN H 151 -24.02 22.12 33.24
CA ASN H 151 -23.42 22.71 32.05
C ASN H 151 -24.49 22.59 30.97
N PRO H 152 -25.54 23.40 31.07
CA PRO H 152 -26.70 23.18 30.20
C PRO H 152 -26.54 23.47 28.73
N ASP H 153 -27.35 22.78 27.91
CA ASP H 153 -27.43 23.07 26.48
C ASP H 153 -28.37 24.26 26.36
N MET H 154 -27.86 25.39 25.83
CA MET H 154 -28.68 26.60 25.76
C MET H 154 -29.79 26.52 24.76
N ARG H 155 -29.68 25.69 23.72
CA ARG H 155 -30.80 25.51 22.79
C ARG H 155 -31.96 24.85 23.55
N VAL H 156 -31.64 23.86 24.40
CA VAL H 156 -32.65 23.18 25.20
C VAL H 156 -33.28 24.18 26.17
N GLN H 157 -32.48 24.99 26.84
CA GLN H 157 -32.99 25.97 27.80
C GLN H 157 -33.94 26.97 27.14
N ILE H 158 -33.57 27.50 25.98
CA ILE H 158 -34.42 28.48 25.26
C ILE H 158 -35.76 27.83 24.92
N LEU H 159 -35.70 26.64 24.33
CA LEU H 159 -36.90 25.93 23.90
C LEU H 159 -37.79 25.54 25.04
N LYS H 160 -37.18 24.96 26.05
CA LYS H 160 -37.93 24.50 27.22
C LYS H 160 -38.61 25.65 27.93
N ASP H 161 -37.89 26.75 28.10
CA ASP H 161 -38.49 27.93 28.74
C ASP H 161 -39.66 28.44 27.91
N TYR H 162 -39.51 28.53 26.60
CA TYR H 162 -40.62 29.00 25.80
C TYR H 162 -41.84 28.11 25.90
N VAL H 163 -41.62 26.81 25.83
CA VAL H 163 -42.70 25.86 25.87
C VAL H 163 -43.43 25.92 27.20
N ARG H 164 -42.70 26.00 28.32
CA ARG H 164 -43.35 26.06 29.63
C ARG H 164 -44.12 27.36 29.83
N GLN H 165 -43.64 28.45 29.24
CA GLN H 165 -44.27 29.74 29.34
C GLN H 165 -45.45 29.93 28.43
N HIS H 166 -45.62 29.10 27.39
CA HIS H 166 -46.69 29.33 26.43
C HIS H 166 -47.66 28.19 26.21
N PHE H 167 -47.25 26.95 26.40
CA PHE H 167 -48.14 25.82 26.11
C PHE H 167 -49.12 25.62 27.26
N PRO H 168 -50.42 25.45 27.00
CA PRO H 168 -51.34 25.16 28.10
C PRO H 168 -51.10 23.81 28.78
N ALA H 169 -50.56 22.81 28.06
CA ALA H 169 -50.28 21.50 28.63
C ALA H 169 -49.11 20.85 27.93
N THR H 170 -48.17 20.25 28.67
CA THR H 170 -46.98 19.65 28.08
C THR H 170 -46.74 18.25 28.68
N PRO H 171 -47.71 17.33 28.58
CA PRO H 171 -47.53 16.05 29.25
C PRO H 171 -46.31 15.23 28.81
N LEU H 172 -45.99 15.24 27.51
CA LEU H 172 -44.85 14.47 27.05
C LEU H 172 -43.54 15.12 27.46
N LEU H 173 -43.46 16.45 27.41
CA LEU H 173 -42.26 17.11 27.90
C LEU H 173 -42.10 16.80 29.39
N ASP H 174 -43.20 16.88 30.18
CA ASP H 174 -43.12 16.58 31.61
C ASP H 174 -42.57 15.17 31.83
N TYR H 175 -43.03 14.22 31.01
CA TYR H 175 -42.60 12.84 31.09
C TYR H 175 -41.10 12.73 30.79
N ALA H 176 -40.65 13.34 29.72
CA ALA H 176 -39.23 13.33 29.35
C ALA H 176 -38.36 14.01 30.40
N LEU H 177 -38.85 15.08 31.06
CA LEU H 177 -38.08 15.74 32.11
C LEU H 177 -37.97 14.86 33.33
N GLU H 178 -38.99 14.01 33.59
CA GLU H 178 -38.91 13.04 34.67
C GLU H 178 -37.89 11.95 34.31
N VAL H 179 -37.86 11.53 33.02
CA VAL H 179 -36.84 10.57 32.60
C VAL H 179 -35.44 11.21 32.78
N GLU H 180 -35.27 12.50 32.43
CA GLU H 180 -33.98 13.17 32.58
C GLU H 180 -33.52 13.21 34.03
N LYS H 181 -34.44 13.44 34.99
CA LYS H 181 -34.10 13.47 36.42
C LYS H 181 -33.49 12.14 36.80
N ILE H 182 -34.06 11.05 36.27
CA ILE H 182 -33.57 9.70 36.53
C ILE H 182 -32.23 9.43 35.85
N THR H 183 -32.09 9.72 34.55
CA THR H 183 -30.83 9.42 33.84
C THR H 183 -29.68 10.27 34.37
N THR H 184 -29.89 11.58 34.61
CA THR H 184 -28.83 12.47 35.11
C THR H 184 -28.39 12.08 36.52
N SER H 185 -29.25 11.41 37.31
CA SER H 185 -28.81 10.95 38.63
C SER H 185 -27.79 9.79 38.51
N LYS H 186 -27.79 9.07 37.38
CA LYS H 186 -26.89 7.96 37.07
C LYS H 186 -25.59 8.51 36.49
N LYS H 187 -25.71 9.37 35.46
CA LYS H 187 -24.57 9.98 34.81
C LYS H 187 -25.01 11.39 34.38
N PRO H 188 -24.38 12.43 34.98
CA PRO H 188 -24.81 13.82 34.73
C PRO H 188 -24.93 14.28 33.31
N ASN H 189 -24.20 13.67 32.35
CA ASN H 189 -24.28 14.08 30.95
C ASN H 189 -25.49 13.49 30.23
N LEU H 190 -26.29 12.62 30.88
CA LEU H 190 -27.47 12.05 30.22
C LEU H 190 -28.67 12.97 30.29
N ILE H 191 -28.45 14.19 29.79
CA ILE H 191 -29.49 15.20 29.73
C ILE H 191 -30.50 14.95 28.62
N LEU H 192 -31.64 15.63 28.72
CA LEU H 192 -32.59 15.69 27.63
C LEU H 192 -31.93 16.66 26.63
N ASN H 193 -31.50 16.14 25.49
CA ASN H 193 -30.75 16.94 24.52
C ASN H 193 -31.66 17.66 23.54
N VAL H 194 -31.09 18.46 22.64
CA VAL H 194 -31.91 19.27 21.74
C VAL H 194 -32.86 18.44 20.88
N ASP H 195 -32.44 17.27 20.44
CA ASP H 195 -33.29 16.41 19.62
C ASP H 195 -34.46 15.88 20.46
N GLY H 196 -34.16 15.49 21.71
CA GLY H 196 -35.18 15.04 22.63
C GLY H 196 -36.19 16.14 22.94
N LEU H 197 -35.69 17.34 23.22
CA LEU H 197 -36.56 18.45 23.57
C LEU H 197 -37.46 18.82 22.38
N ILE H 198 -36.89 19.04 21.19
CA ILE H 198 -37.75 19.41 20.06
C ILE H 198 -38.74 18.29 19.76
N GLY H 199 -38.28 17.06 19.78
CA GLY H 199 -39.17 15.93 19.51
C GLY H 199 -40.37 15.88 20.43
N VAL H 200 -40.15 15.91 21.76
CA VAL H 200 -41.27 15.80 22.67
C VAL H 200 -42.14 17.04 22.68
N ALA H 201 -41.55 18.24 22.58
CA ALA H 201 -42.33 19.45 22.58
C ALA H 201 -43.19 19.57 21.32
N PHE H 202 -42.68 19.09 20.19
CA PHE H 202 -43.45 19.15 18.96
C PHE H 202 -44.66 18.19 19.06
N VAL H 203 -44.46 16.99 19.65
CA VAL H 203 -45.58 16.10 19.91
C VAL H 203 -46.57 16.77 20.84
N ASP H 204 -46.10 17.40 21.92
CA ASP H 204 -47.02 18.11 22.82
C ASP H 204 -47.81 19.20 22.08
N MET H 205 -47.21 19.94 21.14
N MET H 205 -47.17 19.91 21.14
CA MET H 205 -47.95 20.94 20.37
CA MET H 205 -47.81 20.93 20.33
C MET H 205 -49.03 20.23 19.57
C MET H 205 -48.94 20.29 19.51
N LEU H 206 -48.67 19.20 18.80
CA LEU H 206 -49.67 18.50 17.98
C LEU H 206 -50.81 17.97 18.82
N ARG H 207 -50.49 17.35 19.95
CA ARG H 207 -51.52 16.71 20.75
C ARG H 207 -52.37 17.64 21.58
N ASN H 208 -51.84 18.79 21.97
CA ASN H 208 -52.51 19.68 22.90
C ASN H 208 -52.83 21.05 22.40
N CYS H 209 -52.43 21.47 21.20
CA CYS H 209 -52.76 22.84 20.76
C CYS H 209 -54.24 23.03 20.46
N GLY H 210 -54.98 21.93 20.26
CA GLY H 210 -56.41 21.93 19.99
C GLY H 210 -56.80 21.81 18.54
N SER H 211 -55.83 21.77 17.61
CA SER H 211 -56.12 21.67 16.20
C SER H 211 -56.14 20.26 15.66
N PHE H 212 -55.67 19.28 16.45
CA PHE H 212 -55.54 17.89 15.98
C PHE H 212 -56.21 16.89 16.90
N THR H 213 -56.80 15.84 16.32
CA THR H 213 -57.21 14.70 17.11
C THR H 213 -55.94 13.88 17.36
N ARG H 214 -55.99 12.93 18.28
CA ARG H 214 -54.82 12.09 18.50
C ARG H 214 -54.40 11.32 17.23
N GLU H 215 -55.39 10.84 16.45
CA GLU H 215 -55.11 10.11 15.22
C GLU H 215 -54.32 11.00 14.25
N GLU H 216 -54.72 12.28 14.14
CA GLU H 216 -54.06 13.21 13.24
C GLU H 216 -52.66 13.51 13.72
N ALA H 217 -52.51 13.74 15.03
CA ALA H 217 -51.20 14.05 15.57
C ALA H 217 -50.28 12.87 15.35
N ASP H 218 -50.75 11.67 15.67
CA ASP H 218 -49.92 10.47 15.50
C ASP H 218 -49.55 10.23 14.03
N GLU H 219 -50.48 10.52 13.13
CA GLU H 219 -50.21 10.36 11.71
C GLU H 219 -49.13 11.32 11.25
N TYR H 220 -49.23 12.62 11.63
CA TYR H 220 -48.20 13.54 11.19
C TYR H 220 -46.82 13.17 11.70
N ILE H 221 -46.72 12.63 12.91
CA ILE H 221 -45.43 12.15 13.38
C ILE H 221 -44.99 10.94 12.53
N ASP H 222 -45.91 10.02 12.27
CA ASP H 222 -45.56 8.81 11.53
C ASP H 222 -45.10 9.09 10.10
N ILE H 223 -45.71 10.06 9.40
CA ILE H 223 -45.35 10.33 8.01
C ILE H 223 -44.16 11.28 7.88
N GLY H 224 -43.63 11.77 9.00
CA GLY H 224 -42.36 12.48 9.02
C GLY H 224 -42.33 13.97 9.23
N ALA H 225 -43.33 14.56 9.88
CA ALA H 225 -43.31 15.99 10.15
C ALA H 225 -42.01 16.42 10.84
N LEU H 226 -41.47 15.67 11.80
CA LEU H 226 -40.23 16.12 12.45
C LEU H 226 -39.02 15.99 11.55
N ASN H 227 -39.02 15.02 10.64
CA ASN H 227 -37.97 14.96 9.61
C ASN H 227 -38.06 16.23 8.77
N GLY H 228 -39.28 16.69 8.46
CA GLY H 228 -39.47 17.92 7.72
C GLY H 228 -38.90 19.11 8.47
N ILE H 229 -39.16 19.21 9.77
CA ILE H 229 -38.62 20.33 10.56
C ILE H 229 -37.09 20.38 10.49
N PHE H 230 -36.43 19.23 10.68
CA PHE H 230 -34.98 19.24 10.60
C PHE H 230 -34.48 19.65 9.22
N VAL H 231 -35.09 19.08 8.18
CA VAL H 231 -34.66 19.36 6.82
C VAL H 231 -34.86 20.85 6.48
N LEU H 232 -36.05 21.38 6.74
CA LEU H 232 -36.33 22.78 6.43
C LEU H 232 -35.43 23.71 7.26
N GLY H 233 -35.28 23.40 8.54
CA GLY H 233 -34.43 24.22 9.36
C GLY H 233 -32.98 24.22 8.89
N ARG H 234 -32.42 23.03 8.73
CA ARG H 234 -30.99 22.89 8.39
C ARG H 234 -30.70 23.35 6.97
N SER H 235 -31.72 23.41 6.10
CA SER H 235 -31.50 23.97 4.76
C SER H 235 -30.98 25.40 4.85
N MET H 236 -31.42 26.17 5.85
N MET H 236 -31.39 26.19 5.83
CA MET H 236 -30.93 27.52 6.12
CA MET H 236 -30.84 27.53 5.92
C MET H 236 -29.40 27.50 6.21
C MET H 236 -29.34 27.46 6.14
N GLY H 237 -28.89 26.63 7.08
CA GLY H 237 -27.45 26.53 7.30
C GLY H 237 -26.72 25.99 6.10
N PHE H 238 -27.25 24.99 5.43
CA PHE H 238 -26.52 24.46 4.27
C PHE H 238 -26.39 25.50 3.16
N ILE H 239 -27.46 26.28 2.89
CA ILE H 239 -27.33 27.37 1.94
C ILE H 239 -26.26 28.35 2.42
N GLY H 240 -26.23 28.63 3.71
CA GLY H 240 -25.18 29.46 4.28
C GLY H 240 -23.78 28.94 4.00
N HIS H 241 -23.59 27.63 4.19
CA HIS H 241 -22.25 27.03 3.92
C HIS H 241 -21.89 27.14 2.45
N TYR H 242 -22.86 26.93 1.55
CA TYR H 242 -22.63 27.10 0.14
C TYR H 242 -22.08 28.49 -0.16
N LEU H 243 -22.80 29.51 0.35
CA LEU H 243 -22.39 30.88 0.10
C LEU H 243 -21.06 31.19 0.74
N ASP H 244 -20.82 30.66 1.94
CA ASP H 244 -19.56 30.88 2.69
C ASP H 244 -18.35 30.32 1.91
N GLN H 245 -18.50 29.15 1.32
CA GLN H 245 -17.39 28.58 0.60
C GLN H 245 -17.04 29.41 -0.61
N LYS H 246 -18.05 29.98 -1.25
CA LYS H 246 -17.78 30.86 -2.41
C LYS H 246 -17.18 32.18 -1.95
N ARG H 247 -17.67 32.75 -0.86
CA ARG H 247 -17.10 34.00 -0.31
C ARG H 247 -15.63 33.79 0.12
N LEU H 248 -15.31 32.58 0.62
CA LEU H 248 -13.96 32.24 1.07
C LEU H 248 -13.07 31.78 -0.07
N LYS H 249 -13.60 31.73 -1.32
CA LYS H 249 -12.86 31.39 -2.54
C LYS H 249 -12.13 30.07 -2.39
N GLN H 250 -12.86 29.08 -1.87
CA GLN H 250 -12.33 27.76 -1.62
C GLN H 250 -12.35 26.93 -2.91
N GLY H 251 -11.22 26.34 -3.22
CA GLY H 251 -10.98 25.52 -4.41
C GLY H 251 -11.42 24.08 -4.29
N LEU H 252 -11.28 23.32 -5.36
CA LEU H 252 -11.69 21.92 -5.40
C LEU H 252 -11.07 21.13 -4.25
N TYR H 253 -11.90 20.36 -3.55
CA TYR H 253 -11.46 19.48 -2.48
C TYR H 253 -11.10 18.12 -3.01
N ARG H 254 -10.08 17.52 -2.43
CA ARG H 254 -9.71 16.13 -2.66
C ARG H 254 -9.23 15.62 -1.29
N HIS H 255 -9.83 14.52 -0.81
CA HIS H 255 -9.52 14.05 0.52
C HIS H 255 -8.06 13.55 0.54
N PRO H 256 -7.28 13.86 1.60
CA PRO H 256 -5.89 13.41 1.62
C PRO H 256 -5.72 11.90 1.74
N TRP H 257 -4.83 11.34 0.94
CA TRP H 257 -4.55 9.91 0.99
C TRP H 257 -4.10 9.41 2.34
N ASP H 258 -3.42 10.22 3.16
CA ASP H 258 -2.94 9.76 4.47
C ASP H 258 -4.07 9.49 5.44
N ASP H 259 -5.29 9.94 5.13
CA ASP H 259 -6.43 9.70 5.98
C ASP H 259 -7.33 8.58 5.43
N ILE H 260 -6.84 7.78 4.45
CA ILE H 260 -7.60 6.69 3.87
C ILE H 260 -6.79 5.42 3.96
N SER H 261 -7.38 4.33 4.50
CA SER H 261 -6.75 3.03 4.55
C SER H 261 -7.23 2.23 3.37
N TYR H 262 -6.34 2.01 2.41
CA TYR H 262 -6.64 1.22 1.21
C TYR H 262 -6.38 -0.25 1.55
N VAL H 263 -7.43 -1.05 1.53
CA VAL H 263 -7.37 -2.47 1.85
C VAL H 263 -7.98 -3.30 0.73
N LEU H 264 -7.40 -3.18 -0.45
CA LEU H 264 -7.88 -3.92 -1.60
C LEU H 264 -7.52 -5.39 -1.49
N PRO H 265 -8.27 -6.25 -2.19
CA PRO H 265 -7.87 -7.68 -2.24
C PRO H 265 -6.53 -7.86 -2.93
N GLU H 266 -5.83 -8.95 -2.59
CA GLU H 266 -4.54 -9.29 -3.21
C GLU H 266 -4.69 -9.54 -4.69
N HIS H 267 -3.67 -9.23 -5.49
CA HIS H 267 -3.67 -9.52 -6.93
C HIS H 267 -3.82 -11.04 -7.17
N MET H 268 -3.13 -11.85 -6.34
CA MET H 268 -3.12 -13.32 -6.46
C MET H 268 -4.40 -14.01 -5.95
N SER H 269 -5.31 -13.27 -5.32
CA SER H 269 -6.57 -13.83 -4.83
C SER H 269 -7.64 -13.73 -5.92
#